data_2Q33
# 
_entry.id   2Q33 
# 
_audit_conform.dict_name       mmcif_pdbx.dic 
_audit_conform.dict_version    5.399 
_audit_conform.dict_location   http://mmcif.pdb.org/dictionaries/ascii/mmcif_pdbx.dic 
# 
loop_
_database_2.database_id 
_database_2.database_code 
_database_2.pdbx_database_accession 
_database_2.pdbx_DOI 
PDB   2Q33         pdb_00002q33 10.2210/pdb2q33/pdb 
RCSB  RCSB043087   ?            ?                   
WWPDB D_1000043087 ?            ?                   
# 
loop_
_pdbx_audit_revision_history.ordinal 
_pdbx_audit_revision_history.data_content_type 
_pdbx_audit_revision_history.major_revision 
_pdbx_audit_revision_history.minor_revision 
_pdbx_audit_revision_history.revision_date 
1 'Structure model' 1 0 2007-11-13 
2 'Structure model' 1 1 2011-07-13 
3 'Structure model' 1 2 2017-10-18 
4 'Structure model' 1 3 2024-11-20 
# 
_pdbx_audit_revision_details.ordinal             1 
_pdbx_audit_revision_details.revision_ordinal    1 
_pdbx_audit_revision_details.data_content_type   'Structure model' 
_pdbx_audit_revision_details.provider            repository 
_pdbx_audit_revision_details.type                'Initial release' 
_pdbx_audit_revision_details.description         ? 
_pdbx_audit_revision_details.details             ? 
# 
loop_
_pdbx_audit_revision_group.ordinal 
_pdbx_audit_revision_group.revision_ordinal 
_pdbx_audit_revision_group.data_content_type 
_pdbx_audit_revision_group.group 
1 2 'Structure model' 'Version format compliance' 
2 3 'Structure model' 'Refinement description'    
3 4 'Structure model' 'Data collection'           
4 4 'Structure model' 'Database references'       
5 4 'Structure model' 'Derived calculations'      
6 4 'Structure model' 'Structure summary'         
# 
loop_
_pdbx_audit_revision_category.ordinal 
_pdbx_audit_revision_category.revision_ordinal 
_pdbx_audit_revision_category.data_content_type 
_pdbx_audit_revision_category.category 
1 3 'Structure model' software           
2 4 'Structure model' chem_comp_atom     
3 4 'Structure model' chem_comp_bond     
4 4 'Structure model' database_2         
5 4 'Structure model' pdbx_entry_details 
6 4 'Structure model' struct_conn        
7 4 'Structure model' struct_ref_seq     
# 
loop_
_pdbx_audit_revision_item.ordinal 
_pdbx_audit_revision_item.revision_ordinal 
_pdbx_audit_revision_item.data_content_type 
_pdbx_audit_revision_item.item 
1 3 'Structure model' '_software.classification'            
2 3 'Structure model' '_software.name'                      
3 4 'Structure model' '_database_2.pdbx_DOI'                
4 4 'Structure model' '_database_2.pdbx_database_accession' 
5 4 'Structure model' '_struct_conn.pdbx_leaving_atom_flag' 
6 4 'Structure model' '_struct_ref_seq.db_align_beg'        
7 4 'Structure model' '_struct_ref_seq.db_align_end'        
# 
_pdbx_database_PDB_obs_spr.id               SPRSDE 
_pdbx_database_PDB_obs_spr.date             2007-11-13 
_pdbx_database_PDB_obs_spr.pdb_id           2Q33 
_pdbx_database_PDB_obs_spr.replace_pdb_id   1N98 
_pdbx_database_PDB_obs_spr.details          ? 
# 
_pdbx_database_status.status_code                     REL 
_pdbx_database_status.entry_id                        2Q33 
_pdbx_database_status.recvd_initial_deposition_date   2007-05-29 
_pdbx_database_status.deposit_site                    RCSB 
_pdbx_database_status.process_site                    RCSB 
_pdbx_database_status.status_code_sf                  REL 
_pdbx_database_status.status_code_mr                  ? 
_pdbx_database_status.SG_entry                        ? 
_pdbx_database_status.pdb_format_compatible           Y 
_pdbx_database_status.status_code_cs                  ? 
_pdbx_database_status.methods_development_category    ? 
_pdbx_database_status.status_code_nmr_data            ? 
# 
loop_
_audit_author.name 
_audit_author.pdbx_ordinal 
'Hung, L.-W.'  1 
'Kohmura, M.'  2 
'Ariyoshi, Y.' 3 
'Kim, S.-H.'   4 
# 
_citation.id                        primary 
_citation.title                     'Structure of an Enantiomeric Protein, D-Monellin at 1.8 A Resolution.' 
_citation.journal_abbrev            'Acta Crystallogr.,Sect.D' 
_citation.journal_volume            54 
_citation.page_first                494 
_citation.page_last                 500 
_citation.year                      1998 
_citation.journal_id_ASTM           ABCRE6 
_citation.country                   DK 
_citation.journal_id_ISSN           0907-4449 
_citation.journal_id_CSD            0766 
_citation.book_publisher            ? 
_citation.pdbx_database_id_PubMed   9867435 
_citation.pdbx_database_id_DOI      10.1107/S0907444997012225 
# 
loop_
_citation_author.citation_id 
_citation_author.name 
_citation_author.ordinal 
_citation_author.identifier_ORCID 
primary 'Hung, L.-W.'  1 ? 
primary 'Kohmura, M.'  2 ? 
primary 'Ariyoshi, Y.' 3 ? 
primary 'Kim, S.-H.'   4 ? 
# 
loop_
_entity.id 
_entity.type 
_entity.src_method 
_entity.pdbx_description 
_entity.formula_weight 
_entity.pdbx_number_of_molecules 
_entity.pdbx_ec 
_entity.pdbx_mutation 
_entity.pdbx_fragment 
_entity.details 
1 polymer syn 'D-MONELLIN CHAIN A' 5098.772 1  ? ? ? ? 
2 polymer syn 'D-MONELLIN CHAIN B' 5593.396 1  ? ? ? ? 
3 water   nat water                18.015   82 ? ? ? ? 
# 
loop_
_entity_name_com.entity_id 
_entity_name_com.name 
1 'MONELLIN CHAIN I'  
2 'MONELLIN CHAIN II' 
# 
loop_
_entity_poly.entity_id 
_entity_poly.type 
_entity_poly.nstd_linkage 
_entity_poly.nstd_monomer 
_entity_poly.pdbx_seq_one_letter_code 
_entity_poly.pdbx_seq_one_letter_code_can 
_entity_poly.pdbx_strand_id 
_entity_poly.pdbx_target_identifier 
1 'polypeptide(L)' no yes 
;(DGL)(DIL)(DLY)G(DTY)(DGL)(DTY)(DGN)(DLE)(DTY)(DVA)(DTY)(DAL)(DSN)(DAS)(DLY)
(DLE)(DPN)(DAR)(DAL)(DAS)(DIL)(DSN)(DGL)(DAS)(DTY)(DLY)(DTH)(DAR)G(DAR)(DLY)
(DLE)(DLE)(DAR)(DPN)(DSG)G(DPR)(DVA)(DPR)(DPR)(DPR)
;
EIKGYEYQLYVYASDKLFRADISEDYKTRGRKLLRFNGPVPPP      A ? 
2 'polypeptide(L)' no yes 
;G(DGL)(DTR)(DGL)(DIL)(DIL)(DAS)(DIL)G(DPR)(DPN)(DTH)(DGN)(DSG)(DLE)G(DLY)(DPN)
(DAL)(DVA)(DAS)(DGL)(DGL)(DSG)(DLY)(DIL)G(DGN)(DTY)G(DAR)(DLE)(DTH)(DPN)(DSG)
(DLY)(DVA)(DIL)(DAR)(DPR)(DCY)(MED)(DLY)(DLY)(DTH)(DIL)(DTY)(DGL)
;
GEWEIIDIGPFTQNLGKFAVDEENKIGQYGRLTFNKVIRPCMKKTIYE B ? 
# 
_pdbx_entity_nonpoly.entity_id   3 
_pdbx_entity_nonpoly.name        water 
_pdbx_entity_nonpoly.comp_id     HOH 
# 
loop_
_entity_poly_seq.entity_id 
_entity_poly_seq.num 
_entity_poly_seq.mon_id 
_entity_poly_seq.hetero 
1 1  DGL n 
1 2  DIL n 
1 3  DLY n 
1 4  GLY n 
1 5  DTY n 
1 6  DGL n 
1 7  DTY n 
1 8  DGN n 
1 9  DLE n 
1 10 DTY n 
1 11 DVA n 
1 12 DTY n 
1 13 DAL n 
1 14 DSN n 
1 15 DAS n 
1 16 DLY n 
1 17 DLE n 
1 18 DPN n 
1 19 DAR n 
1 20 DAL n 
1 21 DAS n 
1 22 DIL n 
1 23 DSN n 
1 24 DGL n 
1 25 DAS n 
1 26 DTY n 
1 27 DLY n 
1 28 DTH n 
1 29 DAR n 
1 30 GLY n 
1 31 DAR n 
1 32 DLY n 
1 33 DLE n 
1 34 DLE n 
1 35 DAR n 
1 36 DPN n 
1 37 DSG n 
1 38 GLY n 
1 39 DPR n 
1 40 DVA n 
1 41 DPR n 
1 42 DPR n 
1 43 DPR n 
2 1  GLY n 
2 2  DGL n 
2 3  DTR n 
2 4  DGL n 
2 5  DIL n 
2 6  DIL n 
2 7  DAS n 
2 8  DIL n 
2 9  GLY n 
2 10 DPR n 
2 11 DPN n 
2 12 DTH n 
2 13 DGN n 
2 14 DSG n 
2 15 DLE n 
2 16 GLY n 
2 17 DLY n 
2 18 DPN n 
2 19 DAL n 
2 20 DVA n 
2 21 DAS n 
2 22 DGL n 
2 23 DGL n 
2 24 DSG n 
2 25 DLY n 
2 26 DIL n 
2 27 GLY n 
2 28 DGN n 
2 29 DTY n 
2 30 GLY n 
2 31 DAR n 
2 32 DLE n 
2 33 DTH n 
2 34 DPN n 
2 35 DSG n 
2 36 DLY n 
2 37 DVA n 
2 38 DIL n 
2 39 DAR n 
2 40 DPR n 
2 41 DCY n 
2 42 MED n 
2 43 DLY n 
2 44 DLY n 
2 45 DTH n 
2 46 DIL n 
2 47 DTY n 
2 48 DGL n 
# 
loop_
_pdbx_entity_src_syn.entity_id 
_pdbx_entity_src_syn.pdbx_src_id 
_pdbx_entity_src_syn.pdbx_alt_source_flag 
_pdbx_entity_src_syn.pdbx_beg_seq_num 
_pdbx_entity_src_syn.pdbx_end_seq_num 
_pdbx_entity_src_syn.organism_scientific 
_pdbx_entity_src_syn.organism_common_name 
_pdbx_entity_src_syn.ncbi_taxonomy_id 
_pdbx_entity_src_syn.details 
1 1 sample ? ? ? ? ? 
;The enantiomeric protein was chemically synthesized with all D-amino acids. The sequence of the protein is naturally found in Dioscoreophyllum cumminsii.
;
2 1 sample ? ? ? ? ? 
;The enantiomeric protein was chemically synthesized with all D-amino acids. The sequence of the protein is naturally found in Dioscoreophyllum cumminsii.
;
# 
loop_
_chem_comp.id 
_chem_comp.type 
_chem_comp.mon_nstd_flag 
_chem_comp.name 
_chem_comp.pdbx_synonyms 
_chem_comp.formula 
_chem_comp.formula_weight 
DAL 'D-peptide linking' . D-ALANINE         ? 'C3 H7 N O2'     89.093  
DAR 'D-peptide linking' . D-ARGININE        ? 'C6 H15 N4 O2 1' 175.209 
DAS 'D-peptide linking' . 'D-ASPARTIC ACID' ? 'C4 H7 N O4'     133.103 
DCY 'D-peptide linking' . D-CYSTEINE        ? 'C3 H7 N O2 S'   121.158 
DGL 'D-peptide linking' . 'D-GLUTAMIC ACID' ? 'C5 H9 N O4'     147.129 
DGN 'D-peptide linking' . D-GLUTAMINE       ? 'C5 H10 N2 O3'   146.144 
DIL 'D-peptide linking' . D-ISOLEUCINE      ? 'C6 H13 N O2'    131.173 
DLE 'D-peptide linking' . D-LEUCINE         ? 'C6 H13 N O2'    131.173 
DLY 'D-peptide linking' . D-LYSINE          ? 'C6 H14 N2 O2'   146.188 
DPN 'D-peptide linking' . D-PHENYLALANINE   ? 'C9 H11 N O2'    165.189 
DPR 'D-peptide linking' . D-PROLINE         ? 'C5 H9 N O2'     115.130 
DSG 'D-peptide linking' . D-ASPARAGINE      ? 'C4 H8 N2 O3'    132.118 
DSN 'D-peptide linking' . D-SERINE          ? 'C3 H7 N O3'     105.093 
DTH 'D-peptide linking' . D-THREONINE       ? 'C4 H9 N O3'     119.119 
DTR 'D-peptide linking' . D-TRYPTOPHAN      ? 'C11 H12 N2 O2'  204.225 
DTY 'D-peptide linking' . D-TYROSINE        ? 'C9 H11 N O3'    181.189 
DVA 'D-peptide linking' . D-VALINE          ? 'C5 H11 N O2'    117.146 
GLY 'peptide linking'   y GLYCINE           ? 'C2 H5 N O2'     75.067  
HOH non-polymer         . WATER             ? 'H2 O'           18.015  
MED 'D-peptide linking' . D-METHIONINE      ? 'C5 H11 N O2 S'  149.211 
# 
loop_
_pdbx_poly_seq_scheme.asym_id 
_pdbx_poly_seq_scheme.entity_id 
_pdbx_poly_seq_scheme.seq_id 
_pdbx_poly_seq_scheme.mon_id 
_pdbx_poly_seq_scheme.ndb_seq_num 
_pdbx_poly_seq_scheme.pdb_seq_num 
_pdbx_poly_seq_scheme.auth_seq_num 
_pdbx_poly_seq_scheme.pdb_mon_id 
_pdbx_poly_seq_scheme.auth_mon_id 
_pdbx_poly_seq_scheme.pdb_strand_id 
_pdbx_poly_seq_scheme.pdb_ins_code 
_pdbx_poly_seq_scheme.hetero 
A 1 1  DGL 1  52 52 DGL DGL A . n 
A 1 2  DIL 2  53 53 DIL DIL A . n 
A 1 3  DLY 3  54 54 DLY DLY A . n 
A 1 4  GLY 4  55 55 GLY GLY A . n 
A 1 5  DTY 5  56 56 DTY DTY A . n 
A 1 6  DGL 6  57 57 DGL DGL A . n 
A 1 7  DTY 7  58 58 DTY DTY A . n 
A 1 8  DGN 8  59 59 DGN DGN A . n 
A 1 9  DLE 9  60 60 DLE DLE A . n 
A 1 10 DTY 10 61 61 DTY DTY A . n 
A 1 11 DVA 11 62 62 DVA DVA A . n 
A 1 12 DTY 12 63 63 DTY DTY A . n 
A 1 13 DAL 13 64 64 DAL DAL A . n 
A 1 14 DSN 14 65 65 DSN DSN A . n 
A 1 15 DAS 15 66 66 DAS DAS A . n 
A 1 16 DLY 16 67 67 DLY DLY A . n 
A 1 17 DLE 17 68 68 DLE DLE A . n 
A 1 18 DPN 18 69 69 DPN DPN A . n 
A 1 19 DAR 19 70 70 DAR DAR A . n 
A 1 20 DAL 20 71 71 DAL DAL A . n 
A 1 21 DAS 21 72 72 DAS DAS A . n 
A 1 22 DIL 22 73 73 DIL DIL A . n 
A 1 23 DSN 23 74 74 DSN DSN A . n 
A 1 24 DGL 24 75 75 DGL DGL A . n 
A 1 25 DAS 25 76 76 DAS DAS A . n 
A 1 26 DTY 26 77 77 DTY DTY A . n 
A 1 27 DLY 27 78 78 DLY DLY A . n 
A 1 28 DTH 28 79 79 DTH DTH A . n 
A 1 29 DAR 29 80 80 DAR DAR A . n 
A 1 30 GLY 30 81 81 GLY GLY A . n 
A 1 31 DAR 31 82 82 DAR DAR A . n 
A 1 32 DLY 32 83 83 DLY DLY A . n 
A 1 33 DLE 33 84 84 DLE DLE A . n 
A 1 34 DLE 34 85 85 DLE DLE A . n 
A 1 35 DAR 35 86 86 DAR DAR A . n 
A 1 36 DPN 36 87 87 DPN DPN A . n 
A 1 37 DSG 37 88 88 DSG DSG A . n 
A 1 38 GLY 38 89 89 GLY GLY A . n 
A 1 39 DPR 39 90 90 DPR DPR A . n 
A 1 40 DVA 40 91 91 DVA DVA A . n 
A 1 41 DPR 41 92 92 DPR DPR A . n 
A 1 42 DPR 42 93 93 DPR DPR A . n 
A 1 43 DPR 43 94 94 DPR DPR A . n 
B 2 1  GLY 1  1  1  GLY GLY B . n 
B 2 2  DGL 2  2  2  DGL DGL B . n 
B 2 3  DTR 3  3  3  DTR DTR B . n 
B 2 4  DGL 4  4  4  DGL DGL B . n 
B 2 5  DIL 5  5  5  DIL DIL B . n 
B 2 6  DIL 6  6  6  DIL DIL B . n 
B 2 7  DAS 7  7  7  DAS DAS B . n 
B 2 8  DIL 8  8  8  DIL DIL B . n 
B 2 9  GLY 9  9  9  GLY GLY B . n 
B 2 10 DPR 10 10 10 DPR DPR B . n 
B 2 11 DPN 11 11 11 DPN DPN B . n 
B 2 12 DTH 12 12 12 DTH DTH B . n 
B 2 13 DGN 13 13 13 DGN DGN B . n 
B 2 14 DSG 14 14 14 DSG DSG B . n 
B 2 15 DLE 15 15 15 DLE DLE B . n 
B 2 16 GLY 16 16 16 GLY GLY B . n 
B 2 17 DLY 17 17 17 DLY DLY B . n 
B 2 18 DPN 18 18 18 DPN DPN B . n 
B 2 19 DAL 19 19 19 DAL DAL B . n 
B 2 20 DVA 20 20 20 DVA DVA B . n 
B 2 21 DAS 21 21 21 DAS DAS B . n 
B 2 22 DGL 22 22 22 DGL DGL B . n 
B 2 23 DGL 23 23 23 DGL DGL B . n 
B 2 24 DSG 24 24 24 DSG DSG B . n 
B 2 25 DLY 25 25 25 DLY DLY B . n 
B 2 26 DIL 26 26 26 DIL DIL B . n 
B 2 27 GLY 27 27 27 GLY GLY B . n 
B 2 28 DGN 28 28 28 DGN DGN B . n 
B 2 29 DTY 29 29 29 DTY DTY B . n 
B 2 30 GLY 30 30 30 GLY GLY B . n 
B 2 31 DAR 31 31 31 DAR DAR B . n 
B 2 32 DLE 32 32 32 DLE DLE B . n 
B 2 33 DTH 33 33 33 DTH DTH B . n 
B 2 34 DPN 34 34 34 DPN DPN B . n 
B 2 35 DSG 35 35 35 DSG DSG B . n 
B 2 36 DLY 36 36 36 DLY DLY B . n 
B 2 37 DVA 37 37 37 DVA DVA B . n 
B 2 38 DIL 38 38 38 DIL DIL B . n 
B 2 39 DAR 39 39 39 DAR DAR B . n 
B 2 40 DPR 40 40 40 DPR DPR B . n 
B 2 41 DCY 41 41 41 DCY DCY B . n 
B 2 42 MED 42 42 42 MED MED B . n 
B 2 43 DLY 43 43 43 DLY DLY B . n 
B 2 44 DLY 44 44 44 DLY DLY B . n 
B 2 45 DTH 45 45 45 DTH DTH B . n 
B 2 46 DIL 46 46 46 DIL DIL B . n 
B 2 47 DTY 47 47 47 DTY DTY B . n 
B 2 48 DGL 48 48 48 DGL DGL B . n 
# 
loop_
_pdbx_nonpoly_scheme.asym_id 
_pdbx_nonpoly_scheme.entity_id 
_pdbx_nonpoly_scheme.mon_id 
_pdbx_nonpoly_scheme.ndb_seq_num 
_pdbx_nonpoly_scheme.pdb_seq_num 
_pdbx_nonpoly_scheme.auth_seq_num 
_pdbx_nonpoly_scheme.pdb_mon_id 
_pdbx_nonpoly_scheme.auth_mon_id 
_pdbx_nonpoly_scheme.pdb_strand_id 
_pdbx_nonpoly_scheme.pdb_ins_code 
C 3 HOH 1  95  104 HOH HOH A . 
C 3 HOH 2  96  106 HOH HOH A . 
C 3 HOH 3  97  109 HOH HOH A . 
C 3 HOH 4  98  112 HOH HOH A . 
C 3 HOH 5  99  113 HOH HOH A . 
C 3 HOH 6  100 116 HOH HOH A . 
C 3 HOH 7  101 117 HOH HOH A . 
C 3 HOH 8  102 118 HOH HOH A . 
C 3 HOH 9  103 119 HOH HOH A . 
C 3 HOH 10 104 120 HOH HOH A . 
C 3 HOH 11 105 123 HOH HOH A . 
C 3 HOH 12 106 126 HOH HOH A . 
C 3 HOH 13 107 128 HOH HOH A . 
C 3 HOH 14 108 130 HOH HOH A . 
C 3 HOH 15 109 135 HOH HOH A . 
C 3 HOH 16 110 136 HOH HOH A . 
C 3 HOH 17 111 138 HOH HOH A . 
C 3 HOH 18 112 140 HOH HOH A . 
C 3 HOH 19 113 141 HOH HOH A . 
C 3 HOH 20 114 142 HOH HOH A . 
C 3 HOH 21 115 143 HOH HOH A . 
C 3 HOH 22 116 144 HOH HOH A . 
C 3 HOH 23 117 148 HOH HOH A . 
C 3 HOH 24 118 149 HOH HOH A . 
C 3 HOH 25 119 150 HOH HOH A . 
C 3 HOH 26 120 158 HOH HOH A . 
C 3 HOH 27 121 161 HOH HOH A . 
C 3 HOH 28 122 171 HOH HOH A . 
C 3 HOH 29 123 176 HOH HOH A . 
C 3 HOH 30 124 178 HOH HOH A . 
C 3 HOH 31 125 203 HOH HOH A . 
C 3 HOH 32 126 212 HOH HOH A . 
C 3 HOH 33 127 214 HOH HOH A . 
C 3 HOH 34 128 215 HOH HOH A . 
D 3 HOH 1  49  181 HOH HOH B . 
D 3 HOH 2  50  101 HOH HOH B . 
D 3 HOH 3  51  102 HOH HOH B . 
D 3 HOH 4  52  103 HOH HOH B . 
D 3 HOH 5  53  105 HOH HOH B . 
D 3 HOH 6  54  107 HOH HOH B . 
D 3 HOH 7  55  108 HOH HOH B . 
D 3 HOH 8  56  110 HOH HOH B . 
D 3 HOH 9  57  114 HOH HOH B . 
D 3 HOH 10 58  115 HOH HOH B . 
D 3 HOH 11 59  121 HOH HOH B . 
D 3 HOH 12 60  122 HOH HOH B . 
D 3 HOH 13 61  124 HOH HOH B . 
D 3 HOH 14 62  125 HOH HOH B . 
D 3 HOH 15 63  127 HOH HOH B . 
D 3 HOH 16 64  129 HOH HOH B . 
D 3 HOH 17 65  132 HOH HOH B . 
D 3 HOH 18 66  134 HOH HOH B . 
D 3 HOH 19 67  137 HOH HOH B . 
D 3 HOH 20 68  139 HOH HOH B . 
D 3 HOH 21 69  145 HOH HOH B . 
D 3 HOH 22 70  146 HOH HOH B . 
D 3 HOH 23 71  151 HOH HOH B . 
D 3 HOH 24 72  152 HOH HOH B . 
D 3 HOH 25 73  153 HOH HOH B . 
D 3 HOH 26 74  154 HOH HOH B . 
D 3 HOH 27 75  156 HOH HOH B . 
D 3 HOH 28 76  157 HOH HOH B . 
D 3 HOH 29 77  159 HOH HOH B . 
D 3 HOH 30 78  160 HOH HOH B . 
D 3 HOH 31 79  165 HOH HOH B . 
D 3 HOH 32 80  166 HOH HOH B . 
D 3 HOH 33 81  167 HOH HOH B . 
D 3 HOH 34 82  168 HOH HOH B . 
D 3 HOH 35 83  169 HOH HOH B . 
D 3 HOH 36 84  172 HOH HOH B . 
D 3 HOH 37 85  173 HOH HOH B . 
D 3 HOH 38 86  174 HOH HOH B . 
D 3 HOH 39 87  175 HOH HOH B . 
D 3 HOH 40 88  177 HOH HOH B . 
D 3 HOH 41 89  179 HOH HOH B . 
D 3 HOH 42 90  182 HOH HOH B . 
D 3 HOH 43 91  201 HOH HOH B . 
D 3 HOH 44 92  204 HOH HOH B . 
D 3 HOH 45 93  205 HOH HOH B . 
D 3 HOH 46 94  206 HOH HOH B . 
D 3 HOH 47 95  207 HOH HOH B . 
D 3 HOH 48 96  209 HOH HOH B . 
# 
loop_
_software.name 
_software.classification 
_software.version 
_software.citation_id 
_software.pdbx_ordinal 
AMoRE     phasing           .   ? 1 
X-PLOR    refinement        3.1 ? 2 
MAR345    'data collection' .   ? 3 
SCALEPACK 'data scaling'    .   ? 4 
# 
_cell.entry_id           2Q33 
_cell.length_a           40.400 
_cell.length_b           32.940 
_cell.length_c           41.110 
_cell.angle_alpha        90.00 
_cell.angle_beta         96.73 
_cell.angle_gamma        90.00 
_cell.Z_PDB              2 
_cell.pdbx_unique_axis   ? 
_cell.length_a_esd       ? 
_cell.length_b_esd       ? 
_cell.length_c_esd       ? 
_cell.angle_alpha_esd    ? 
_cell.angle_beta_esd     ? 
_cell.angle_gamma_esd    ? 
# 
_symmetry.entry_id                         2Q33 
_symmetry.space_group_name_H-M             'P 1 2 1' 
_symmetry.pdbx_full_space_group_name_H-M   ? 
_symmetry.cell_setting                     ? 
_symmetry.Int_Tables_number                3 
_symmetry.space_group_name_Hall            ? 
# 
_exptl.entry_id          2Q33 
_exptl.method            'X-RAY DIFFRACTION' 
_exptl.crystals_number   1 
# 
_exptl_crystal.id                    1 
_exptl_crystal.density_meas          ? 
_exptl_crystal.density_Matthews      2.54 
_exptl_crystal.density_percent_sol   51.59 
_exptl_crystal.description           ? 
_exptl_crystal.F_000                 ? 
_exptl_crystal.preparation           ? 
# 
_exptl_crystal_grow.crystal_id      1 
_exptl_crystal_grow.method          'VAPOR DIFFUSION, SITTING DROP' 
_exptl_crystal_grow.temp            277 
_exptl_crystal_grow.temp_details    ? 
_exptl_crystal_grow.pH              7.20 
_exptl_crystal_grow.pdbx_details    
'20 MM SODIUM PHOSPHATE BUFFER, 28% PEG 8000, VAPOR DIFFUSION, SITTING DROP, TEMPERATURE 277K, pH 7.20' 
_exptl_crystal_grow.pdbx_pH_range   . 
# 
_diffrn.id                     1 
_diffrn.ambient_temp           277.0 
_diffrn.ambient_temp_details   ? 
_diffrn.crystal_id             1 
# 
_diffrn_detector.diffrn_id              1 
_diffrn_detector.detector               'IMAGE PLATE' 
_diffrn_detector.type                   MARRESEARCH 
_diffrn_detector.pdbx_collection_date   1994-09-15 
_diffrn_detector.details                SYNCHROTRON 
# 
_diffrn_radiation.diffrn_id                        1 
_diffrn_radiation.wavelength_id                    1 
_diffrn_radiation.pdbx_monochromatic_or_laue_m_l   M 
_diffrn_radiation.monochromator                    'SI 111' 
_diffrn_radiation.pdbx_diffrn_protocol             'SINGLE WAVELENGTH' 
_diffrn_radiation.pdbx_scattering_type             x-ray 
# 
_diffrn_radiation_wavelength.id           1 
_diffrn_radiation_wavelength.wavelength   1.08 
_diffrn_radiation_wavelength.wt           1.0 
# 
_diffrn_source.diffrn_id                   1 
_diffrn_source.source                      SYNCHROTRON 
_diffrn_source.type                        'SSRL BEAMLINE BL7-1' 
_diffrn_source.pdbx_synchrotron_site       SSRL 
_diffrn_source.pdbx_synchrotron_beamline   BL7-1 
_diffrn_source.pdbx_wavelength             1.08 
_diffrn_source.pdbx_wavelength_list        ? 
# 
_reflns.entry_id                     2Q33 
_reflns.observed_criterion_sigma_I   3.000 
_reflns.observed_criterion_sigma_F   ? 
_reflns.d_resolution_low             35.000 
_reflns.d_resolution_high            1.800 
_reflns.number_obs                   9511 
_reflns.number_all                   ? 
_reflns.percent_possible_obs         90.0 
_reflns.pdbx_Rmerge_I_obs            0.04200 
_reflns.pdbx_Rsym_value              ? 
_reflns.pdbx_netI_over_sigmaI        11.0000 
_reflns.B_iso_Wilson_estimate        13.60 
_reflns.pdbx_redundancy              3.500 
_reflns.R_free_details               ? 
_reflns.limit_h_max                  ? 
_reflns.limit_h_min                  ? 
_reflns.limit_k_max                  ? 
_reflns.limit_k_min                  ? 
_reflns.limit_l_max                  ? 
_reflns.limit_l_min                  ? 
_reflns.observed_criterion_F_max     ? 
_reflns.observed_criterion_F_min     ? 
_reflns.pdbx_chi_squared             ? 
_reflns.pdbx_scaling_rejects         ? 
_reflns.pdbx_diffrn_id               1 
_reflns.pdbx_ordinal                 1 
# 
_reflns_shell.d_res_high             1.80 
_reflns_shell.d_res_low              1.84 
_reflns_shell.percent_possible_all   70.0 
_reflns_shell.Rmerge_I_obs           ? 
_reflns_shell.pdbx_Rsym_value        ? 
_reflns_shell.meanI_over_sigI_obs    ? 
_reflns_shell.pdbx_redundancy        ? 
_reflns_shell.percent_possible_obs   ? 
_reflns_shell.number_unique_all      ? 
_reflns_shell.number_measured_all    ? 
_reflns_shell.number_measured_obs    ? 
_reflns_shell.number_unique_obs      ? 
_reflns_shell.pdbx_chi_squared       ? 
_reflns_shell.pdbx_diffrn_id         ? 
_reflns_shell.pdbx_ordinal           1 
# 
_refine.entry_id                                 2Q33 
_refine.ls_number_reflns_obs                     8665 
_refine.ls_number_reflns_all                     ? 
_refine.pdbx_ls_sigma_I                          ? 
_refine.pdbx_ls_sigma_F                          0.000 
_refine.pdbx_data_cutoff_high_absF               735264.360 
_refine.pdbx_data_cutoff_low_absF                0.0000 
_refine.pdbx_data_cutoff_high_rms_absF           ? 
_refine.ls_d_res_low                             6.00 
_refine.ls_d_res_high                            1.80 
_refine.ls_percent_reflns_obs                    87.7 
_refine.ls_R_factor_obs                          0.175 
_refine.ls_R_factor_all                          ? 
_refine.ls_R_factor_R_work                       0.175 
_refine.ls_R_factor_R_free                       0.215 
_refine.ls_R_factor_R_free_error                 0.007 
_refine.ls_R_factor_R_free_error_details         ? 
_refine.ls_percent_reflns_R_free                 10.600 
_refine.ls_number_reflns_R_free                  919 
_refine.ls_number_parameters                     ? 
_refine.ls_number_restraints                     ? 
_refine.occupancy_min                            ? 
_refine.occupancy_max                            ? 
_refine.correlation_coeff_Fo_to_Fc               ? 
_refine.correlation_coeff_Fo_to_Fc_free          ? 
_refine.B_iso_mean                               28.20 
_refine.aniso_B[1][1]                            -0.67000 
_refine.aniso_B[2][2]                            0.21000 
_refine.aniso_B[3][3]                            0.46000 
_refine.aniso_B[1][2]                            0.00000 
_refine.aniso_B[1][3]                            0.89000 
_refine.aniso_B[2][3]                            0.00000 
_refine.solvent_model_details                    ? 
_refine.solvent_model_param_ksol                 ? 
_refine.solvent_model_param_bsol                 ? 
_refine.pdbx_solvent_vdw_probe_radii             ? 
_refine.pdbx_solvent_ion_probe_radii             ? 
_refine.pdbx_solvent_shrinkage_radii             ? 
_refine.pdbx_ls_cross_valid_method               THROUGHOUT 
_refine.details                                  
;THE PROTEIN WAS CHEMICALLY SYNTHESIZED WITH ALL D-AMINO ACIDS. THIS STRUCTURE WAS DETERMINED AND REFINED WITH L-AMINO ACID PARAMETERS. THE ACTUAL ASYMMETRIC UNIT SHOULD CONTAIN THE PROTEIN REPRESENTED BY THIS COORDINATE FILE.
;
_refine.pdbx_starting_model                      ? 
_refine.pdbx_method_to_determine_struct          'MOLECULAR REPLACEMENT' 
_refine.pdbx_isotropic_thermal_model             RESTRAINED 
_refine.pdbx_stereochemistry_target_values       ? 
_refine.pdbx_stereochem_target_val_spec_case     ? 
_refine.pdbx_R_Free_selection_details            RANDOM 
_refine.pdbx_overall_ESU_R                       ? 
_refine.pdbx_overall_ESU_R_Free                  ? 
_refine.overall_SU_ML                            ? 
_refine.overall_SU_B                             ? 
_refine.ls_redundancy_reflns_obs                 ? 
_refine.B_iso_min                                ? 
_refine.B_iso_max                                ? 
_refine.overall_SU_R_Cruickshank_DPI             ? 
_refine.overall_SU_R_free                        ? 
_refine.ls_wR_factor_R_free                      ? 
_refine.ls_wR_factor_R_work                      ? 
_refine.overall_FOM_free_R_set                   ? 
_refine.overall_FOM_work_R_set                   ? 
_refine.pdbx_refine_id                           'X-RAY DIFFRACTION' 
_refine.pdbx_diffrn_id                           1 
_refine.pdbx_TLS_residual_ADP_flag               ? 
_refine.pdbx_overall_phase_error                 ? 
_refine.pdbx_overall_SU_R_free_Cruickshank_DPI   ? 
_refine.pdbx_overall_SU_R_Blow_DPI               ? 
_refine.pdbx_overall_SU_R_free_Blow_DPI          ? 
# 
_refine_analyze.entry_id                        2Q33 
_refine_analyze.Luzzati_coordinate_error_obs    0.19 
_refine_analyze.Luzzati_sigma_a_obs             0.19 
_refine_analyze.Luzzati_d_res_low_obs           5.00 
_refine_analyze.Luzzati_coordinate_error_free   0.23 
_refine_analyze.Luzzati_sigma_a_free            0.22 
_refine_analyze.Luzzati_d_res_low_free          ? 
_refine_analyze.number_disordered_residues      ? 
_refine_analyze.occupancy_sum_hydrogen          ? 
_refine_analyze.occupancy_sum_non_hydrogen      ? 
_refine_analyze.pdbx_Luzzati_d_res_high_obs     ? 
_refine_analyze.pdbx_refine_id                  'X-RAY DIFFRACTION' 
# 
_refine_hist.pdbx_refine_id                   'X-RAY DIFFRACTION' 
_refine_hist.cycle_id                         LAST 
_refine_hist.pdbx_number_atoms_protein        754 
_refine_hist.pdbx_number_atoms_nucleic_acid   0 
_refine_hist.pdbx_number_atoms_ligand         0 
_refine_hist.number_atoms_solvent             82 
_refine_hist.number_atoms_total               836 
_refine_hist.d_res_high                       1.80 
_refine_hist.d_res_low                        6.00 
# 
loop_
_refine_ls_restr.type 
_refine_ls_restr.dev_ideal 
_refine_ls_restr.dev_ideal_target 
_refine_ls_restr.weight 
_refine_ls_restr.number 
_refine_ls_restr.pdbx_refine_id 
_refine_ls_restr.pdbx_restraint_function 
x_bond_d                0.009 ?     ? ? 'X-RAY DIFFRACTION' ? 
x_bond_d_na             ?     ?     ? ? 'X-RAY DIFFRACTION' ? 
x_bond_d_prot           ?     ?     ? ? 'X-RAY DIFFRACTION' ? 
x_angle_d               ?     ?     ? ? 'X-RAY DIFFRACTION' ? 
x_angle_d_na            ?     ?     ? ? 'X-RAY DIFFRACTION' ? 
x_angle_d_prot          ?     ?     ? ? 'X-RAY DIFFRACTION' ? 
x_angle_deg             1.50  ?     ? ? 'X-RAY DIFFRACTION' ? 
x_angle_deg_na          ?     ?     ? ? 'X-RAY DIFFRACTION' ? 
x_angle_deg_prot        ?     ?     ? ? 'X-RAY DIFFRACTION' ? 
x_dihedral_angle_d      25.60 ?     ? ? 'X-RAY DIFFRACTION' ? 
x_dihedral_angle_d_na   ?     ?     ? ? 'X-RAY DIFFRACTION' ? 
x_dihedral_angle_d_prot ?     ?     ? ? 'X-RAY DIFFRACTION' ? 
x_improper_angle_d      1.30  ?     ? ? 'X-RAY DIFFRACTION' ? 
x_improper_angle_d_na   ?     ?     ? ? 'X-RAY DIFFRACTION' ? 
x_improper_angle_d_prot ?     ?     ? ? 'X-RAY DIFFRACTION' ? 
x_mcbond_it             1.990 1.500 ? ? 'X-RAY DIFFRACTION' ? 
x_mcangle_it            3.270 2.000 ? ? 'X-RAY DIFFRACTION' ? 
x_scbond_it             3.480 2.000 ? ? 'X-RAY DIFFRACTION' ? 
x_scangle_it            5.290 2.500 ? ? 'X-RAY DIFFRACTION' ? 
# 
_refine_ls_shell.pdbx_total_number_of_bins_used   6 
_refine_ls_shell.d_res_high                       1.80 
_refine_ls_shell.d_res_low                        1.91 
_refine_ls_shell.number_reflns_R_work             1040 
_refine_ls_shell.R_factor_R_work                  0.2430 
_refine_ls_shell.percent_reflns_obs               71.20 
_refine_ls_shell.R_factor_R_free                  0.3230 
_refine_ls_shell.R_factor_R_free_error            0.030 
_refine_ls_shell.percent_reflns_R_free            10.20 
_refine_ls_shell.number_reflns_R_free             118 
_refine_ls_shell.number_reflns_all                ? 
_refine_ls_shell.R_factor_all                     ? 
_refine_ls_shell.redundancy_reflns_obs            ? 
_refine_ls_shell.number_reflns_obs                ? 
_refine_ls_shell.pdbx_refine_id                   'X-RAY DIFFRACTION' 
# 
loop_
_pdbx_xplor_file.serial_no 
_pdbx_xplor_file.param_file 
_pdbx_xplor_file.topol_file 
_pdbx_xplor_file.pdbx_refine_id 
1 PROTEIN_REP.PARAM PROTEIN.TOP 'X-RAY DIFFRACTION' 
2 WATER.PARAM       WATER.TOP   'X-RAY DIFFRACTION' 
# 
_struct.entry_id                  2Q33 
_struct.title                     'Crystal structure of all-D monellin at 1.8 A resolution' 
_struct.pdbx_model_details        ? 
_struct.pdbx_CASP_flag            ? 
_struct.pdbx_model_type_details   ? 
# 
_struct_keywords.entry_id        2Q33 
_struct_keywords.pdbx_keywords   'DE NOVO PROTEIN' 
_struct_keywords.text            'ALPHA/BETA, ALL-D PROTEIN, DE NOVO PROTEIN' 
# 
loop_
_struct_asym.id 
_struct_asym.pdbx_blank_PDB_chainid_flag 
_struct_asym.pdbx_modified 
_struct_asym.entity_id 
_struct_asym.details 
A N N 1 ? 
B N N 2 ? 
C N N 3 ? 
D N N 3 ? 
# 
loop_
_struct_ref.id 
_struct_ref.db_name 
_struct_ref.db_code 
_struct_ref.entity_id 
_struct_ref.pdbx_seq_one_letter_code 
_struct_ref.pdbx_align_begin 
_struct_ref.pdbx_db_accession 
_struct_ref.pdbx_db_isoform 
1 PDB 2Q33 1 EIKGYEYQLYVYASDKLFRADISEDYKTRGRKLLRFNGPVPPP      1 2Q33 ? 
2 PDB 2Q33 2 GEWEIIDIGPFTQNLGKFAVDEENKIGQYGRLTFNKVIRPCXKKTIYE 1 2Q33 ? 
# 
loop_
_struct_ref_seq.align_id 
_struct_ref_seq.ref_id 
_struct_ref_seq.pdbx_PDB_id_code 
_struct_ref_seq.pdbx_strand_id 
_struct_ref_seq.seq_align_beg 
_struct_ref_seq.pdbx_seq_align_beg_ins_code 
_struct_ref_seq.seq_align_end 
_struct_ref_seq.pdbx_seq_align_end_ins_code 
_struct_ref_seq.pdbx_db_accession 
_struct_ref_seq.db_align_beg 
_struct_ref_seq.pdbx_db_align_beg_ins_code 
_struct_ref_seq.db_align_end 
_struct_ref_seq.pdbx_db_align_end_ins_code 
_struct_ref_seq.pdbx_auth_seq_align_beg 
_struct_ref_seq.pdbx_auth_seq_align_end 
1 1 2Q33 A 1 ? 43 ? 2Q33 52 ? 94 ? 52 94 
2 2 2Q33 B 1 ? 48 ? 2Q33 1  ? 48 ? 1  48 
# 
_pdbx_struct_assembly.id                   1 
_pdbx_struct_assembly.details              author_and_software_defined_assembly 
_pdbx_struct_assembly.method_details       PISA 
_pdbx_struct_assembly.oligomeric_details   dimeric 
_pdbx_struct_assembly.oligomeric_count     2 
# 
_pdbx_struct_assembly_prop.biol_id   1 
_pdbx_struct_assembly_prop.type      'ABSA (A^2)' 
_pdbx_struct_assembly_prop.value     2620 
_pdbx_struct_assembly_prop.details   ? 
# 
_pdbx_struct_assembly_gen.assembly_id       1 
_pdbx_struct_assembly_gen.oper_expression   1 
_pdbx_struct_assembly_gen.asym_id_list      A,B,C,D 
# 
_pdbx_struct_oper_list.id                   1 
_pdbx_struct_oper_list.type                 'identity operation' 
_pdbx_struct_oper_list.name                 1_555 
_pdbx_struct_oper_list.symmetry_operation   x,y,z 
_pdbx_struct_oper_list.matrix[1][1]         1.0000000000 
_pdbx_struct_oper_list.matrix[1][2]         0.0000000000 
_pdbx_struct_oper_list.matrix[1][3]         0.0000000000 
_pdbx_struct_oper_list.vector[1]            0.0000000000 
_pdbx_struct_oper_list.matrix[2][1]         0.0000000000 
_pdbx_struct_oper_list.matrix[2][2]         1.0000000000 
_pdbx_struct_oper_list.matrix[2][3]         0.0000000000 
_pdbx_struct_oper_list.vector[2]            0.0000000000 
_pdbx_struct_oper_list.matrix[3][1]         0.0000000000 
_pdbx_struct_oper_list.matrix[3][2]         0.0000000000 
_pdbx_struct_oper_list.matrix[3][3]         1.0000000000 
_pdbx_struct_oper_list.vector[3]            0.0000000000 
# 
_struct_biol.id        1 
_struct_biol.details   ? 
# 
_struct_conf.conf_type_id            HELX_P 
_struct_conf.id                      HELX_P1 
_struct_conf.pdbx_PDB_helix_id       1 
_struct_conf.beg_label_comp_id       GLY 
_struct_conf.beg_label_asym_id       B 
_struct_conf.beg_label_seq_id        9 
_struct_conf.pdbx_beg_PDB_ins_code   ? 
_struct_conf.end_label_comp_id       GLY 
_struct_conf.end_label_asym_id       B 
_struct_conf.end_label_seq_id        27 
_struct_conf.pdbx_end_PDB_ins_code   ? 
_struct_conf.beg_auth_comp_id        GLY 
_struct_conf.beg_auth_asym_id        B 
_struct_conf.beg_auth_seq_id         9 
_struct_conf.end_auth_comp_id        GLY 
_struct_conf.end_auth_asym_id        B 
_struct_conf.end_auth_seq_id         27 
_struct_conf.pdbx_PDB_helix_class    1 
_struct_conf.details                 ? 
_struct_conf.pdbx_PDB_helix_length   19 
# 
_struct_conf_type.id          HELX_P 
_struct_conf_type.criteria    ? 
_struct_conf_type.reference   ? 
# 
loop_
_struct_conn.id 
_struct_conn.conn_type_id 
_struct_conn.pdbx_leaving_atom_flag 
_struct_conn.pdbx_PDB_id 
_struct_conn.ptnr1_label_asym_id 
_struct_conn.ptnr1_label_comp_id 
_struct_conn.ptnr1_label_seq_id 
_struct_conn.ptnr1_label_atom_id 
_struct_conn.pdbx_ptnr1_label_alt_id 
_struct_conn.pdbx_ptnr1_PDB_ins_code 
_struct_conn.pdbx_ptnr1_standard_comp_id 
_struct_conn.ptnr1_symmetry 
_struct_conn.ptnr2_label_asym_id 
_struct_conn.ptnr2_label_comp_id 
_struct_conn.ptnr2_label_seq_id 
_struct_conn.ptnr2_label_atom_id 
_struct_conn.pdbx_ptnr2_label_alt_id 
_struct_conn.pdbx_ptnr2_PDB_ins_code 
_struct_conn.ptnr1_auth_asym_id 
_struct_conn.ptnr1_auth_comp_id 
_struct_conn.ptnr1_auth_seq_id 
_struct_conn.ptnr2_auth_asym_id 
_struct_conn.ptnr2_auth_comp_id 
_struct_conn.ptnr2_auth_seq_id 
_struct_conn.ptnr2_symmetry 
_struct_conn.pdbx_ptnr3_label_atom_id 
_struct_conn.pdbx_ptnr3_label_seq_id 
_struct_conn.pdbx_ptnr3_label_comp_id 
_struct_conn.pdbx_ptnr3_label_asym_id 
_struct_conn.pdbx_ptnr3_label_alt_id 
_struct_conn.pdbx_ptnr3_PDB_ins_code 
_struct_conn.details 
_struct_conn.pdbx_dist_value 
_struct_conn.pdbx_value_order 
_struct_conn.pdbx_role 
covale1  covale both ? A DGL 1  C ? ? ? 1_555 A DIL 2  N ? ? A DGL 52 A DIL 53 1_555 ? ? ? ? ? ? ? 1.335 ? ? 
covale2  covale both ? A DIL 2  C ? ? ? 1_555 A DLY 3  N ? ? A DIL 53 A DLY 54 1_555 ? ? ? ? ? ? ? 1.324 ? ? 
covale3  covale both ? A DLY 3  C ? ? ? 1_555 A GLY 4  N ? ? A DLY 54 A GLY 55 1_555 ? ? ? ? ? ? ? 1.331 ? ? 
covale4  covale both ? A GLY 4  C ? ? ? 1_555 A DTY 5  N ? ? A GLY 55 A DTY 56 1_555 ? ? ? ? ? ? ? 1.321 ? ? 
covale5  covale both ? A DTY 5  C ? ? ? 1_555 A DGL 6  N ? ? A DTY 56 A DGL 57 1_555 ? ? ? ? ? ? ? 1.329 ? ? 
covale6  covale both ? A DGL 6  C ? ? ? 1_555 A DTY 7  N ? ? A DGL 57 A DTY 58 1_555 ? ? ? ? ? ? ? 1.330 ? ? 
covale7  covale both ? A DTY 7  C ? ? ? 1_555 A DGN 8  N ? ? A DTY 58 A DGN 59 1_555 ? ? ? ? ? ? ? 1.325 ? ? 
covale8  covale both ? A DGN 8  C ? ? ? 1_555 A DLE 9  N ? ? A DGN 59 A DLE 60 1_555 ? ? ? ? ? ? ? 1.330 ? ? 
covale9  covale both ? A DLE 9  C ? ? ? 1_555 A DTY 10 N ? ? A DLE 60 A DTY 61 1_555 ? ? ? ? ? ? ? 1.328 ? ? 
covale10 covale both ? A DTY 10 C ? ? ? 1_555 A DVA 11 N ? ? A DTY 61 A DVA 62 1_555 ? ? ? ? ? ? ? 1.324 ? ? 
covale11 covale both ? A DVA 11 C ? ? ? 1_555 A DTY 12 N ? ? A DVA 62 A DTY 63 1_555 ? ? ? ? ? ? ? 1.332 ? ? 
covale12 covale both ? A DTY 12 C ? ? ? 1_555 A DAL 13 N ? ? A DTY 63 A DAL 64 1_555 ? ? ? ? ? ? ? 1.325 ? ? 
covale13 covale both ? A DAL 13 C ? ? ? 1_555 A DSN 14 N ? ? A DAL 64 A DSN 65 1_555 ? ? ? ? ? ? ? 1.331 ? ? 
covale14 covale both ? A DSN 14 C ? ? ? 1_555 A DAS 15 N ? ? A DSN 65 A DAS 66 1_555 ? ? ? ? ? ? ? 1.334 ? ? 
covale15 covale both ? A DAS 15 C ? ? ? 1_555 A DLY 16 N ? ? A DAS 66 A DLY 67 1_555 ? ? ? ? ? ? ? 1.327 ? ? 
covale16 covale both ? A DLY 16 C ? ? ? 1_555 A DLE 17 N ? ? A DLY 67 A DLE 68 1_555 ? ? ? ? ? ? ? 1.320 ? ? 
covale17 covale both ? A DLE 17 C ? ? ? 1_555 A DPN 18 N ? ? A DLE 68 A DPN 69 1_555 ? ? ? ? ? ? ? 1.336 ? ? 
covale18 covale both ? A DPN 18 C ? ? ? 1_555 A DAR 19 N ? ? A DPN 69 A DAR 70 1_555 ? ? ? ? ? ? ? 1.323 ? ? 
covale19 covale both ? A DAR 19 C ? ? ? 1_555 A DAL 20 N ? ? A DAR 70 A DAL 71 1_555 ? ? ? ? ? ? ? 1.321 ? ? 
covale20 covale both ? A DAL 20 C ? ? ? 1_555 A DAS 21 N ? ? A DAL 71 A DAS 72 1_555 ? ? ? ? ? ? ? 1.336 ? ? 
covale21 covale both ? A DAS 21 C ? ? ? 1_555 A DIL 22 N ? ? A DAS 72 A DIL 73 1_555 ? ? ? ? ? ? ? 1.328 ? ? 
covale22 covale both ? A DIL 22 C ? ? ? 1_555 A DSN 23 N ? ? A DIL 73 A DSN 74 1_555 ? ? ? ? ? ? ? 1.336 ? ? 
covale23 covale both ? A DSN 23 C ? ? ? 1_555 A DGL 24 N ? ? A DSN 74 A DGL 75 1_555 ? ? ? ? ? ? ? 1.317 ? ? 
covale24 covale both ? A DGL 24 C ? ? ? 1_555 A DAS 25 N ? ? A DGL 75 A DAS 76 1_555 ? ? ? ? ? ? ? 1.323 ? ? 
covale25 covale both ? A DAS 25 C ? ? ? 1_555 A DTY 26 N ? ? A DAS 76 A DTY 77 1_555 ? ? ? ? ? ? ? 1.330 ? ? 
covale26 covale both ? A DTY 26 C ? ? ? 1_555 A DLY 27 N ? ? A DTY 77 A DLY 78 1_555 ? ? ? ? ? ? ? 1.330 ? ? 
covale27 covale both ? A DLY 27 C ? ? ? 1_555 A DTH 28 N ? ? A DLY 78 A DTH 79 1_555 ? ? ? ? ? ? ? 1.324 ? ? 
covale28 covale both ? A DTH 28 C ? ? ? 1_555 A DAR 29 N ? ? A DTH 79 A DAR 80 1_555 ? ? ? ? ? ? ? 1.334 ? ? 
covale29 covale both ? A DAR 29 C ? ? ? 1_555 A GLY 30 N ? ? A DAR 80 A GLY 81 1_555 ? ? ? ? ? ? ? 1.330 ? ? 
covale30 covale both ? A GLY 30 C ? ? ? 1_555 A DAR 31 N ? ? A GLY 81 A DAR 82 1_555 ? ? ? ? ? ? ? 1.326 ? ? 
covale31 covale both ? A DAR 31 C ? ? ? 1_555 A DLY 32 N ? ? A DAR 82 A DLY 83 1_555 ? ? ? ? ? ? ? 1.326 ? ? 
covale32 covale both ? A DLY 32 C ? ? ? 1_555 A DLE 33 N ? ? A DLY 83 A DLE 84 1_555 ? ? ? ? ? ? ? 1.327 ? ? 
covale33 covale both ? A DLE 33 C ? ? ? 1_555 A DLE 34 N ? ? A DLE 84 A DLE 85 1_555 ? ? ? ? ? ? ? 1.331 ? ? 
covale34 covale both ? A DLE 34 C ? ? ? 1_555 A DAR 35 N ? ? A DLE 85 A DAR 86 1_555 ? ? ? ? ? ? ? 1.320 ? ? 
covale35 covale both ? A DAR 35 C ? ? ? 1_555 A DPN 36 N ? ? A DAR 86 A DPN 87 1_555 ? ? ? ? ? ? ? 1.322 ? ? 
covale36 covale both ? A DPN 36 C ? ? ? 1_555 A DSG 37 N ? ? A DPN 87 A DSG 88 1_555 ? ? ? ? ? ? ? 1.329 ? ? 
covale37 covale both ? A DSG 37 C ? ? ? 1_555 A GLY 38 N ? ? A DSG 88 A GLY 89 1_555 ? ? ? ? ? ? ? 1.322 ? ? 
covale38 covale both ? A GLY 38 C ? ? ? 1_555 A DPR 39 N ? ? A GLY 89 A DPR 90 1_555 ? ? ? ? ? ? ? 1.342 ? ? 
covale39 covale both ? A DPR 39 C ? ? ? 1_555 A DVA 40 N ? ? A DPR 90 A DVA 91 1_555 ? ? ? ? ? ? ? 1.325 ? ? 
covale40 covale both ? A DVA 40 C ? ? ? 1_555 A DPR 41 N ? ? A DVA 91 A DPR 92 1_555 ? ? ? ? ? ? ? 1.342 ? ? 
covale41 covale both ? A DPR 41 C ? ? ? 1_555 A DPR 42 N ? ? A DPR 92 A DPR 93 1_555 ? ? ? ? ? ? ? 1.343 ? ? 
covale42 covale both ? A DPR 42 C ? ? ? 1_555 A DPR 43 N ? ? A DPR 93 A DPR 94 1_555 ? ? ? ? ? ? ? 1.340 ? ? 
covale43 covale both ? B GLY 1  C ? ? ? 1_555 B DGL 2  N ? ? B GLY 1  B DGL 2  1_555 ? ? ? ? ? ? ? 1.327 ? ? 
covale44 covale both ? B DGL 2  C ? ? ? 1_555 B DTR 3  N ? ? B DGL 2  B DTR 3  1_555 ? ? ? ? ? ? ? 1.322 ? ? 
covale45 covale both ? B DTR 3  C ? ? ? 1_555 B DGL 4  N ? ? B DTR 3  B DGL 4  1_555 ? ? ? ? ? ? ? 1.329 ? ? 
covale46 covale both ? B DGL 4  C ? ? ? 1_555 B DIL 5  N ? ? B DGL 4  B DIL 5  1_555 ? ? ? ? ? ? ? 1.321 ? ? 
covale47 covale both ? B DIL 5  C ? ? ? 1_555 B DIL 6  N ? ? B DIL 5  B DIL 6  1_555 ? ? ? ? ? ? ? 1.329 ? ? 
covale48 covale both ? B DIL 6  C ? ? ? 1_555 B DAS 7  N ? ? B DIL 6  B DAS 7  1_555 ? ? ? ? ? ? ? 1.330 ? ? 
covale49 covale both ? B DAS 7  C ? ? ? 1_555 B DIL 8  N ? ? B DAS 7  B DIL 8  1_555 ? ? ? ? ? ? ? 1.324 ? ? 
covale50 covale both ? B DIL 8  C ? ? ? 1_555 B GLY 9  N ? ? B DIL 8  B GLY 9  1_555 ? ? ? ? ? ? ? 1.327 ? ? 
covale51 covale both ? B GLY 9  C ? ? ? 1_555 B DPR 10 N ? ? B GLY 9  B DPR 10 1_555 ? ? ? ? ? ? ? 1.337 ? ? 
covale52 covale both ? B DPR 10 C ? ? ? 1_555 B DPN 11 N ? ? B DPR 10 B DPN 11 1_555 ? ? ? ? ? ? ? 1.327 ? ? 
covale53 covale both ? B DPN 11 C ? ? ? 1_555 B DTH 12 N ? ? B DPN 11 B DTH 12 1_555 ? ? ? ? ? ? ? 1.332 ? ? 
covale54 covale both ? B DTH 12 C ? ? ? 1_555 B DGN 13 N ? ? B DTH 12 B DGN 13 1_555 ? ? ? ? ? ? ? 1.324 ? ? 
covale55 covale both ? B DGN 13 C ? ? ? 1_555 B DSG 14 N ? ? B DGN 13 B DSG 14 1_555 ? ? ? ? ? ? ? 1.327 ? ? 
covale56 covale both ? B DSG 14 C ? ? ? 1_555 B DLE 15 N ? ? B DSG 14 B DLE 15 1_555 ? ? ? ? ? ? ? 1.333 ? ? 
covale57 covale both ? B DLE 15 C ? ? ? 1_555 B GLY 16 N ? ? B DLE 15 B GLY 16 1_555 ? ? ? ? ? ? ? 1.336 ? ? 
covale58 covale both ? B GLY 16 C ? ? ? 1_555 B DLY 17 N ? ? B GLY 16 B DLY 17 1_555 ? ? ? ? ? ? ? 1.334 ? ? 
covale59 covale both ? B DLY 17 C ? ? ? 1_555 B DPN 18 N ? ? B DLY 17 B DPN 18 1_555 ? ? ? ? ? ? ? 1.328 ? ? 
covale60 covale both ? B DPN 18 C ? ? ? 1_555 B DAL 19 N ? ? B DPN 18 B DAL 19 1_555 ? ? ? ? ? ? ? 1.336 ? ? 
covale61 covale both ? B DAL 19 C ? ? ? 1_555 B DVA 20 N ? ? B DAL 19 B DVA 20 1_555 ? ? ? ? ? ? ? 1.327 ? ? 
covale62 covale both ? B DVA 20 C ? ? ? 1_555 B DAS 21 N ? ? B DVA 20 B DAS 21 1_555 ? ? ? ? ? ? ? 1.327 ? ? 
covale63 covale both ? B DAS 21 C ? ? ? 1_555 B DGL 22 N ? ? B DAS 21 B DGL 22 1_555 ? ? ? ? ? ? ? 1.327 ? ? 
covale64 covale both ? B DGL 22 C ? ? ? 1_555 B DGL 23 N ? ? B DGL 22 B DGL 23 1_555 ? ? ? ? ? ? ? 1.326 ? ? 
covale65 covale both ? B DGL 23 C ? ? ? 1_555 B DSG 24 N ? ? B DGL 23 B DSG 24 1_555 ? ? ? ? ? ? ? 1.325 ? ? 
covale66 covale both ? B DSG 24 C ? ? ? 1_555 B DLY 25 N ? ? B DSG 24 B DLY 25 1_555 ? ? ? ? ? ? ? 1.336 ? ? 
covale67 covale both ? B DLY 25 C ? ? ? 1_555 B DIL 26 N ? ? B DLY 25 B DIL 26 1_555 ? ? ? ? ? ? ? 1.331 ? ? 
covale68 covale both ? B DIL 26 C ? ? ? 1_555 B GLY 27 N ? ? B DIL 26 B GLY 27 1_555 ? ? ? ? ? ? ? 1.327 ? ? 
covale69 covale both ? B GLY 27 C ? ? ? 1_555 B DGN 28 N ? ? B GLY 27 B DGN 28 1_555 ? ? ? ? ? ? ? 1.325 ? ? 
covale70 covale both ? B DGN 28 C ? ? ? 1_555 B DTY 29 N ? ? B DGN 28 B DTY 29 1_555 ? ? ? ? ? ? ? 1.329 ? ? 
covale71 covale both ? B DTY 29 C ? ? ? 1_555 B GLY 30 N ? ? B DTY 29 B GLY 30 1_555 ? ? ? ? ? ? ? 1.329 ? ? 
covale72 covale both ? B GLY 30 C ? ? ? 1_555 B DAR 31 N ? ? B GLY 30 B DAR 31 1_555 ? ? ? ? ? ? ? 1.323 ? ? 
covale73 covale both ? B DAR 31 C ? ? ? 1_555 B DLE 32 N ? ? B DAR 31 B DLE 32 1_555 ? ? ? ? ? ? ? 1.328 ? ? 
covale74 covale both ? B DLE 32 C ? ? ? 1_555 B DTH 33 N ? ? B DLE 32 B DTH 33 1_555 ? ? ? ? ? ? ? 1.325 ? ? 
covale75 covale both ? B DTH 33 C ? ? ? 1_555 B DPN 34 N ? ? B DTH 33 B DPN 34 1_555 ? ? ? ? ? ? ? 1.333 ? ? 
covale76 covale both ? B DPN 34 C ? ? ? 1_555 B DSG 35 N ? ? B DPN 34 B DSG 35 1_555 ? ? ? ? ? ? ? 1.329 ? ? 
covale77 covale both ? B DSG 35 C ? ? ? 1_555 B DLY 36 N ? ? B DSG 35 B DLY 36 1_555 ? ? ? ? ? ? ? 1.334 ? ? 
covale78 covale both ? B DLY 36 C ? ? ? 1_555 B DVA 37 N ? ? B DLY 36 B DVA 37 1_555 ? ? ? ? ? ? ? 1.330 ? ? 
covale79 covale both ? B DVA 37 C ? ? ? 1_555 B DIL 38 N ? ? B DVA 37 B DIL 38 1_555 ? ? ? ? ? ? ? 1.327 ? ? 
covale80 covale both ? B DIL 38 C ? ? ? 1_555 B DAR 39 N ? ? B DIL 38 B DAR 39 1_555 ? ? ? ? ? ? ? 1.324 ? ? 
covale81 covale both ? B DAR 39 C ? ? ? 1_555 B DPR 40 N ? ? B DAR 39 B DPR 40 1_555 ? ? ? ? ? ? ? 1.342 ? ? 
covale82 covale both ? B DPR 40 C ? ? ? 1_555 B DCY 41 N ? ? B DPR 40 B DCY 41 1_555 ? ? ? ? ? ? ? 1.326 ? ? 
covale83 covale both ? B DCY 41 C ? ? ? 1_555 B MED 42 N ? ? B DCY 41 B MED 42 1_555 ? ? ? ? ? ? ? 1.327 ? ? 
covale84 covale both ? B MED 42 C ? ? ? 1_555 B DLY 43 N ? ? B MED 42 B DLY 43 1_555 ? ? ? ? ? ? ? 1.322 ? ? 
covale85 covale both ? B DLY 43 C ? ? ? 1_555 B DLY 44 N ? ? B DLY 43 B DLY 44 1_555 ? ? ? ? ? ? ? 1.325 ? ? 
covale86 covale both ? B DLY 44 C ? ? ? 1_555 B DTH 45 N ? ? B DLY 44 B DTH 45 1_555 ? ? ? ? ? ? ? 1.326 ? ? 
covale87 covale both ? B DTH 45 C ? ? ? 1_555 B DIL 46 N ? ? B DTH 45 B DIL 46 1_555 ? ? ? ? ? ? ? 1.331 ? ? 
covale88 covale both ? B DIL 46 C ? ? ? 1_555 B DTY 47 N ? ? B DIL 46 B DTY 47 1_555 ? ? ? ? ? ? ? 1.332 ? ? 
covale89 covale both ? B DTY 47 C ? ? ? 1_555 B DGL 48 N ? ? B DTY 47 B DGL 48 1_555 ? ? ? ? ? ? ? 1.329 ? ? 
# 
_struct_conn_type.id          covale 
_struct_conn_type.criteria    ? 
_struct_conn_type.reference   ? 
# 
loop_
_struct_mon_prot_cis.pdbx_id 
_struct_mon_prot_cis.label_comp_id 
_struct_mon_prot_cis.label_seq_id 
_struct_mon_prot_cis.label_asym_id 
_struct_mon_prot_cis.label_alt_id 
_struct_mon_prot_cis.pdbx_PDB_ins_code 
_struct_mon_prot_cis.auth_comp_id 
_struct_mon_prot_cis.auth_seq_id 
_struct_mon_prot_cis.auth_asym_id 
_struct_mon_prot_cis.pdbx_label_comp_id_2 
_struct_mon_prot_cis.pdbx_label_seq_id_2 
_struct_mon_prot_cis.pdbx_label_asym_id_2 
_struct_mon_prot_cis.pdbx_PDB_ins_code_2 
_struct_mon_prot_cis.pdbx_auth_comp_id_2 
_struct_mon_prot_cis.pdbx_auth_seq_id_2 
_struct_mon_prot_cis.pdbx_auth_asym_id_2 
_struct_mon_prot_cis.pdbx_PDB_model_num 
_struct_mon_prot_cis.pdbx_omega_angle 
1 GLY 38 A . ? GLY 89 A DPR 39 A ? DPR 90 A 1 0.24 
2 DAR 39 B . ? DAR 39 B DPR 40 B ? DPR 40 B 1 0.09 
# 
_struct_sheet.id               A 
_struct_sheet.type             ? 
_struct_sheet.number_strands   5 
_struct_sheet.details          ? 
# 
loop_
_struct_sheet_order.sheet_id 
_struct_sheet_order.range_id_1 
_struct_sheet_order.range_id_2 
_struct_sheet_order.offset 
_struct_sheet_order.sense 
A 1 2 ? anti-parallel 
A 2 3 ? anti-parallel 
A 3 4 ? anti-parallel 
A 4 5 ? anti-parallel 
# 
loop_
_struct_sheet_range.sheet_id 
_struct_sheet_range.id 
_struct_sheet_range.beg_label_comp_id 
_struct_sheet_range.beg_label_asym_id 
_struct_sheet_range.beg_label_seq_id 
_struct_sheet_range.pdbx_beg_PDB_ins_code 
_struct_sheet_range.end_label_comp_id 
_struct_sheet_range.end_label_asym_id 
_struct_sheet_range.end_label_seq_id 
_struct_sheet_range.pdbx_end_PDB_ins_code 
_struct_sheet_range.beg_auth_comp_id 
_struct_sheet_range.beg_auth_asym_id 
_struct_sheet_range.beg_auth_seq_id 
_struct_sheet_range.end_auth_comp_id 
_struct_sheet_range.end_auth_asym_id 
_struct_sheet_range.end_auth_seq_id 
A 1 DAR A 31 ? DSG A 37 ? DAR A 82 DSG A 88 
A 2 DLY A 16 ? DAS A 25 ? DLY A 67 DAS A 76 
A 3 DIL A 2  ? DAL A 13 ? DIL A 53 DAL A 64 
A 4 DPN B 34 ? DTY B 47 ? DPN B 34 DTY B 47 
A 5 DGL B 4  ? DIL B 6  ? DGL B 4  DIL B 6  
# 
loop_
_pdbx_struct_sheet_hbond.sheet_id 
_pdbx_struct_sheet_hbond.range_id_1 
_pdbx_struct_sheet_hbond.range_id_2 
_pdbx_struct_sheet_hbond.range_1_label_atom_id 
_pdbx_struct_sheet_hbond.range_1_label_comp_id 
_pdbx_struct_sheet_hbond.range_1_label_asym_id 
_pdbx_struct_sheet_hbond.range_1_label_seq_id 
_pdbx_struct_sheet_hbond.range_1_PDB_ins_code 
_pdbx_struct_sheet_hbond.range_1_auth_atom_id 
_pdbx_struct_sheet_hbond.range_1_auth_comp_id 
_pdbx_struct_sheet_hbond.range_1_auth_asym_id 
_pdbx_struct_sheet_hbond.range_1_auth_seq_id 
_pdbx_struct_sheet_hbond.range_2_label_atom_id 
_pdbx_struct_sheet_hbond.range_2_label_comp_id 
_pdbx_struct_sheet_hbond.range_2_label_asym_id 
_pdbx_struct_sheet_hbond.range_2_label_seq_id 
_pdbx_struct_sheet_hbond.range_2_PDB_ins_code 
_pdbx_struct_sheet_hbond.range_2_auth_atom_id 
_pdbx_struct_sheet_hbond.range_2_auth_comp_id 
_pdbx_struct_sheet_hbond.range_2_auth_asym_id 
_pdbx_struct_sheet_hbond.range_2_auth_seq_id 
A 1 2 O DLE A 34 ? O DLE A 85 N DAS A 21 ? N DAS A 72 
A 2 3 O DAL A 20 ? O DAL A 71 N DLE A 9  ? N DLE A 60 
A 3 4 N DTY A 12 ? N DTY A 63 O DLY B 36 ? O DLY B 36 
A 4 5 O DCY B 41 ? O DCY B 41 N DIL B 6  ? N DIL B 6  
# 
_pdbx_entry_details.entry_id                   2Q33 
_pdbx_entry_details.compound_details           ? 
_pdbx_entry_details.source_details             ? 
_pdbx_entry_details.nonpolymer_details         ? 
_pdbx_entry_details.sequence_details           ? 
_pdbx_entry_details.has_ligand_of_interest     ? 
_pdbx_entry_details.has_protein_modification   N 
# 
_pdbx_validate_torsion.id              1 
_pdbx_validate_torsion.PDB_model_num   1 
_pdbx_validate_torsion.auth_comp_id    DSG 
_pdbx_validate_torsion.auth_asym_id    B 
_pdbx_validate_torsion.auth_seq_id     35 
_pdbx_validate_torsion.PDB_ins_code    ? 
_pdbx_validate_torsion.label_alt_id    ? 
_pdbx_validate_torsion.phi             104.78 
_pdbx_validate_torsion.psi             65.77 
# 
loop_
_pdbx_struct_mod_residue.id 
_pdbx_struct_mod_residue.label_asym_id 
_pdbx_struct_mod_residue.label_comp_id 
_pdbx_struct_mod_residue.label_seq_id 
_pdbx_struct_mod_residue.auth_asym_id 
_pdbx_struct_mod_residue.auth_comp_id 
_pdbx_struct_mod_residue.auth_seq_id 
_pdbx_struct_mod_residue.PDB_ins_code 
_pdbx_struct_mod_residue.parent_comp_id 
_pdbx_struct_mod_residue.details 
1  A DGL 1  A DGL 52 ? GLU 'D-GLUTAMIC ACID' 
2  A DIL 2  A DIL 53 ? ILE D-ISOLEUCINE      
3  A DLY 3  A DLY 54 ? LYS D-LYSINE          
4  A DTY 5  A DTY 56 ? TYR D-TYROSINE        
5  A DGL 6  A DGL 57 ? GLU 'D-GLUTAMIC ACID' 
6  A DTY 7  A DTY 58 ? TYR D-TYROSINE        
7  A DGN 8  A DGN 59 ? GLN D-GLUTAMINE       
8  A DLE 9  A DLE 60 ? LEU D-LEUCINE         
9  A DTY 10 A DTY 61 ? TYR D-TYROSINE        
10 A DVA 11 A DVA 62 ? VAL D-VALINE          
11 A DTY 12 A DTY 63 ? TYR D-TYROSINE        
12 A DAL 13 A DAL 64 ? ALA D-ALANINE         
13 A DSN 14 A DSN 65 ? SER D-SERINE          
14 A DAS 15 A DAS 66 ? ASP 'D-ASPARTIC ACID' 
15 A DLY 16 A DLY 67 ? LYS D-LYSINE          
16 A DLE 17 A DLE 68 ? LEU D-LEUCINE         
17 A DAR 19 A DAR 70 ? ARG D-ARGININE        
18 A DAL 20 A DAL 71 ? ALA D-ALANINE         
19 A DAS 21 A DAS 72 ? ASP 'D-ASPARTIC ACID' 
20 A DIL 22 A DIL 73 ? ILE D-ISOLEUCINE      
21 A DSN 23 A DSN 74 ? SER D-SERINE          
22 A DGL 24 A DGL 75 ? GLU 'D-GLUTAMIC ACID' 
23 A DAS 25 A DAS 76 ? ASP 'D-ASPARTIC ACID' 
24 A DTY 26 A DTY 77 ? TYR D-TYROSINE        
25 A DLY 27 A DLY 78 ? LYS D-LYSINE          
26 A DTH 28 A DTH 79 ? THR D-THREONINE       
27 A DAR 29 A DAR 80 ? ARG D-ARGININE        
28 A DAR 31 A DAR 82 ? ARG D-ARGININE        
29 A DLY 32 A DLY 83 ? LYS D-LYSINE          
30 A DLE 33 A DLE 84 ? LEU D-LEUCINE         
31 A DLE 34 A DLE 85 ? LEU D-LEUCINE         
32 A DAR 35 A DAR 86 ? ARG D-ARGININE        
33 A DSG 37 A DSG 88 ? ASN D-ASPARAGINE      
34 A DPR 39 A DPR 90 ? PRO D-PROLINE         
35 A DVA 40 A DVA 91 ? VAL D-VALINE          
36 A DPR 41 A DPR 92 ? PRO D-PROLINE         
37 A DPR 42 A DPR 93 ? PRO D-PROLINE         
38 A DPR 43 A DPR 94 ? PRO D-PROLINE         
39 B DGL 2  B DGL 2  ? GLU 'D-GLUTAMIC ACID' 
40 B DTR 3  B DTR 3  ? TRP D-TRYPTOPHAN      
41 B DGL 4  B DGL 4  ? GLU 'D-GLUTAMIC ACID' 
42 B DIL 5  B DIL 5  ? ILE D-ISOLEUCINE      
43 B DIL 6  B DIL 6  ? ILE D-ISOLEUCINE      
44 B DAS 7  B DAS 7  ? ASP 'D-ASPARTIC ACID' 
45 B DIL 8  B DIL 8  ? ILE D-ISOLEUCINE      
46 B DPR 10 B DPR 10 ? PRO D-PROLINE         
47 B DTH 12 B DTH 12 ? THR D-THREONINE       
48 B DGN 13 B DGN 13 ? GLN D-GLUTAMINE       
49 B DSG 14 B DSG 14 ? ASN D-ASPARAGINE      
50 B DLE 15 B DLE 15 ? LEU D-LEUCINE         
51 B DLY 17 B DLY 17 ? LYS D-LYSINE          
52 B DAL 19 B DAL 19 ? ALA D-ALANINE         
53 B DVA 20 B DVA 20 ? VAL D-VALINE          
54 B DAS 21 B DAS 21 ? ASP 'D-ASPARTIC ACID' 
55 B DGL 22 B DGL 22 ? GLU 'D-GLUTAMIC ACID' 
56 B DGL 23 B DGL 23 ? GLU 'D-GLUTAMIC ACID' 
57 B DSG 24 B DSG 24 ? ASN D-ASPARAGINE      
58 B DLY 25 B DLY 25 ? LYS D-LYSINE          
59 B DIL 26 B DIL 26 ? ILE D-ISOLEUCINE      
60 B DGN 28 B DGN 28 ? GLN D-GLUTAMINE       
61 B DTY 29 B DTY 29 ? TYR D-TYROSINE        
62 B DAR 31 B DAR 31 ? ARG D-ARGININE        
63 B DLE 32 B DLE 32 ? LEU D-LEUCINE         
64 B DTH 33 B DTH 33 ? THR D-THREONINE       
65 B DSG 35 B DSG 35 ? ASN D-ASPARAGINE      
66 B DLY 36 B DLY 36 ? LYS D-LYSINE          
67 B DVA 37 B DVA 37 ? VAL D-VALINE          
68 B DIL 38 B DIL 38 ? ILE D-ISOLEUCINE      
69 B DAR 39 B DAR 39 ? ARG D-ARGININE        
70 B DPR 40 B DPR 40 ? PRO D-PROLINE         
71 B DCY 41 B DCY 41 ? CYS D-CYSTEINE        
72 B MED 42 B MED 42 ? MET D-METHIONINE      
73 B DLY 43 B DLY 43 ? LYS D-LYSINE          
74 B DLY 44 B DLY 44 ? LYS D-LYSINE          
75 B DTH 45 B DTH 45 ? THR D-THREONINE       
76 B DIL 46 B DIL 46 ? ILE D-ISOLEUCINE      
77 B DTY 47 B DTY 47 ? TYR D-TYROSINE        
78 B DGL 48 B DGL 48 ? GLU 'D-GLUTAMIC ACID' 
# 
_pdbx_struct_special_symmetry.id              1 
_pdbx_struct_special_symmetry.PDB_model_num   1 
_pdbx_struct_special_symmetry.auth_asym_id    A 
_pdbx_struct_special_symmetry.auth_comp_id    HOH 
_pdbx_struct_special_symmetry.auth_seq_id     127 
_pdbx_struct_special_symmetry.PDB_ins_code    ? 
_pdbx_struct_special_symmetry.label_asym_id   C 
_pdbx_struct_special_symmetry.label_comp_id   HOH 
_pdbx_struct_special_symmetry.label_seq_id    . 
# 
_pdbx_database_remark.id     999 
_pdbx_database_remark.text   
;SEQUENCE
THE L-AMINO VERSION OF THE PROTEINS IN CHAINS A AND B 
CORRESPOND TO THE SEQUENCES IN UNP ENTRIES MONA_DIOCU
AND MONB_DIOCU RESPECTIVELY
;
# 
loop_
_chem_comp_atom.comp_id 
_chem_comp_atom.atom_id 
_chem_comp_atom.type_symbol 
_chem_comp_atom.pdbx_aromatic_flag 
_chem_comp_atom.pdbx_stereo_config 
_chem_comp_atom.pdbx_ordinal 
DAL N    N N N 1   
DAL CA   C N R 2   
DAL CB   C N N 3   
DAL C    C N N 4   
DAL O    O N N 5   
DAL OXT  O N N 6   
DAL H    H N N 7   
DAL H2   H N N 8   
DAL HA   H N N 9   
DAL HB1  H N N 10  
DAL HB2  H N N 11  
DAL HB3  H N N 12  
DAL HXT  H N N 13  
DAR N    N N N 14  
DAR CA   C N R 15  
DAR CB   C N N 16  
DAR CG   C N N 17  
DAR CD   C N N 18  
DAR NE   N N N 19  
DAR CZ   C N N 20  
DAR NH1  N N N 21  
DAR NH2  N N N 22  
DAR C    C N N 23  
DAR O    O N N 24  
DAR OXT  O N N 25  
DAR H    H N N 26  
DAR H2   H N N 27  
DAR HA   H N N 28  
DAR HB2  H N N 29  
DAR HB3  H N N 30  
DAR HG2  H N N 31  
DAR HG3  H N N 32  
DAR HD2  H N N 33  
DAR HD3  H N N 34  
DAR HE   H N N 35  
DAR HH11 H N N 36  
DAR HH12 H N N 37  
DAR HH21 H N N 38  
DAR HH22 H N N 39  
DAR HXT  H N N 40  
DAS N    N N N 41  
DAS CA   C N R 42  
DAS C    C N N 43  
DAS O    O N N 44  
DAS CB   C N N 45  
DAS CG   C N N 46  
DAS OD1  O N N 47  
DAS OD2  O N N 48  
DAS OXT  O N N 49  
DAS H    H N N 50  
DAS H2   H N N 51  
DAS HA   H N N 52  
DAS HB2  H N N 53  
DAS HB3  H N N 54  
DAS HD2  H N N 55  
DAS HXT  H N N 56  
DCY N    N N N 57  
DCY CA   C N S 58  
DCY C    C N N 59  
DCY O    O N N 60  
DCY CB   C N N 61  
DCY SG   S N N 62  
DCY OXT  O N N 63  
DCY H    H N N 64  
DCY H2   H N N 65  
DCY HA   H N N 66  
DCY HB2  H N N 67  
DCY HB3  H N N 68  
DCY HG   H N N 69  
DCY HXT  H N N 70  
DGL N    N N N 71  
DGL CA   C N R 72  
DGL C    C N N 73  
DGL O    O N N 74  
DGL CB   C N N 75  
DGL CG   C N N 76  
DGL CD   C N N 77  
DGL OE1  O N N 78  
DGL OE2  O N N 79  
DGL OXT  O N N 80  
DGL H    H N N 81  
DGL H2   H N N 82  
DGL HA   H N N 83  
DGL HB2  H N N 84  
DGL HB3  H N N 85  
DGL HG2  H N N 86  
DGL HG3  H N N 87  
DGL HE2  H N N 88  
DGL HXT  H N N 89  
DGN N    N N N 90  
DGN CA   C N R 91  
DGN C    C N N 92  
DGN O    O N N 93  
DGN OXT  O N N 94  
DGN CB   C N N 95  
DGN CG   C N N 96  
DGN CD   C N N 97  
DGN OE1  O N N 98  
DGN NE2  N N N 99  
DGN H    H N N 100 
DGN H2   H N N 101 
DGN HA   H N N 102 
DGN HXT  H N N 103 
DGN HB2  H N N 104 
DGN HB3  H N N 105 
DGN HG2  H N N 106 
DGN HG3  H N N 107 
DGN HE21 H N N 108 
DGN HE22 H N N 109 
DIL N    N N N 110 
DIL CA   C N R 111 
DIL C    C N N 112 
DIL O    O N N 113 
DIL CB   C N R 114 
DIL CG1  C N N 115 
DIL CG2  C N N 116 
DIL CD1  C N N 117 
DIL OXT  O N N 118 
DIL H    H N N 119 
DIL H2   H N N 120 
DIL HA   H N N 121 
DIL HB   H N N 122 
DIL HG12 H N N 123 
DIL HG13 H N N 124 
DIL HG21 H N N 125 
DIL HG22 H N N 126 
DIL HG23 H N N 127 
DIL HD11 H N N 128 
DIL HD12 H N N 129 
DIL HD13 H N N 130 
DIL HXT  H N N 131 
DLE N    N N N 132 
DLE CA   C N R 133 
DLE CB   C N N 134 
DLE CG   C N N 135 
DLE CD1  C N N 136 
DLE CD2  C N N 137 
DLE C    C N N 138 
DLE O    O N N 139 
DLE OXT  O N N 140 
DLE H    H N N 141 
DLE H2   H N N 142 
DLE HA   H N N 143 
DLE HB2  H N N 144 
DLE HB3  H N N 145 
DLE HG   H N N 146 
DLE HD11 H N N 147 
DLE HD12 H N N 148 
DLE HD13 H N N 149 
DLE HD21 H N N 150 
DLE HD22 H N N 151 
DLE HD23 H N N 152 
DLE HXT  H N N 153 
DLY N    N N N 154 
DLY CA   C N R 155 
DLY C    C N N 156 
DLY O    O N N 157 
DLY CB   C N N 158 
DLY CG   C N N 159 
DLY CD   C N N 160 
DLY CE   C N N 161 
DLY NZ   N N N 162 
DLY OXT  O N N 163 
DLY H    H N N 164 
DLY H2   H N N 165 
DLY HA   H N N 166 
DLY HB2  H N N 167 
DLY HB3  H N N 168 
DLY HG2  H N N 169 
DLY HG3  H N N 170 
DLY HD2  H N N 171 
DLY HD3  H N N 172 
DLY HE2  H N N 173 
DLY HE3  H N N 174 
DLY HZ1  H N N 175 
DLY HZ2  H N N 176 
DLY HXT  H N N 177 
DPN N    N N N 178 
DPN CA   C N R 179 
DPN C    C N N 180 
DPN O    O N N 181 
DPN OXT  O N N 182 
DPN CB   C N N 183 
DPN CG   C Y N 184 
DPN CD1  C Y N 185 
DPN CD2  C Y N 186 
DPN CE1  C Y N 187 
DPN CE2  C Y N 188 
DPN CZ   C Y N 189 
DPN H    H N N 190 
DPN H2   H N N 191 
DPN HA   H N N 192 
DPN HXT  H N N 193 
DPN HB2  H N N 194 
DPN HB3  H N N 195 
DPN HD1  H N N 196 
DPN HD2  H N N 197 
DPN HE1  H N N 198 
DPN HE2  H N N 199 
DPN HZ   H N N 200 
DPR N    N N N 201 
DPR CA   C N R 202 
DPR CB   C N N 203 
DPR CG   C N N 204 
DPR CD   C N N 205 
DPR C    C N N 206 
DPR O    O N N 207 
DPR OXT  O N N 208 
DPR H    H N N 209 
DPR HA   H N N 210 
DPR HB2  H N N 211 
DPR HB3  H N N 212 
DPR HG2  H N N 213 
DPR HG3  H N N 214 
DPR HD2  H N N 215 
DPR HD3  H N N 216 
DPR HXT  H N N 217 
DSG N    N N N 218 
DSG CA   C N R 219 
DSG C    C N N 220 
DSG O    O N N 221 
DSG CB   C N N 222 
DSG CG   C N N 223 
DSG OD1  O N N 224 
DSG ND2  N N N 225 
DSG OXT  O N N 226 
DSG H    H N N 227 
DSG H2   H N N 228 
DSG HA   H N N 229 
DSG HB2  H N N 230 
DSG HB3  H N N 231 
DSG HD21 H N N 232 
DSG HD22 H N N 233 
DSG HXT  H N N 234 
DSN N    N N N 235 
DSN CA   C N R 236 
DSN C    C N N 237 
DSN O    O N N 238 
DSN OXT  O N N 239 
DSN CB   C N N 240 
DSN OG   O N N 241 
DSN H    H N N 242 
DSN H2   H N N 243 
DSN HA   H N N 244 
DSN HXT  H N N 245 
DSN HB2  H N N 246 
DSN HB3  H N N 247 
DSN HG   H N N 248 
DTH N    N N N 249 
DTH CA   C N R 250 
DTH CB   C N S 251 
DTH CG2  C N N 252 
DTH OG1  O N N 253 
DTH C    C N N 254 
DTH O    O N N 255 
DTH OXT  O N N 256 
DTH H    H N N 257 
DTH H2   H N N 258 
DTH HA   H N N 259 
DTH HB   H N N 260 
DTH HG21 H N N 261 
DTH HG22 H N N 262 
DTH HG23 H N N 263 
DTH HG1  H N N 264 
DTH HXT  H N N 265 
DTR N    N N N 266 
DTR CA   C N R 267 
DTR CB   C N N 268 
DTR CG   C Y N 269 
DTR CD1  C Y N 270 
DTR NE1  N Y N 271 
DTR CE2  C Y N 272 
DTR CZ2  C Y N 273 
DTR CH2  C Y N 274 
DTR CZ3  C Y N 275 
DTR CE3  C Y N 276 
DTR CD2  C Y N 277 
DTR C    C N N 278 
DTR O    O N N 279 
DTR OXT  O N N 280 
DTR H    H N N 281 
DTR H2   H N N 282 
DTR HA   H N N 283 
DTR HB2  H N N 284 
DTR HB3  H N N 285 
DTR HD1  H N N 286 
DTR HE1  H N N 287 
DTR HZ2  H N N 288 
DTR HH2  H N N 289 
DTR HZ3  H N N 290 
DTR HE3  H N N 291 
DTR HXT  H N N 292 
DTY N    N N N 293 
DTY CA   C N R 294 
DTY C    C N N 295 
DTY O    O N N 296 
DTY CB   C N N 297 
DTY CG   C Y N 298 
DTY CD1  C Y N 299 
DTY CD2  C Y N 300 
DTY CE1  C Y N 301 
DTY CE2  C Y N 302 
DTY CZ   C Y N 303 
DTY OH   O N N 304 
DTY OXT  O N N 305 
DTY H    H N N 306 
DTY H2   H N N 307 
DTY HA   H N N 308 
DTY HB2  H N N 309 
DTY HB3  H N N 310 
DTY HD1  H N N 311 
DTY HD2  H N N 312 
DTY HE1  H N N 313 
DTY HE2  H N N 314 
DTY HH   H N N 315 
DTY HXT  H N N 316 
DVA N    N N N 317 
DVA CA   C N R 318 
DVA CB   C N N 319 
DVA CG1  C N N 320 
DVA CG2  C N N 321 
DVA C    C N N 322 
DVA O    O N N 323 
DVA OXT  O N N 324 
DVA H    H N N 325 
DVA H2   H N N 326 
DVA HA   H N N 327 
DVA HB   H N N 328 
DVA HG11 H N N 329 
DVA HG12 H N N 330 
DVA HG13 H N N 331 
DVA HG21 H N N 332 
DVA HG22 H N N 333 
DVA HG23 H N N 334 
DVA HXT  H N N 335 
GLY N    N N N 336 
GLY CA   C N N 337 
GLY C    C N N 338 
GLY O    O N N 339 
GLY OXT  O N N 340 
GLY H    H N N 341 
GLY H2   H N N 342 
GLY HA2  H N N 343 
GLY HA3  H N N 344 
GLY HXT  H N N 345 
HOH O    O N N 346 
HOH H1   H N N 347 
HOH H2   H N N 348 
MED N    N N N 349 
MED CA   C N R 350 
MED C    C N N 351 
MED O    O N N 352 
MED CB   C N N 353 
MED CG   C N N 354 
MED SD   S N N 355 
MED CE   C N N 356 
MED OXT  O N N 357 
MED H    H N N 358 
MED H2   H N N 359 
MED HA   H N N 360 
MED HB2  H N N 361 
MED HB3  H N N 362 
MED HG2  H N N 363 
MED HG3  H N N 364 
MED HE1  H N N 365 
MED HE2  H N N 366 
MED HE3  H N N 367 
MED HXT  H N N 368 
# 
loop_
_chem_comp_bond.comp_id 
_chem_comp_bond.atom_id_1 
_chem_comp_bond.atom_id_2 
_chem_comp_bond.value_order 
_chem_comp_bond.pdbx_aromatic_flag 
_chem_comp_bond.pdbx_stereo_config 
_chem_comp_bond.pdbx_ordinal 
DAL N   CA   sing N N 1   
DAL N   H    sing N N 2   
DAL N   H2   sing N N 3   
DAL CA  CB   sing N N 4   
DAL CA  C    sing N N 5   
DAL CA  HA   sing N N 6   
DAL CB  HB1  sing N N 7   
DAL CB  HB2  sing N N 8   
DAL CB  HB3  sing N N 9   
DAL C   O    doub N N 10  
DAL C   OXT  sing N N 11  
DAL OXT HXT  sing N N 12  
DAR N   CA   sing N N 13  
DAR N   H    sing N N 14  
DAR N   H2   sing N N 15  
DAR CA  CB   sing N N 16  
DAR CA  C    sing N N 17  
DAR CA  HA   sing N N 18  
DAR CB  CG   sing N N 19  
DAR CB  HB2  sing N N 20  
DAR CB  HB3  sing N N 21  
DAR CG  CD   sing N N 22  
DAR CG  HG2  sing N N 23  
DAR CG  HG3  sing N N 24  
DAR CD  NE   sing N N 25  
DAR CD  HD2  sing N N 26  
DAR CD  HD3  sing N N 27  
DAR NE  CZ   sing N N 28  
DAR NE  HE   sing N N 29  
DAR CZ  NH1  sing N N 30  
DAR CZ  NH2  doub N N 31  
DAR NH1 HH11 sing N N 32  
DAR NH1 HH12 sing N N 33  
DAR NH2 HH21 sing N N 34  
DAR NH2 HH22 sing N N 35  
DAR C   O    doub N N 36  
DAR C   OXT  sing N N 37  
DAR OXT HXT  sing N N 38  
DAS N   CA   sing N N 39  
DAS N   H    sing N N 40  
DAS N   H2   sing N N 41  
DAS CA  C    sing N N 42  
DAS CA  CB   sing N N 43  
DAS CA  HA   sing N N 44  
DAS C   O    doub N N 45  
DAS C   OXT  sing N N 46  
DAS CB  CG   sing N N 47  
DAS CB  HB2  sing N N 48  
DAS CB  HB3  sing N N 49  
DAS CG  OD1  doub N N 50  
DAS CG  OD2  sing N N 51  
DAS OD2 HD2  sing N N 52  
DAS OXT HXT  sing N N 53  
DCY N   CA   sing N N 54  
DCY N   H    sing N N 55  
DCY N   H2   sing N N 56  
DCY CA  C    sing N N 57  
DCY CA  CB   sing N N 58  
DCY CA  HA   sing N N 59  
DCY C   O    doub N N 60  
DCY C   OXT  sing N N 61  
DCY CB  SG   sing N N 62  
DCY CB  HB2  sing N N 63  
DCY CB  HB3  sing N N 64  
DCY SG  HG   sing N N 65  
DCY OXT HXT  sing N N 66  
DGL N   CA   sing N N 67  
DGL N   H    sing N N 68  
DGL N   H2   sing N N 69  
DGL CA  C    sing N N 70  
DGL CA  CB   sing N N 71  
DGL CA  HA   sing N N 72  
DGL C   O    doub N N 73  
DGL C   OXT  sing N N 74  
DGL CB  CG   sing N N 75  
DGL CB  HB2  sing N N 76  
DGL CB  HB3  sing N N 77  
DGL CG  CD   sing N N 78  
DGL CG  HG2  sing N N 79  
DGL CG  HG3  sing N N 80  
DGL CD  OE1  doub N N 81  
DGL CD  OE2  sing N N 82  
DGL OE2 HE2  sing N N 83  
DGL OXT HXT  sing N N 84  
DGN N   CA   sing N N 85  
DGN N   H    sing N N 86  
DGN N   H2   sing N N 87  
DGN CA  C    sing N N 88  
DGN CA  CB   sing N N 89  
DGN CA  HA   sing N N 90  
DGN C   O    doub N N 91  
DGN C   OXT  sing N N 92  
DGN OXT HXT  sing N N 93  
DGN CB  CG   sing N N 94  
DGN CB  HB2  sing N N 95  
DGN CB  HB3  sing N N 96  
DGN CG  CD   sing N N 97  
DGN CG  HG2  sing N N 98  
DGN CG  HG3  sing N N 99  
DGN CD  OE1  doub N N 100 
DGN CD  NE2  sing N N 101 
DGN NE2 HE21 sing N N 102 
DGN NE2 HE22 sing N N 103 
DIL N   CA   sing N N 104 
DIL N   H    sing N N 105 
DIL N   H2   sing N N 106 
DIL CA  C    sing N N 107 
DIL CA  CB   sing N N 108 
DIL CA  HA   sing N N 109 
DIL C   O    doub N N 110 
DIL C   OXT  sing N N 111 
DIL CB  CG1  sing N N 112 
DIL CB  CG2  sing N N 113 
DIL CB  HB   sing N N 114 
DIL CG1 CD1  sing N N 115 
DIL CG1 HG12 sing N N 116 
DIL CG1 HG13 sing N N 117 
DIL CG2 HG21 sing N N 118 
DIL CG2 HG22 sing N N 119 
DIL CG2 HG23 sing N N 120 
DIL CD1 HD11 sing N N 121 
DIL CD1 HD12 sing N N 122 
DIL CD1 HD13 sing N N 123 
DIL OXT HXT  sing N N 124 
DLE N   CA   sing N N 125 
DLE N   H    sing N N 126 
DLE N   H2   sing N N 127 
DLE CA  CB   sing N N 128 
DLE CA  C    sing N N 129 
DLE CA  HA   sing N N 130 
DLE CB  CG   sing N N 131 
DLE CB  HB2  sing N N 132 
DLE CB  HB3  sing N N 133 
DLE CG  CD1  sing N N 134 
DLE CG  CD2  sing N N 135 
DLE CG  HG   sing N N 136 
DLE CD1 HD11 sing N N 137 
DLE CD1 HD12 sing N N 138 
DLE CD1 HD13 sing N N 139 
DLE CD2 HD21 sing N N 140 
DLE CD2 HD22 sing N N 141 
DLE CD2 HD23 sing N N 142 
DLE C   O    doub N N 143 
DLE C   OXT  sing N N 144 
DLE OXT HXT  sing N N 145 
DLY N   CA   sing N N 146 
DLY N   H    sing N N 147 
DLY N   H2   sing N N 148 
DLY CA  C    sing N N 149 
DLY CA  CB   sing N N 150 
DLY CA  HA   sing N N 151 
DLY C   O    doub N N 152 
DLY C   OXT  sing N N 153 
DLY CB  CG   sing N N 154 
DLY CB  HB2  sing N N 155 
DLY CB  HB3  sing N N 156 
DLY CG  CD   sing N N 157 
DLY CG  HG2  sing N N 158 
DLY CG  HG3  sing N N 159 
DLY CD  CE   sing N N 160 
DLY CD  HD2  sing N N 161 
DLY CD  HD3  sing N N 162 
DLY CE  NZ   sing N N 163 
DLY CE  HE2  sing N N 164 
DLY CE  HE3  sing N N 165 
DLY NZ  HZ1  sing N N 166 
DLY NZ  HZ2  sing N N 167 
DLY OXT HXT  sing N N 168 
DPN N   CA   sing N N 169 
DPN N   H    sing N N 170 
DPN N   H2   sing N N 171 
DPN CA  C    sing N N 172 
DPN CA  CB   sing N N 173 
DPN CA  HA   sing N N 174 
DPN C   O    doub N N 175 
DPN C   OXT  sing N N 176 
DPN OXT HXT  sing N N 177 
DPN CB  CG   sing N N 178 
DPN CB  HB2  sing N N 179 
DPN CB  HB3  sing N N 180 
DPN CG  CD1  doub Y N 181 
DPN CG  CD2  sing Y N 182 
DPN CD1 CE1  sing Y N 183 
DPN CD1 HD1  sing N N 184 
DPN CD2 CE2  doub Y N 185 
DPN CD2 HD2  sing N N 186 
DPN CE1 CZ   doub Y N 187 
DPN CE1 HE1  sing N N 188 
DPN CE2 CZ   sing Y N 189 
DPN CE2 HE2  sing N N 190 
DPN CZ  HZ   sing N N 191 
DPR N   CA   sing N N 192 
DPR N   CD   sing N N 193 
DPR N   H    sing N N 194 
DPR CA  CB   sing N N 195 
DPR CA  C    sing N N 196 
DPR CA  HA   sing N N 197 
DPR CB  CG   sing N N 198 
DPR CB  HB2  sing N N 199 
DPR CB  HB3  sing N N 200 
DPR CG  CD   sing N N 201 
DPR CG  HG2  sing N N 202 
DPR CG  HG3  sing N N 203 
DPR CD  HD2  sing N N 204 
DPR CD  HD3  sing N N 205 
DPR C   O    doub N N 206 
DPR C   OXT  sing N N 207 
DPR OXT HXT  sing N N 208 
DSG N   CA   sing N N 209 
DSG N   H    sing N N 210 
DSG N   H2   sing N N 211 
DSG CA  C    sing N N 212 
DSG CA  CB   sing N N 213 
DSG CA  HA   sing N N 214 
DSG C   O    doub N N 215 
DSG C   OXT  sing N N 216 
DSG CB  CG   sing N N 217 
DSG CB  HB2  sing N N 218 
DSG CB  HB3  sing N N 219 
DSG CG  OD1  doub N N 220 
DSG CG  ND2  sing N N 221 
DSG ND2 HD21 sing N N 222 
DSG ND2 HD22 sing N N 223 
DSG OXT HXT  sing N N 224 
DSN N   CA   sing N N 225 
DSN N   H    sing N N 226 
DSN N   H2   sing N N 227 
DSN CA  C    sing N N 228 
DSN CA  CB   sing N N 229 
DSN CA  HA   sing N N 230 
DSN C   O    doub N N 231 
DSN C   OXT  sing N N 232 
DSN OXT HXT  sing N N 233 
DSN CB  OG   sing N N 234 
DSN CB  HB2  sing N N 235 
DSN CB  HB3  sing N N 236 
DSN OG  HG   sing N N 237 
DTH N   CA   sing N N 238 
DTH N   H    sing N N 239 
DTH N   H2   sing N N 240 
DTH CA  CB   sing N N 241 
DTH CA  C    sing N N 242 
DTH CA  HA   sing N N 243 
DTH CB  CG2  sing N N 244 
DTH CB  OG1  sing N N 245 
DTH CB  HB   sing N N 246 
DTH CG2 HG21 sing N N 247 
DTH CG2 HG22 sing N N 248 
DTH CG2 HG23 sing N N 249 
DTH OG1 HG1  sing N N 250 
DTH C   O    doub N N 251 
DTH C   OXT  sing N N 252 
DTH OXT HXT  sing N N 253 
DTR N   CA   sing N N 254 
DTR N   H    sing N N 255 
DTR N   H2   sing N N 256 
DTR CA  CB   sing N N 257 
DTR CA  C    sing N N 258 
DTR CA  HA   sing N N 259 
DTR CB  CG   sing N N 260 
DTR CB  HB2  sing N N 261 
DTR CB  HB3  sing N N 262 
DTR CG  CD1  doub Y N 263 
DTR CG  CD2  sing Y N 264 
DTR CD1 NE1  sing Y N 265 
DTR CD1 HD1  sing N N 266 
DTR NE1 CE2  sing Y N 267 
DTR NE1 HE1  sing N N 268 
DTR CE2 CZ2  doub Y N 269 
DTR CE2 CD2  sing Y N 270 
DTR CZ2 CH2  sing Y N 271 
DTR CZ2 HZ2  sing N N 272 
DTR CH2 CZ3  doub Y N 273 
DTR CH2 HH2  sing N N 274 
DTR CZ3 CE3  sing Y N 275 
DTR CZ3 HZ3  sing N N 276 
DTR CE3 CD2  doub Y N 277 
DTR CE3 HE3  sing N N 278 
DTR C   O    doub N N 279 
DTR C   OXT  sing N N 280 
DTR OXT HXT  sing N N 281 
DTY N   CA   sing N N 282 
DTY N   H    sing N N 283 
DTY N   H2   sing N N 284 
DTY CA  C    sing N N 285 
DTY CA  CB   sing N N 286 
DTY CA  HA   sing N N 287 
DTY C   O    doub N N 288 
DTY C   OXT  sing N N 289 
DTY CB  CG   sing N N 290 
DTY CB  HB2  sing N N 291 
DTY CB  HB3  sing N N 292 
DTY CG  CD1  doub Y N 293 
DTY CG  CD2  sing Y N 294 
DTY CD1 CE1  sing Y N 295 
DTY CD1 HD1  sing N N 296 
DTY CD2 CE2  doub Y N 297 
DTY CD2 HD2  sing N N 298 
DTY CE1 CZ   doub Y N 299 
DTY CE1 HE1  sing N N 300 
DTY CE2 CZ   sing Y N 301 
DTY CE2 HE2  sing N N 302 
DTY CZ  OH   sing N N 303 
DTY OH  HH   sing N N 304 
DTY OXT HXT  sing N N 305 
DVA N   CA   sing N N 306 
DVA N   H    sing N N 307 
DVA N   H2   sing N N 308 
DVA CA  CB   sing N N 309 
DVA CA  C    sing N N 310 
DVA CA  HA   sing N N 311 
DVA CB  CG1  sing N N 312 
DVA CB  CG2  sing N N 313 
DVA CB  HB   sing N N 314 
DVA CG1 HG11 sing N N 315 
DVA CG1 HG12 sing N N 316 
DVA CG1 HG13 sing N N 317 
DVA CG2 HG21 sing N N 318 
DVA CG2 HG22 sing N N 319 
DVA CG2 HG23 sing N N 320 
DVA C   O    doub N N 321 
DVA C   OXT  sing N N 322 
DVA OXT HXT  sing N N 323 
GLY N   CA   sing N N 324 
GLY N   H    sing N N 325 
GLY N   H2   sing N N 326 
GLY CA  C    sing N N 327 
GLY CA  HA2  sing N N 328 
GLY CA  HA3  sing N N 329 
GLY C   O    doub N N 330 
GLY C   OXT  sing N N 331 
GLY OXT HXT  sing N N 332 
HOH O   H1   sing N N 333 
HOH O   H2   sing N N 334 
MED N   CA   sing N N 335 
MED N   H    sing N N 336 
MED N   H2   sing N N 337 
MED CA  C    sing N N 338 
MED CA  CB   sing N N 339 
MED CA  HA   sing N N 340 
MED C   O    doub N N 341 
MED C   OXT  sing N N 342 
MED CB  CG   sing N N 343 
MED CB  HB2  sing N N 344 
MED CB  HB3  sing N N 345 
MED CG  SD   sing N N 346 
MED CG  HG2  sing N N 347 
MED CG  HG3  sing N N 348 
MED SD  CE   sing N N 349 
MED CE  HE1  sing N N 350 
MED CE  HE2  sing N N 351 
MED CE  HE3  sing N N 352 
MED OXT HXT  sing N N 353 
# 
_atom_sites.entry_id                    2Q33 
_atom_sites.fract_transf_matrix[1][1]   -0.01657699 
_atom_sites.fract_transf_matrix[1][2]   0.01829253 
_atom_sites.fract_transf_matrix[1][3]   0.00343226 
_atom_sites.fract_transf_matrix[2][1]   -0.01438717 
_atom_sites.fract_transf_matrix[2][2]   -0.00826799 
_atom_sites.fract_transf_matrix[2][3]   -0.02542160 
_atom_sites.fract_transf_matrix[3][1]   -0.01594714 
_atom_sites.fract_transf_matrix[3][2]   -0.01302877 
_atom_sites.fract_transf_matrix[3][3]   0.01326258 
_atom_sites.fract_transf_vector[1]      -0.346682 
_atom_sites.fract_transf_vector[2]      0.016307 
_atom_sites.fract_transf_vector[3]      -0.300212 
# 
loop_
_atom_type.symbol 
C 
N 
O 
S 
# 
loop_
_atom_site.group_PDB 
_atom_site.id 
_atom_site.type_symbol 
_atom_site.label_atom_id 
_atom_site.label_alt_id 
_atom_site.label_comp_id 
_atom_site.label_asym_id 
_atom_site.label_entity_id 
_atom_site.label_seq_id 
_atom_site.pdbx_PDB_ins_code 
_atom_site.Cartn_x 
_atom_site.Cartn_y 
_atom_site.Cartn_z 
_atom_site.occupancy 
_atom_site.B_iso_or_equiv 
_atom_site.pdbx_formal_charge 
_atom_site.auth_seq_id 
_atom_site.auth_comp_id 
_atom_site.auth_asym_id 
_atom_site.auth_atom_id 
_atom_site.pdbx_PDB_model_num 
HETATM 1   N N   . DGL A 1 1  ? 12.066  -17.985 9.906   1.00 62.00 ? 52  DGL A N   1 
HETATM 2   C CA  . DGL A 1 1  ? 12.801  -16.723 9.817   1.00 60.29 ? 52  DGL A CA  1 
HETATM 3   C C   . DGL A 1 1  ? 12.054  -15.613 9.067   1.00 55.23 ? 52  DGL A C   1 
HETATM 4   O O   . DGL A 1 1  ? 12.603  -15.027 8.141   1.00 52.64 ? 52  DGL A O   1 
HETATM 5   C CB  . DGL A 1 1  ? 13.212  -16.230 11.214  1.00 65.42 ? 52  DGL A CB  1 
HETATM 6   C CG  . DGL A 1 1  ? 14.550  -16.768 11.731  1.00 69.79 ? 52  DGL A CG  1 
HETATM 7   C CD  . DGL A 1 1  ? 15.763  -16.031 11.163  1.00 72.15 ? 52  DGL A CD  1 
HETATM 8   O OE1 . DGL A 1 1  ? 15.810  -14.783 11.246  1.00 71.48 ? 52  DGL A OE1 1 
HETATM 9   O OE2 . DGL A 1 1  ? 16.682  -16.709 10.649  1.00 74.16 ? 52  DGL A OE2 1 
HETATM 10  N N   . DIL A 1 2  ? 10.820  -15.313 9.478   1.00 49.79 ? 53  DIL A N   1 
HETATM 11  C CA  . DIL A 1 2  ? 10.024  -14.265 8.821   1.00 44.37 ? 53  DIL A CA  1 
HETATM 12  C C   . DIL A 1 2  ? 9.348   -14.742 7.534   1.00 37.94 ? 53  DIL A C   1 
HETATM 13  O O   . DIL A 1 2  ? 8.536   -15.668 7.548   1.00 38.18 ? 53  DIL A O   1 
HETATM 14  C CB  . DIL A 1 2  ? 8.916   -13.715 9.732   1.00 45.71 ? 53  DIL A CB  1 
HETATM 15  C CG1 . DIL A 1 2  ? 9.458   -13.421 11.130  1.00 44.60 ? 53  DIL A CG1 1 
HETATM 16  C CG2 . DIL A 1 2  ? 8.340   -12.430 9.119   1.00 46.50 ? 53  DIL A CG2 1 
HETATM 17  C CD1 . DIL A 1 2  ? 8.378   -12.976 12.092  1.00 42.67 ? 53  DIL A CD1 1 
HETATM 18  N N   . DLY A 1 3  ? 9.696   -14.118 6.419   1.00 32.15 ? 54  DLY A N   1 
HETATM 19  C CA  . DLY A 1 3  ? 9.110   -14.489 5.149   1.00 29.05 ? 54  DLY A CA  1 
HETATM 20  C C   . DLY A 1 3  ? 7.820   -13.687 4.910   1.00 28.37 ? 54  DLY A C   1 
HETATM 21  O O   . DLY A 1 3  ? 6.789   -14.246 4.503   1.00 25.03 ? 54  DLY A O   1 
HETATM 22  C CB  . DLY A 1 3  ? 10.131  -14.280 4.022   1.00 32.79 ? 54  DLY A CB  1 
HETATM 23  C CG  . DLY A 1 3  ? 9.572   -14.418 2.605   1.00 38.37 ? 54  DLY A CG  1 
HETATM 24  C CD  . DLY A 1 3  ? 10.629  -14.888 1.631   1.00 42.80 ? 54  DLY A CD  1 
HETATM 25  C CE  . DLY A 1 3  ? 11.003  -16.333 1.929   1.00 51.28 ? 54  DLY A CE  1 
HETATM 26  N NZ  . DLY A 1 3  ? 12.262  -16.799 1.246   1.00 58.35 ? 54  DLY A NZ  1 
ATOM   27  N N   . GLY A 1 4  ? 7.861   -12.391 5.211   1.00 26.43 ? 55  GLY A N   1 
ATOM   28  C CA  . GLY A 1 4  ? 6.692   -11.557 4.997   1.00 24.80 ? 55  GLY A CA  1 
ATOM   29  C C   . GLY A 1 4  ? 6.883   -10.107 5.386   1.00 23.50 ? 55  GLY A C   1 
ATOM   30  O O   . GLY A 1 4  ? 7.820   -9.759  6.101   1.00 22.90 ? 55  GLY A O   1 
HETATM 31  N N   . DTY A 1 5  ? 5.987   -9.255  4.921   1.00 22.03 ? 56  DTY A N   1 
HETATM 32  C CA  . DTY A 1 5  ? 6.062   -7.840  5.242   1.00 20.97 ? 56  DTY A CA  1 
HETATM 33  C C   . DTY A 1 5  ? 5.901   -7.065  3.968   1.00 18.71 ? 56  DTY A C   1 
HETATM 34  O O   . DTY A 1 5  ? 5.432   -7.595  2.950   1.00 13.88 ? 56  DTY A O   1 
HETATM 35  C CB  . DTY A 1 5  ? 4.915   -7.399  6.164   1.00 22.08 ? 56  DTY A CB  1 
HETATM 36  C CG  . DTY A 1 5  ? 4.676   -8.282  7.355   1.00 26.23 ? 56  DTY A CG  1 
HETATM 37  C CD1 . DTY A 1 5  ? 3.545   -9.091  7.421   1.00 29.90 ? 56  DTY A CD1 1 
HETATM 38  C CD2 . DTY A 1 5  ? 5.570   -8.310  8.414   1.00 29.35 ? 56  DTY A CD2 1 
HETATM 39  C CE1 . DTY A 1 5  ? 3.307   -9.904  8.503   1.00 32.51 ? 56  DTY A CE1 1 
HETATM 40  C CE2 . DTY A 1 5  ? 5.341   -9.126  9.516   1.00 32.83 ? 56  DTY A CE2 1 
HETATM 41  C CZ  . DTY A 1 5  ? 4.204   -9.918  9.554   1.00 35.28 ? 56  DTY A CZ  1 
HETATM 42  O OH  . DTY A 1 5  ? 3.944   -10.700 10.663  1.00 38.90 ? 56  DTY A OH  1 
HETATM 43  N N   . DGL A 1 6  ? 6.298   -5.799  4.046   1.00 16.42 ? 57  DGL A N   1 
HETATM 44  C CA  . DGL A 1 6  ? 6.160   -4.879  2.949   1.00 16.22 ? 57  DGL A CA  1 
HETATM 45  C C   . DGL A 1 6  ? 5.641   -3.570  3.552   1.00 16.34 ? 57  DGL A C   1 
HETATM 46  O O   . DGL A 1 6  ? 6.084   -3.157  4.638   1.00 15.42 ? 57  DGL A O   1 
HETATM 47  C CB  . DGL A 1 6  ? 7.497   -4.678  2.272   1.00 19.26 ? 57  DGL A CB  1 
HETATM 48  C CG  . DGL A 1 6  ? 7.360   -4.595  0.798   1.00 25.68 ? 57  DGL A CG  1 
HETATM 49  C CD  . DGL A 1 6  ? 8.696   -4.608  0.125   1.00 28.98 ? 57  DGL A CD  1 
HETATM 50  O OE1 . DGL A 1 6  ? 9.319   -3.534  0.070   1.00 30.78 ? 57  DGL A OE1 1 
HETATM 51  O OE2 . DGL A 1 6  ? 9.125   -5.694  -0.320  1.00 29.73 ? 57  DGL A OE2 1 
HETATM 52  N N   . DTY A 1 7  ? 4.659   -2.961  2.893   1.00 14.52 ? 58  DTY A N   1 
HETATM 53  C CA  . DTY A 1 7  ? 4.091   -1.709  3.368   1.00 14.40 ? 58  DTY A CA  1 
HETATM 54  C C   . DTY A 1 7  ? 4.234   -0.639  2.305   1.00 15.92 ? 58  DTY A C   1 
HETATM 55  O O   . DTY A 1 7  ? 4.085   -0.908  1.106   1.00 16.40 ? 58  DTY A O   1 
HETATM 56  C CB  . DTY A 1 7  ? 2.609   -1.860  3.707   1.00 11.88 ? 58  DTY A CB  1 
HETATM 57  C CG  . DTY A 1 7  ? 2.271   -2.991  4.645   1.00 15.42 ? 58  DTY A CG  1 
HETATM 58  C CD1 . DTY A 1 7  ? 2.008   -4.253  4.154   1.00 16.39 ? 58  DTY A CD1 1 
HETATM 59  C CD2 . DTY A 1 7  ? 2.163   -2.784  6.012   1.00 17.80 ? 58  DTY A CD2 1 
HETATM 60  C CE1 . DTY A 1 7  ? 1.644   -5.276  4.984   1.00 18.23 ? 58  DTY A CE1 1 
HETATM 61  C CE2 . DTY A 1 7  ? 1.795   -3.809  6.862   1.00 18.06 ? 58  DTY A CE2 1 
HETATM 62  C CZ  . DTY A 1 7  ? 1.536   -5.057  6.336   1.00 22.96 ? 58  DTY A CZ  1 
HETATM 63  O OH  . DTY A 1 7  ? 1.174   -6.113  7.150   1.00 28.43 ? 58  DTY A OH  1 
HETATM 64  N N   . DGN A 1 8  ? 4.596   0.557   2.743   1.00 15.55 ? 59  DGN A N   1 
HETATM 65  C CA  . DGN A 1 8  ? 4.730   1.708   1.862   1.00 16.51 ? 59  DGN A CA  1 
HETATM 66  C C   . DGN A 1 8  ? 3.603   2.650   2.274   1.00 16.41 ? 59  DGN A C   1 
HETATM 67  O O   . DGN A 1 8  ? 3.574   3.124   3.422   1.00 12.83 ? 59  DGN A O   1 
HETATM 68  C CB  . DGN A 1 8  ? 6.064   2.401   2.076   1.00 20.33 ? 59  DGN A CB  1 
HETATM 69  C CG  . DGN A 1 8  ? 7.250   1.651   1.564   1.00 23.80 ? 59  DGN A CG  1 
HETATM 70  C CD  . DGN A 1 8  ? 8.437   2.563   1.420   1.00 28.79 ? 59  DGN A CD  1 
HETATM 71  O OE1 . DGN A 1 8  ? 8.436   3.685   1.940   1.00 28.46 ? 59  DGN A OE1 1 
HETATM 72  N NE2 . DGN A 1 8  ? 9.441   2.117   0.671   1.00 33.10 ? 59  DGN A NE2 1 
HETATM 73  N N   . DLE A 1 9  ? 2.697   2.922   1.339   1.00 14.21 ? 60  DLE A N   1 
HETATM 74  C CA  . DLE A 1 9  ? 1.537   3.765   1.607   1.00 14.97 ? 60  DLE A CA  1 
HETATM 75  C CB  . DLE A 1 9  ? 0.236   3.004   1.338   1.00 18.33 ? 60  DLE A CB  1 
HETATM 76  C CG  . DLE A 1 9  ? -0.052  1.594   1.821   1.00 23.74 ? 60  DLE A CG  1 
HETATM 77  C CD1 . DLE A 1 9  ? -1.484  1.272   1.434   1.00 23.73 ? 60  DLE A CD1 1 
HETATM 78  C CD2 . DLE A 1 9  ? 0.127   1.497   3.313   1.00 26.28 ? 60  DLE A CD2 1 
HETATM 79  C C   . DLE A 1 9  ? 1.426   4.988   0.733   1.00 15.11 ? 60  DLE A C   1 
HETATM 80  O O   . DLE A 1 9  ? 1.905   5.001   -0.401  1.00 15.81 ? 60  DLE A O   1 
HETATM 81  N N   . DTY A 1 10 ? 0.731   5.985   1.269   1.00 13.97 ? 61  DTY A N   1 
HETATM 82  C CA  . DTY A 1 10 ? 0.392   7.197   0.556   1.00 15.20 ? 61  DTY A CA  1 
HETATM 83  C C   . DTY A 1 10 ? -1.126  7.056   0.498   1.00 14.94 ? 61  DTY A C   1 
HETATM 84  O O   . DTY A 1 10 ? -1.813  7.071   1.526   1.00 15.28 ? 61  DTY A O   1 
HETATM 85  C CB  . DTY A 1 10 ? 0.808   8.433   1.332   1.00 17.06 ? 61  DTY A CB  1 
HETATM 86  C CG  . DTY A 1 10 ? 2.223   8.874   1.020   1.00 16.01 ? 61  DTY A CG  1 
HETATM 87  C CD1 . DTY A 1 10 ? 2.492   9.621   -0.105  1.00 18.81 ? 61  DTY A CD1 1 
HETATM 88  C CD2 . DTY A 1 10 ? 3.261   8.621   1.898   1.00 18.57 ? 61  DTY A CD2 1 
HETATM 89  C CE1 . DTY A 1 10 ? 3.741   10.116  -0.341  1.00 20.77 ? 61  DTY A CE1 1 
HETATM 90  C CE2 . DTY A 1 10 ? 4.518   9.111   1.672   1.00 16.80 ? 61  DTY A CE2 1 
HETATM 91  C CZ  . DTY A 1 10 ? 4.748   9.867   0.558   1.00 22.70 ? 61  DTY A CZ  1 
HETATM 92  O OH  . DTY A 1 10 ? 5.973   10.469  0.380   1.00 28.00 ? 61  DTY A OH  1 
HETATM 93  N N   . DVA A 1 11 ? -1.638  6.891   -0.712  1.00 16.31 ? 62  DVA A N   1 
HETATM 94  C CA  . DVA A 1 11 ? -3.052  6.643   -0.938  1.00 17.03 ? 62  DVA A CA  1 
HETATM 95  C CB  . DVA A 1 11 ? -3.228  5.283   -1.721  1.00 18.09 ? 62  DVA A CB  1 
HETATM 96  C CG1 . DVA A 1 11 ? -4.718  4.919   -1.877  1.00 20.30 ? 62  DVA A CG1 1 
HETATM 97  C CG2 . DVA A 1 11 ? -2.491  4.173   -1.016  1.00 22.85 ? 62  DVA A CG2 1 
HETATM 98  C C   . DVA A 1 11 ? -3.740  7.705   -1.770  1.00 15.62 ? 62  DVA A C   1 
HETATM 99  O O   . DVA A 1 11 ? -3.233  8.077   -2.819  1.00 14.43 ? 62  DVA A O   1 
HETATM 100 N N   . DTY A 1 12 ? -4.888  8.179   -1.288  1.00 17.74 ? 63  DTY A N   1 
HETATM 101 C CA  . DTY A 1 12 ? -5.712  9.137   -2.015  1.00 18.01 ? 63  DTY A CA  1 
HETATM 102 C C   . DTY A 1 12 ? -6.737  8.301   -2.743  1.00 16.55 ? 63  DTY A C   1 
HETATM 103 O O   . DTY A 1 12 ? -7.476  7.515   -2.123  1.00 16.66 ? 63  DTY A O   1 
HETATM 104 C CB  . DTY A 1 12 ? -6.446  10.113  -1.080  1.00 21.21 ? 63  DTY A CB  1 
HETATM 105 C CG  . DTY A 1 12 ? -5.695  11.388  -0.836  1.00 21.41 ? 63  DTY A CG  1 
HETATM 106 C CD1 . DTY A 1 12 ? -5.094  11.631  0.384   1.00 22.14 ? 63  DTY A CD1 1 
HETATM 107 C CD2 . DTY A 1 12 ? -5.554  12.338  -1.846  1.00 24.98 ? 63  DTY A CD2 1 
HETATM 108 C CE1 . DTY A 1 12 ? -4.369  12.785  0.607   1.00 25.10 ? 63  DTY A CE1 1 
HETATM 109 C CE2 . DTY A 1 12 ? -4.825  13.502  -1.638  1.00 25.98 ? 63  DTY A CE2 1 
HETATM 110 C CZ  . DTY A 1 12 ? -4.233  13.717  -0.403  1.00 26.66 ? 63  DTY A CZ  1 
HETATM 111 O OH  . DTY A 1 12 ? -3.502  14.856  -0.169  1.00 26.72 ? 63  DTY A OH  1 
HETATM 112 N N   . DAL A 1 13 ? -6.714  8.413   -4.063  1.00 16.06 ? 64  DAL A N   1 
HETATM 113 C CA  . DAL A 1 13 ? -7.632  7.712   -4.941  1.00 15.99 ? 64  DAL A CA  1 
HETATM 114 C CB  . DAL A 1 13 ? -6.934  6.535   -5.611  1.00 14.45 ? 64  DAL A CB  1 
HETATM 115 C C   . DAL A 1 13 ? -8.084  8.745   -5.977  1.00 16.62 ? 64  DAL A C   1 
HETATM 116 O O   . DAL A 1 13 ? -7.255  9.393   -6.641  1.00 14.98 ? 64  DAL A O   1 
HETATM 117 N N   . DSN A 1 14 ? -9.399  8.923   -6.085  1.00 18.57 ? 65  DSN A N   1 
HETATM 118 C CA  . DSN A 1 14 ? -9.963  9.883   -7.024  1.00 18.97 ? 65  DSN A CA  1 
HETATM 119 C C   . DSN A 1 14 ? -9.347  11.270  -6.822  1.00 17.78 ? 65  DSN A C   1 
HETATM 120 O O   . DSN A 1 14 ? -9.016  11.978  -7.781  1.00 17.34 ? 65  DSN A O   1 
HETATM 121 C CB  . DSN A 1 14 ? -9.791  9.384   -8.455  1.00 19.86 ? 65  DSN A CB  1 
HETATM 122 O OG  . DSN A 1 14 ? -10.592 8.232   -8.646  1.00 21.04 ? 65  DSN A OG  1 
HETATM 123 N N   . DAS A 1 15 ? -9.151  11.594  -5.543  1.00 18.61 ? 66  DAS A N   1 
HETATM 124 C CA  . DAS A 1 15 ? -8.603  12.870  -5.069  1.00 21.20 ? 66  DAS A CA  1 
HETATM 125 C C   . DAS A 1 15 ? -7.203  13.251  -5.517  1.00 22.31 ? 66  DAS A C   1 
HETATM 126 O O   . DAS A 1 15 ? -6.859  14.433  -5.535  1.00 24.89 ? 66  DAS A O   1 
HETATM 127 C CB  . DAS A 1 15 ? -9.581  14.000  -5.380  1.00 23.56 ? 66  DAS A CB  1 
HETATM 128 C CG  . DAS A 1 15 ? -10.966 13.695  -4.899  1.00 27.08 ? 66  DAS A CG  1 
HETATM 129 O OD1 . DAS A 1 15 ? -11.146 13.508  -3.680  1.00 29.54 ? 66  DAS A OD1 1 
HETATM 130 O OD2 . DAS A 1 15 ? -11.865 13.590  -5.746  1.00 30.11 ? 66  DAS A OD2 1 
HETATM 131 N N   . DLY A 1 16 ? -6.397  12.259  -5.873  1.00 18.90 ? 67  DLY A N   1 
HETATM 132 C CA  . DLY A 1 16 ? -5.026  12.476  -6.292  1.00 18.58 ? 67  DLY A CA  1 
HETATM 133 C C   . DLY A 1 16 ? -4.228  11.609  -5.358  1.00 18.30 ? 67  DLY A C   1 
HETATM 134 O O   . DLY A 1 16 ? -4.705  10.561  -4.922  1.00 18.29 ? 67  DLY A O   1 
HETATM 135 C CB  . DLY A 1 16 ? -4.808  12.009  -7.720  1.00 20.98 ? 67  DLY A CB  1 
HETATM 136 C CG  . DLY A 1 16 ? -5.644  12.750  -8.760  1.00 27.06 ? 67  DLY A CG  1 
HETATM 137 C CD  . DLY A 1 16 ? -5.691  11.903  -10.029 1.00 35.27 ? 67  DLY A CD  1 
HETATM 138 C CE  . DLY A 1 16 ? -6.560  12.499  -11.127 1.00 41.17 ? 67  DLY A CE  1 
HETATM 139 N NZ  . DLY A 1 16 ? -5.850  13.541  -11.937 1.00 44.09 ? 67  DLY A NZ  1 
HETATM 140 N N   . DLE A 1 17 ? -3.023  12.036  -5.028  1.00 17.41 ? 68  DLE A N   1 
HETATM 141 C CA  . DLE A 1 17 ? -2.178  11.280  -4.106  1.00 16.55 ? 68  DLE A CA  1 
HETATM 142 C CB  . DLE A 1 17 ? -1.416  12.254  -3.221  1.00 18.16 ? 68  DLE A CB  1 
HETATM 143 C CG  . DLE A 1 17 ? -0.610  11.617  -2.099  1.00 20.35 ? 68  DLE A CG  1 
HETATM 144 C CD1 . DLE A 1 17 ? -1.550  10.896  -1.098  1.00 12.80 ? 68  DLE A CD1 1 
HETATM 145 C CD2 . DLE A 1 17 ? 0.205   12.729  -1.439  1.00 21.07 ? 68  DLE A CD2 1 
HETATM 146 C C   . DLE A 1 17 ? -1.206  10.340  -4.836  1.00 16.99 ? 68  DLE A C   1 
HETATM 147 O O   . DLE A 1 17 ? -0.520  10.759  -5.776  1.00 15.59 ? 68  DLE A O   1 
HETATM 148 N N   . DPN A 1 18 ? -1.186  9.070   -4.421  1.00 15.62 ? 69  DPN A N   1 
HETATM 149 C CA  . DPN A 1 18 ? -0.329  8.041   -5.010  1.00 17.24 ? 69  DPN A CA  1 
HETATM 150 C C   . DPN A 1 18 ? 0.513   7.305   -3.960  1.00 15.41 ? 69  DPN A C   1 
HETATM 151 O O   . DPN A 1 18 ? 0.199   7.295   -2.770  1.00 15.11 ? 69  DPN A O   1 
HETATM 152 C CB  . DPN A 1 18 ? -1.171  6.984   -5.737  1.00 15.92 ? 69  DPN A CB  1 
HETATM 153 C CG  . DPN A 1 18 ? -2.008  7.530   -6.847  1.00 16.84 ? 69  DPN A CG  1 
HETATM 154 C CD1 . DPN A 1 18 ? -3.332  7.914   -6.616  1.00 14.88 ? 69  DPN A CD1 1 
HETATM 155 C CD2 . DPN A 1 18 ? -1.489  7.629   -8.137  1.00 18.46 ? 69  DPN A CD2 1 
HETATM 156 C CE1 . DPN A 1 18 ? -4.131  8.383   -7.646  1.00 13.21 ? 69  DPN A CE1 1 
HETATM 157 C CE2 . DPN A 1 18 ? -2.289  8.105   -9.186  1.00 19.07 ? 69  DPN A CE2 1 
HETATM 158 C CZ  . DPN A 1 18 ? -3.613  8.480   -8.928  1.00 15.31 ? 69  DPN A CZ  1 
HETATM 159 N N   . DAR A 1 19 ? 1.629   6.748   -4.402  1.00 15.82 ? 70  DAR A N   1 
HETATM 160 C CA  . DAR A 1 19 ? 2.473   5.965   -3.522  1.00 14.62 ? 70  DAR A CA  1 
HETATM 161 C CB  . DAR A 1 19 ? 3.949   6.320   -3.703  1.00 13.57 ? 70  DAR A CB  1 
HETATM 162 C CG  . DAR A 1 19 ? 4.445   7.390   -2.740  1.00 19.69 ? 70  DAR A CG  1 
HETATM 163 C CD  . DAR A 1 19 ? 4.764   6.805   -1.372  1.00 18.79 ? 70  DAR A CD  1 
HETATM 164 N NE  . DAR A 1 19 ? 5.939   5.958   -1.481  1.00 19.09 ? 70  DAR A NE  1 
HETATM 165 C CZ  . DAR A 1 19 ? 5.912   4.635   -1.475  1.00 13.99 ? 70  DAR A CZ  1 
HETATM 166 N NH1 . DAR A 1 19 ? 7.037   3.959   -1.612  1.00 15.43 ? 70  DAR A NH1 1 
HETATM 167 N NH2 . DAR A 1 19 ? 4.770   3.993   -1.251  1.00 16.51 ? 70  DAR A NH2 1 
HETATM 168 C C   . DAR A 1 19 ? 2.242   4.522   -3.968  1.00 15.37 ? 70  DAR A C   1 
HETATM 169 O O   . DAR A 1 19 ? 2.309   4.213   -5.166  1.00 14.20 ? 70  DAR A O   1 
HETATM 170 N N   . DAL A 1 20 ? 1.934   3.659   -3.016  1.00 12.56 ? 71  DAL A N   1 
HETATM 171 C CA  . DAL A 1 20 ? 1.725   2.260   -3.323  1.00 13.55 ? 71  DAL A CA  1 
HETATM 172 C CB  . DAL A 1 20 ? 0.261   1.912   -3.250  1.00 11.96 ? 71  DAL A CB  1 
HETATM 173 C C   . DAL A 1 20 ? 2.515   1.431   -2.327  1.00 12.64 ? 71  DAL A C   1 
HETATM 174 O O   . DAL A 1 20 ? 2.614   1.806   -1.154  1.00 12.96 ? 71  DAL A O   1 
HETATM 175 N N   . DAS A 1 21 ? 3.129   0.351   -2.819  1.00 13.24 ? 72  DAS A N   1 
HETATM 176 C CA  . DAS A 1 21 ? 3.895   -0.589  -1.999  1.00 12.90 ? 72  DAS A CA  1 
HETATM 177 C C   . DAS A 1 21 ? 3.186   -1.922  -2.155  1.00 13.69 ? 72  DAS A C   1 
HETATM 178 O O   . DAS A 1 21 ? 2.829   -2.302  -3.268  1.00 11.86 ? 72  DAS A O   1 
HETATM 179 C CB  . DAS A 1 21 ? 5.328   -0.743  -2.495  1.00 14.85 ? 72  DAS A CB  1 
HETATM 180 C CG  . DAS A 1 21 ? 6.205   0.440   -2.151  1.00 18.04 ? 72  DAS A CG  1 
HETATM 181 O OD1 . DAS A 1 21 ? 7.408   0.361   -2.441  1.00 23.86 ? 72  DAS A OD1 1 
HETATM 182 O OD2 . DAS A 1 21 ? 5.724   1.441   -1.611  1.00 17.93 ? 72  DAS A OD2 1 
HETATM 183 N N   . DIL A 1 22 ? 2.997   -2.616  -1.038  1.00 14.69 ? 73  DIL A N   1 
HETATM 184 C CA  . DIL A 1 22 ? 2.305   -3.892  -0.990  1.00 14.76 ? 73  DIL A CA  1 
HETATM 185 C C   . DIL A 1 22 ? 3.148   -4.882  -0.189  1.00 17.21 ? 73  DIL A C   1 
HETATM 186 O O   . DIL A 1 22 ? 3.800   -4.498  0.794   1.00 14.70 ? 73  DIL A O   1 
HETATM 187 C CB  . DIL A 1 22 ? 0.914   -3.694  -0.289  1.00 15.66 ? 73  DIL A CB  1 
HETATM 188 C CG1 . DIL A 1 22 ? 0.024   -2.814  -1.175  1.00 16.68 ? 73  DIL A CG1 1 
HETATM 189 C CG2 . DIL A 1 22 ? 0.247   -5.034  0.019   1.00 13.71 ? 73  DIL A CG2 1 
HETATM 190 C CD1 . DIL A 1 22 ? -1.162  -2.238  -0.498  1.00 20.98 ? 73  DIL A CD1 1 
HETATM 191 N N   . DSN A 1 23 ? 3.204   -6.133  -0.655  1.00 15.94 ? 74  DSN A N   1 
HETATM 192 C CA  . DSN A 1 23 ? 3.926   -7.170  0.066   1.00 13.58 ? 74  DSN A CA  1 
HETATM 193 C C   . DSN A 1 23 ? 2.873   -8.098  0.617   1.00 13.80 ? 74  DSN A C   1 
HETATM 194 O O   . DSN A 1 23 ? 1.803   -8.259  0.036   1.00 13.19 ? 74  DSN A O   1 
HETATM 195 C CB  . DSN A 1 23 ? 4.844   -7.968  -0.848  1.00 17.26 ? 74  DSN A CB  1 
HETATM 196 O OG  . DSN A 1 23 ? 4.106   -8.656  -1.842  1.00 21.72 ? 74  DSN A OG  1 
HETATM 197 N N   . DGL A 1 24 ? 3.160   -8.702  1.751   1.00 14.99 ? 75  DGL A N   1 
HETATM 198 C CA  . DGL A 1 24 ? 2.216   -9.628  2.321   1.00 15.64 ? 75  DGL A CA  1 
HETATM 199 C C   . DGL A 1 24 ? 3.032   -10.810 2.833   1.00 18.21 ? 75  DGL A C   1 
HETATM 200 O O   . DGL A 1 24 ? 3.976   -10.653 3.612   1.00 16.28 ? 75  DGL A O   1 
HETATM 201 C CB  . DGL A 1 24 ? 1.396   -8.964  3.420   1.00 13.85 ? 75  DGL A CB  1 
HETATM 202 C CG  . DGL A 1 24 ? 0.379   -9.884  4.057   1.00 18.39 ? 75  DGL A CG  1 
HETATM 203 C CD  . DGL A 1 24 ? -0.278  -9.263  5.266   1.00 24.18 ? 75  DGL A CD  1 
HETATM 204 O OE1 . DGL A 1 24 ? -1.482  -8.969  5.204   1.00 31.63 ? 75  DGL A OE1 1 
HETATM 205 O OE2 . DGL A 1 24 ? 0.404   -9.064  6.283   1.00 28.99 ? 75  DGL A OE2 1 
HETATM 206 N N   . DAS A 1 25 ? 2.725   -11.982 2.304   1.00 17.27 ? 76  DAS A N   1 
HETATM 207 C CA  . DAS A 1 25 ? 3.421   -13.181 2.689   1.00 18.52 ? 76  DAS A CA  1 
HETATM 208 C C   . DAS A 1 25 ? 2.971   -13.589 4.091   1.00 19.37 ? 76  DAS A C   1 
HETATM 209 O O   . DAS A 1 25 ? 1.784   -13.572 4.385   1.00 19.63 ? 76  DAS A O   1 
HETATM 210 C CB  . DAS A 1 25 ? 3.124   -14.275 1.685   1.00 18.31 ? 76  DAS A CB  1 
HETATM 211 C CG  . DAS A 1 25 ? 3.845   -15.524 2.004   1.00 23.77 ? 76  DAS A CG  1 
HETATM 212 O OD1 . DAS A 1 25 ? 5.080   -15.461 2.032   1.00 25.12 ? 76  DAS A OD1 1 
HETATM 213 O OD2 . DAS A 1 25 ? 3.184   -16.545 2.292   1.00 26.28 ? 76  DAS A OD2 1 
HETATM 214 N N   . DTY A 1 26 ? 3.926   -13.937 4.949   1.00 20.79 ? 77  DTY A N   1 
HETATM 215 C CA  . DTY A 1 26 ? 3.618   -14.326 6.316   1.00 25.33 ? 77  DTY A CA  1 
HETATM 216 C C   . DTY A 1 26 ? 2.801   -15.623 6.448   1.00 28.16 ? 77  DTY A C   1 
HETATM 217 O O   . DTY A 1 26 ? 1.732   -15.619 7.052   1.00 28.23 ? 77  DTY A O   1 
HETATM 218 C CB  . DTY A 1 26 ? 4.904   -14.428 7.141   1.00 27.89 ? 77  DTY A CB  1 
HETATM 219 C CG  . DTY A 1 26 ? 4.656   -14.754 8.597   1.00 30.77 ? 77  DTY A CG  1 
HETATM 220 C CD1 . DTY A 1 26 ? 3.781   -13.988 9.352   1.00 31.68 ? 77  DTY A CD1 1 
HETATM 221 C CD2 . DTY A 1 26 ? 5.258   -15.854 9.201   1.00 32.59 ? 77  DTY A CD2 1 
HETATM 222 C CE1 . DTY A 1 26 ? 3.504   -14.305 10.663  1.00 33.93 ? 77  DTY A CE1 1 
HETATM 223 C CE2 . DTY A 1 26 ? 4.992   -16.175 10.513  1.00 32.91 ? 77  DTY A CE2 1 
HETATM 224 C CZ  . DTY A 1 26 ? 4.109   -15.398 11.238  1.00 35.70 ? 77  DTY A CZ  1 
HETATM 225 O OH  . DTY A 1 26 ? 3.810   -15.720 12.544  1.00 41.25 ? 77  DTY A OH  1 
HETATM 226 N N   . DLY A 1 27 ? 3.299   -16.721 5.888   1.00 28.66 ? 78  DLY A N   1 
HETATM 227 C CA  . DLY A 1 27 ? 2.607   -18.017 5.973   1.00 31.10 ? 78  DLY A CA  1 
HETATM 228 C C   . DLY A 1 27 ? 1.227   -18.073 5.329   1.00 31.21 ? 78  DLY A C   1 
HETATM 229 O O   . DLY A 1 27 ? 0.265   -18.545 5.933   1.00 33.99 ? 78  DLY A O   1 
HETATM 230 C CB  . DLY A 1 27 ? 3.480   -19.126 5.378   1.00 31.03 ? 78  DLY A CB  1 
HETATM 231 C CG  . DLY A 1 27 ? 4.722   -19.457 6.192   1.00 33.06 ? 78  DLY A CG  1 
HETATM 232 C CD  . DLY A 1 27 ? 6.016   -19.325 5.371   1.00 40.80 ? 78  DLY A CD  1 
HETATM 233 C CE  . DLY A 1 27 ? 6.534   -17.859 5.286   1.00 45.87 ? 78  DLY A CE  1 
HETATM 234 N NZ  . DLY A 1 27 ? 5.813   -16.938 4.338   1.00 33.91 ? 78  DLY A NZ  1 
HETATM 235 N N   . DTH A 1 28 ? 1.121   -17.537 4.122   1.00 30.06 ? 79  DTH A N   1 
HETATM 236 C CA  . DTH A 1 28 ? -0.134  -17.571 3.374   1.00 27.75 ? 79  DTH A CA  1 
HETATM 237 C CB  . DTH A 1 28 ? 0.139   -17.760 1.867   1.00 28.59 ? 79  DTH A CB  1 
HETATM 238 C CG2 . DTH A 1 28 ? 1.040   -18.961 1.633   1.00 24.17 ? 79  DTH A CG2 1 
HETATM 239 O OG1 . DTH A 1 28 ? 0.796   -16.592 1.356   1.00 25.03 ? 79  DTH A OG1 1 
HETATM 240 C C   . DTH A 1 28 ? -1.039  -16.361 3.493   1.00 25.98 ? 79  DTH A C   1 
HETATM 241 O O   . DTH A 1 28 ? -2.208  -16.444 3.127   1.00 27.27 ? 79  DTH A O   1 
HETATM 242 N N   . DAR A 1 29 ? -0.489  -15.242 3.968   1.00 23.83 ? 80  DAR A N   1 
HETATM 243 C CA  . DAR A 1 29 ? -1.207  -13.967 4.080   1.00 21.76 ? 80  DAR A CA  1 
HETATM 244 C CB  . DAR A 1 29 ? -2.564  -14.124 4.793   1.00 23.73 ? 80  DAR A CB  1 
HETATM 245 C CG  . DAR A 1 29 ? -2.498  -14.620 6.229   1.00 24.63 ? 80  DAR A CG  1 
HETATM 246 C CD  . DAR A 1 29 ? -1.484  -13.858 7.048   1.00 23.53 ? 80  DAR A CD  1 
HETATM 247 N NE  . DAR A 1 29 ? -1.799  -13.951 8.463   1.00 26.02 ? 80  DAR A NE  1 
HETATM 248 C CZ  . DAR A 1 29 ? -1.061  -13.438 9.440   1.00 24.70 ? 80  DAR A CZ  1 
HETATM 249 N NH1 . DAR A 1 29 ? -1.462  -13.573 10.688  1.00 23.49 ? 80  DAR A NH1 1 
HETATM 250 N NH2 . DAR A 1 29 ? 0.081   -12.811 9.178   1.00 24.45 ? 80  DAR A NH2 1 
HETATM 251 C C   . DAR A 1 29 ? -1.436  -13.364 2.689   1.00 20.18 ? 80  DAR A C   1 
HETATM 252 O O   . DAR A 1 29 ? -2.130  -12.355 2.549   1.00 21.42 ? 80  DAR A O   1 
ATOM   253 N N   . GLY A 1 30 ? -0.852  -13.980 1.665   1.00 19.18 ? 81  GLY A N   1 
ATOM   254 C CA  . GLY A 1 30 ? -1.036  -13.499 0.310   1.00 16.83 ? 81  GLY A CA  1 
ATOM   255 C C   . GLY A 1 30 ? -0.482  -12.103 0.099   1.00 17.58 ? 81  GLY A C   1 
ATOM   256 O O   . GLY A 1 30 ? 0.638   -11.802 0.516   1.00 18.34 ? 81  GLY A O   1 
HETATM 257 N N   . DAR A 1 31 ? -1.244  -11.260 -0.583  1.00 18.19 ? 82  DAR A N   1 
HETATM 258 C CA  . DAR A 1 31 ? -0.826  -9.902  -0.848  1.00 16.08 ? 82  DAR A CA  1 
HETATM 259 C CB  . DAR A 1 31 ? -1.868  -8.951  -0.292  1.00 15.18 ? 82  DAR A CB  1 
HETATM 260 C CG  . DAR A 1 31 ? -1.928  -8.971  1.188   1.00 15.41 ? 82  DAR A CG  1 
HETATM 261 C CD  . DAR A 1 31 ? -3.017  -8.059  1.676   1.00 17.67 ? 82  DAR A CD  1 
HETATM 262 N NE  . DAR A 1 31 ? -3.006  -8.005  3.129   1.00 18.29 ? 82  DAR A NE  1 
HETATM 263 C CZ  . DAR A 1 31 ? -3.890  -7.350  3.870   1.00 19.88 ? 82  DAR A CZ  1 
HETATM 264 N NH1 . DAR A 1 31 ? -3.774  -7.360  5.185   1.00 22.52 ? 82  DAR A NH1 1 
HETATM 265 N NH2 . DAR A 1 31 ? -4.899  -6.707  3.299   1.00 23.87 ? 82  DAR A NH2 1 
HETATM 266 C C   . DAR A 1 31 ? -0.587  -9.642  -2.330  1.00 16.52 ? 82  DAR A C   1 
HETATM 267 O O   . DAR A 1 31 ? -1.252  -10.216 -3.191  1.00 17.78 ? 82  DAR A O   1 
HETATM 268 N N   . DLY A 1 32 ? 0.328   -8.725  -2.613  1.00 15.18 ? 83  DLY A N   1 
HETATM 269 C CA  . DLY A 1 32 ? 0.697   -8.391  -3.973  1.00 18.22 ? 83  DLY A CA  1 
HETATM 270 C C   . DLY A 1 32 ? 1.033   -6.902  -4.044  1.00 14.53 ? 83  DLY A C   1 
HETATM 271 O O   . DLY A 1 32 ? 1.640   -6.355  -3.127  1.00 15.41 ? 83  DLY A O   1 
HETATM 272 C CB  . DLY A 1 32 ? 1.918   -9.239  -4.361  1.00 19.92 ? 83  DLY A CB  1 
HETATM 273 C CG  . DLY A 1 32 ? 1.928   -9.796  -5.778  1.00 33.47 ? 83  DLY A CG  1 
HETATM 274 C CD  . DLY A 1 32 ? 2.246   -8.710  -6.819  1.00 42.95 ? 83  DLY A CD  1 
HETATM 275 C CE  . DLY A 1 32 ? 2.996   -9.249  -8.052  1.00 45.47 ? 83  DLY A CE  1 
HETATM 276 N NZ  . DLY A 1 32 ? 4.413   -9.656  -7.769  1.00 48.18 ? 83  DLY A NZ  1 
HETATM 277 N N   . DLE A 1 33 ? 0.574   -6.245  -5.102  1.00 14.07 ? 84  DLE A N   1 
HETATM 278 C CA  . DLE A 1 33 ? 0.842   -4.838  -5.315  1.00 12.25 ? 84  DLE A CA  1 
HETATM 279 C CB  . DLE A 1 33 ? -0.226  -4.227  -6.221  1.00 14.12 ? 84  DLE A CB  1 
HETATM 280 C CG  . DLE A 1 33 ? -0.105  -2.722  -6.490  1.00 17.61 ? 84  DLE A CG  1 
HETATM 281 C CD1 . DLE A 1 33 ? -0.287  -1.929  -5.171  1.00 15.37 ? 84  DLE A CD1 1 
HETATM 282 C CD2 . DLE A 1 33 ? -1.141  -2.294  -7.549  1.00 15.99 ? 84  DLE A CD2 1 
HETATM 283 C C   . DLE A 1 33 ? 2.187   -4.813  -6.015  1.00 14.03 ? 84  DLE A C   1 
HETATM 284 O O   . DLE A 1 33 ? 2.346   -5.442  -7.052  1.00 14.15 ? 84  DLE A O   1 
HETATM 285 N N   . DLE A 1 34 ? 3.148   -4.100  -5.431  1.00 12.87 ? 85  DLE A N   1 
HETATM 286 C CA  . DLE A 1 34 ? 4.504   -4.008  -5.974  1.00 13.59 ? 85  DLE A CA  1 
HETATM 287 C CB  . DLE A 1 34 ? 5.527   -4.146  -4.841  1.00 11.74 ? 85  DLE A CB  1 
HETATM 288 C CG  . DLE A 1 34 ? 5.432   -5.410  -3.982  1.00 16.80 ? 85  DLE A CG  1 
HETATM 289 C CD1 . DLE A 1 34 ? 6.435   -5.311  -2.841  1.00 20.36 ? 85  DLE A CD1 1 
HETATM 290 C CD2 . DLE A 1 34 ? 5.672   -6.665  -4.804  1.00 16.74 ? 85  DLE A CD2 1 
HETATM 291 C C   . DLE A 1 34 ? 4.741   -2.702  -6.709  1.00 15.05 ? 85  DLE A C   1 
HETATM 292 O O   . DLE A 1 34 ? 5.566   -2.616  -7.636  1.00 15.01 ? 85  DLE A O   1 
HETATM 293 N N   . DAR A 1 35 ? 4.017   -1.675  -6.305  1.00 14.93 ? 86  DAR A N   1 
HETATM 294 C CA  . DAR A 1 35 ? 4.197   -0.383  -6.921  1.00 12.41 ? 86  DAR A CA  1 
HETATM 295 C CB  . DAR A 1 35 ? 5.426   0.294   -6.291  1.00 14.34 ? 86  DAR A CB  1 
HETATM 296 C CG  . DAR A 1 35 ? 5.565   1.786   -6.565  1.00 16.02 ? 86  DAR A CG  1 
HETATM 297 C CD  . DAR A 1 35 ? 6.683   2.351   -5.737  1.00 18.69 ? 86  DAR A CD  1 
HETATM 298 N NE  . DAR A 1 35 ? 6.635   3.805   -5.729  1.00 19.93 ? 86  DAR A NE  1 
HETATM 299 C CZ  . DAR A 1 35 ? 7.588   4.570   -5.219  1.00 23.01 ? 86  DAR A CZ  1 
HETATM 300 N NH1 . DAR A 1 35 ? 8.653   4.013   -4.673  1.00 24.59 ? 86  DAR A NH1 1 
HETATM 301 N NH2 . DAR A 1 35 ? 7.483   5.884   -5.268  1.00 22.04 ? 86  DAR A NH2 1 
HETATM 302 C C   . DAR A 1 35 ? 2.961   0.465   -6.693  1.00 12.43 ? 86  DAR A C   1 
HETATM 303 O O   . DAR A 1 35 ? 2.284   0.331   -5.676  1.00 11.58 ? 86  DAR A O   1 
HETATM 304 N N   . DPN A 1 36 ? 2.661   1.309   -7.665  1.00 12.86 ? 87  DPN A N   1 
HETATM 305 C CA  . DPN A 1 36 ? 1.545   2.230   -7.575  1.00 15.30 ? 87  DPN A CA  1 
HETATM 306 C C   . DPN A 1 36 ? 1.888   3.313   -8.575  1.00 15.19 ? 87  DPN A C   1 
HETATM 307 O O   . DPN A 1 36 ? 1.873   3.073   -9.778  1.00 17.37 ? 87  DPN A O   1 
HETATM 308 C CB  . DPN A 1 36 ? 0.219   1.552   -7.935  1.00 13.31 ? 87  DPN A CB  1 
HETATM 309 C CG  . DPN A 1 36 ? -0.989  2.336   -7.490  1.00 14.61 ? 87  DPN A CG  1 
HETATM 310 C CD1 . DPN A 1 36 ? -1.351  3.510   -8.140  1.00 20.22 ? 87  DPN A CD1 1 
HETATM 311 C CD2 . DPN A 1 36 ? -1.722  1.937   -6.385  1.00 13.75 ? 87  DPN A CD2 1 
HETATM 312 C CE1 . DPN A 1 36 ? -2.429  4.275   -7.680  1.00 19.68 ? 87  DPN A CE1 1 
HETATM 313 C CE2 . DPN A 1 36 ? -2.788  2.688   -5.923  1.00 17.19 ? 87  DPN A CE2 1 
HETATM 314 C CZ  . DPN A 1 36 ? -3.143  3.862   -6.571  1.00 16.63 ? 87  DPN A CZ  1 
HETATM 315 N N   . DSG A 1 37 ? 2.290   4.483   -8.089  1.00 15.12 ? 88  DSG A N   1 
HETATM 316 C CA  . DSG A 1 37 ? 2.648   5.564   -9.014  1.00 17.27 ? 88  DSG A CA  1 
HETATM 317 C C   . DSG A 1 37 ? 2.220   6.913   -8.471  1.00 20.27 ? 88  DSG A C   1 
HETATM 318 O O   . DSG A 1 37 ? 2.046   7.092   -7.257  1.00 18.66 ? 88  DSG A O   1 
HETATM 319 C CB  . DSG A 1 37 ? 4.161   5.569   -9.315  1.00 14.52 ? 88  DSG A CB  1 
HETATM 320 C CG  . DSG A 1 37 ? 4.965   6.298   -8.267  1.00 17.05 ? 88  DSG A CG  1 
HETATM 321 O OD1 . DSG A 1 37 ? 5.445   7.407   -8.494  1.00 28.25 ? 88  DSG A OD1 1 
HETATM 322 N ND2 . DSG A 1 37 ? 5.117   5.688   -7.116  1.00 18.10 ? 88  DSG A ND2 1 
ATOM   323 N N   . GLY A 1 38 ? 2.022   7.857   -9.375  1.00 20.40 ? 89  GLY A N   1 
ATOM   324 C CA  . GLY A 1 38 ? 1.612   9.168   -8.947  1.00 22.76 ? 89  GLY A CA  1 
ATOM   325 C C   . GLY A 1 38 ? 1.074   9.945   -10.117 1.00 22.16 ? 89  GLY A C   1 
ATOM   326 O O   . GLY A 1 38 ? 1.177   9.480   -11.249 1.00 21.84 ? 89  GLY A O   1 
HETATM 327 N N   . DPR A 1 39 ? 0.517   11.143  -9.880  1.00 24.85 ? 90  DPR A N   1 
HETATM 328 C CA  . DPR A 1 39 ? 0.409   11.737  -8.540  1.00 25.42 ? 90  DPR A CA  1 
HETATM 329 C CB  . DPR A 1 39 ? -0.420  12.991  -8.800  1.00 24.82 ? 90  DPR A CB  1 
HETATM 330 C CG  . DPR A 1 39 ? -1.347  12.537  -9.869  1.00 25.32 ? 90  DPR A CG  1 
HETATM 331 C CD  . DPR A 1 39 ? -0.393  11.825  -10.816 1.00 25.24 ? 90  DPR A CD  1 
HETATM 332 C C   . DPR A 1 39 ? 1.773   12.074  -7.944  1.00 24.55 ? 90  DPR A C   1 
HETATM 333 O O   . DPR A 1 39 ? 2.742   12.245  -8.673  1.00 26.80 ? 90  DPR A O   1 
HETATM 334 N N   . DVA A 1 40 ? 1.856   12.115  -6.623  1.00 22.33 ? 91  DVA A N   1 
HETATM 335 C CA  . DVA A 1 40 ? 3.108   12.418  -5.944  1.00 20.90 ? 91  DVA A CA  1 
HETATM 336 C CB  . DVA A 1 40 ? 3.633   11.197  -5.142  1.00 19.60 ? 91  DVA A CB  1 
HETATM 337 C CG1 . DVA A 1 40 ? 3.905   10.021  -6.073  1.00 15.45 ? 91  DVA A CG1 1 
HETATM 338 C CG2 . DVA A 1 40 ? 2.626   10.801  -4.045  1.00 17.54 ? 91  DVA A CG2 1 
HETATM 339 C C   . DVA A 1 40 ? 2.877   13.557  -4.967  1.00 22.59 ? 91  DVA A C   1 
HETATM 340 O O   . DVA A 1 40 ? 1.742   13.831  -4.599  1.00 22.15 ? 91  DVA A O   1 
HETATM 341 N N   . DPR A 1 41 ? 3.938   14.287  -4.589  1.00 24.62 ? 92  DPR A N   1 
HETATM 342 C CA  . DPR A 1 41 ? 3.698   15.372  -3.639  1.00 28.40 ? 92  DPR A CA  1 
HETATM 343 C CB  . DPR A 1 41 ? 4.982   16.207  -3.732  1.00 28.12 ? 92  DPR A CB  1 
HETATM 344 C CG  . DPR A 1 41 ? 6.034   15.210  -4.123  1.00 29.47 ? 92  DPR A CG  1 
HETATM 345 C CD  . DPR A 1 41 ? 5.305   14.363  -5.147  1.00 28.99 ? 92  DPR A CD  1 
HETATM 346 C C   . DPR A 1 41 ? 3.460   14.816  -2.233  1.00 30.76 ? 92  DPR A C   1 
HETATM 347 O O   . DPR A 1 41 ? 3.936   13.727  -1.898  1.00 31.08 ? 92  DPR A O   1 
HETATM 348 N N   . DPR A 1 42 ? 2.684   15.534  -1.405  1.00 32.89 ? 93  DPR A N   1 
HETATM 349 C CA  . DPR A 1 42 ? 2.410   15.075  -0.042  1.00 34.80 ? 93  DPR A CA  1 
HETATM 350 C CB  . DPR A 1 42 ? 1.607   16.229  0.553   1.00 34.75 ? 93  DPR A CB  1 
HETATM 351 C CG  . DPR A 1 42 ? 0.929   16.816  -0.632  1.00 36.55 ? 93  DPR A CG  1 
HETATM 352 C CD  . DPR A 1 42 ? 2.032   16.829  -1.654  1.00 34.23 ? 93  DPR A CD  1 
HETATM 353 C C   . DPR A 1 42 ? 3.730   14.923  0.698   1.00 37.22 ? 93  DPR A C   1 
HETATM 354 O O   . DPR A 1 42 ? 4.733   15.558  0.332   1.00 38.09 ? 93  DPR A O   1 
HETATM 355 N N   . DPR A 1 43 ? 3.771   14.022  1.689   1.00 36.98 ? 94  DPR A N   1 
HETATM 356 C CA  . DPR A 1 43 ? 4.990   13.803  2.463   1.00 37.38 ? 94  DPR A CA  1 
HETATM 357 C CB  . DPR A 1 43 ? 4.651   12.558  3.278   1.00 37.67 ? 94  DPR A CB  1 
HETATM 358 C CG  . DPR A 1 43 ? 3.157   12.659  3.445   1.00 37.08 ? 94  DPR A CG  1 
HETATM 359 C CD  . DPR A 1 43 ? 2.709   13.084  2.086   1.00 36.77 ? 94  DPR A CD  1 
HETATM 360 C C   . DPR A 1 43 ? 5.299   15.007  3.358   1.00 39.91 ? 94  DPR A C   1 
HETATM 361 O O   . DPR A 1 43 ? 4.332   15.694  3.775   1.00 36.56 ? 94  DPR A O   1 
ATOM   362 N N   . GLY B 2 1  ? 14.027  -5.154  7.579   1.00 67.45 ? 1   GLY B N   1 
ATOM   363 C CA  . GLY B 2 1  ? 15.183  -4.350  7.069   1.00 66.37 ? 1   GLY B CA  1 
ATOM   364 C C   . GLY B 2 1  ? 15.014  -2.860  7.326   1.00 64.12 ? 1   GLY B C   1 
ATOM   365 O O   . GLY B 2 1  ? 15.262  -2.028  6.446   1.00 64.72 ? 1   GLY B O   1 
HETATM 366 N N   . DGL B 2 2  ? 14.633  -2.519  8.551   1.00 60.56 ? 2   DGL B N   1 
HETATM 367 C CA  . DGL B 2 2  ? 14.417  -1.127  8.914   1.00 57.45 ? 2   DGL B CA  1 
HETATM 368 C C   . DGL B 2 2  ? 12.915  -0.883  8.879   1.00 51.53 ? 2   DGL B C   1 
HETATM 369 O O   . DGL B 2 2  ? 12.130  -1.739  9.282   1.00 49.74 ? 2   DGL B O   1 
HETATM 370 C CB  . DGL B 2 2  ? 14.970  -0.838  10.311  1.00 62.10 ? 2   DGL B CB  1 
HETATM 371 C CG  . DGL B 2 2  ? 14.353  -1.689  11.415  1.00 70.28 ? 2   DGL B CG  1 
HETATM 372 C CD  . DGL B 2 2  ? 14.999  -1.450  12.764  1.00 75.73 ? 2   DGL B CD  1 
HETATM 373 O OE1 . DGL B 2 2  ? 15.849  -2.275  13.172  1.00 78.31 ? 2   DGL B OE1 1 
HETATM 374 O OE2 . DGL B 2 2  ? 14.658  -0.437  13.415  1.00 79.20 ? 2   DGL B OE2 1 
HETATM 375 N N   . DTR B 2 3  ? 12.517  0.256   8.337   1.00 43.60 ? 3   DTR B N   1 
HETATM 376 C CA  . DTR B 2 3  ? 11.114  0.590   8.254   1.00 38.11 ? 3   DTR B CA  1 
HETATM 377 C CB  . DTR B 2 3  ? 10.875  1.552   7.096   1.00 36.44 ? 3   DTR B CB  1 
HETATM 378 C CG  . DTR B 2 3  ? 11.117  0.937   5.773   1.00 34.97 ? 3   DTR B CG  1 
HETATM 379 C CD1 . DTR B 2 3  ? 12.294  0.906   5.087   1.00 36.03 ? 3   DTR B CD1 1 
HETATM 380 N NE1 . DTR B 2 3  ? 12.120  0.257   3.885   1.00 35.80 ? 3   DTR B NE1 1 
HETATM 381 C CE2 . DTR B 2 3  ? 10.814  -0.141  3.780   1.00 33.15 ? 3   DTR B CE2 1 
HETATM 382 C CZ2 . DTR B 2 3  ? 10.165  -0.823  2.760   1.00 32.14 ? 3   DTR B CZ2 1 
HETATM 383 C CH2 . DTR B 2 3  ? 8.841   -1.092  2.929   1.00 29.27 ? 3   DTR B CH2 1 
HETATM 384 C CZ3 . DTR B 2 3  ? 8.159   -0.702  4.078   1.00 29.99 ? 3   DTR B CZ3 1 
HETATM 385 C CE3 . DTR B 2 3  ? 8.799   -0.024  5.096   1.00 30.77 ? 3   DTR B CE3 1 
HETATM 386 C CD2 . DTR B 2 3  ? 10.153  0.266   4.952   1.00 33.00 ? 3   DTR B CD2 1 
HETATM 387 C C   . DTR B 2 3  ? 10.658  1.236   9.545   1.00 37.64 ? 3   DTR B C   1 
HETATM 388 O O   . DTR B 2 3  ? 11.412  1.990   10.166  1.00 38.79 ? 3   DTR B O   1 
HETATM 389 N N   . DGL B 2 4  ? 9.430   0.934   9.953   1.00 35.03 ? 4   DGL B N   1 
HETATM 390 C CA  . DGL B 2 4  ? 8.855   1.518   11.154  1.00 33.65 ? 4   DGL B CA  1 
HETATM 391 C C   . DGL B 2 4  ? 7.524   2.127   10.746  1.00 29.75 ? 4   DGL B C   1 
HETATM 392 O O   . DGL B 2 4  ? 6.792   1.552   9.949   1.00 25.72 ? 4   DGL B O   1 
HETATM 393 C CB  . DGL B 2 4  ? 8.640   0.466   12.247  1.00 38.07 ? 4   DGL B CB  1 
HETATM 394 C CG  . DGL B 2 4  ? 7.364   -0.351  12.122  1.00 47.40 ? 4   DGL B CG  1 
HETATM 395 C CD  . DGL B 2 4  ? 7.227   -1.392  13.225  1.00 54.49 ? 4   DGL B CD  1 
HETATM 396 O OE1 . DGL B 2 4  ? 7.166   -1.005  14.416  1.00 56.12 ? 4   DGL B OE1 1 
HETATM 397 O OE2 . DGL B 2 4  ? 7.182   -2.603  12.896  1.00 57.55 ? 4   DGL B OE2 1 
HETATM 398 N N   . DIL B 2 5  ? 7.265   3.330   11.228  1.00 26.58 ? 5   DIL B N   1 
HETATM 399 C CA  . DIL B 2 5  ? 6.030   4.017   10.936  1.00 25.58 ? 5   DIL B CA  1 
HETATM 400 C C   . DIL B 2 5  ? 4.978   3.375   11.826  1.00 26.48 ? 5   DIL B C   1 
HETATM 401 O O   . DIL B 2 5  ? 5.235   3.103   13.000  1.00 25.12 ? 5   DIL B O   1 
HETATM 402 C CB  . DIL B 2 5  ? 6.163   5.530   11.250  1.00 27.05 ? 5   DIL B CB  1 
HETATM 403 C CG1 . DIL B 2 5  ? 7.281   6.122   10.395  1.00 27.80 ? 5   DIL B CG1 1 
HETATM 404 C CG2 . DIL B 2 5  ? 4.843   6.264   11.008  1.00 25.35 ? 5   DIL B CG2 1 
HETATM 405 C CD1 . DIL B 2 5  ? 7.465   7.585   10.576  1.00 33.89 ? 5   DIL B CD1 1 
HETATM 406 N N   . DIL B 2 6  ? 3.826   3.066   11.238  1.00 28.14 ? 6   DIL B N   1 
HETATM 407 C CA  . DIL B 2 6  ? 2.712   2.449   11.952  1.00 29.63 ? 6   DIL B CA  1 
HETATM 408 C C   . DIL B 2 6  ? 1.470   3.319   11.757  1.00 30.53 ? 6   DIL B C   1 
HETATM 409 O O   . DIL B 2 6  ? 1.398   4.113   10.820  1.00 28.01 ? 6   DIL B O   1 
HETATM 410 C CB  . DIL B 2 6  ? 2.426   1.018   11.422  1.00 31.72 ? 6   DIL B CB  1 
HETATM 411 C CG1 . DIL B 2 6  ? 1.975   1.086   9.954   1.00 34.97 ? 6   DIL B CG1 1 
HETATM 412 C CG2 . DIL B 2 6  ? 3.688   0.141   11.553  1.00 28.88 ? 6   DIL B CG2 1 
HETATM 413 C CD1 . DIL B 2 6  ? 1.592   -0.249  9.339   1.00 36.07 ? 6   DIL B CD1 1 
HETATM 414 N N   . DAS B 2 7  ? 0.493   3.156   12.645  1.00 34.85 ? 7   DAS B N   1 
HETATM 415 C CA  . DAS B 2 7  ? -0.756  3.919   12.603  1.00 36.41 ? 7   DAS B CA  1 
HETATM 416 C C   . DAS B 2 7  ? -1.562  3.680   11.331  1.00 35.04 ? 7   DAS B C   1 
HETATM 417 O O   . DAS B 2 7  ? -1.318  2.732   10.594  1.00 36.76 ? 7   DAS B O   1 
HETATM 418 C CB  . DAS B 2 7  ? -1.616  3.571   13.821  1.00 43.80 ? 7   DAS B CB  1 
HETATM 419 C CG  . DAS B 2 7  ? -2.381  2.257   13.655  1.00 52.61 ? 7   DAS B CG  1 
HETATM 420 O OD1 . DAS B 2 7  ? -3.631  2.302   13.564  1.00 58.01 ? 7   DAS B OD1 1 
HETATM 421 O OD2 . DAS B 2 7  ? -1.739  1.177   13.629  1.00 59.25 ? 7   DAS B OD2 1 
HETATM 422 N N   . DIL B 2 8  ? -2.560  4.517   11.094  1.00 33.67 ? 8   DIL B N   1 
HETATM 423 C CA  . DIL B 2 8  ? -3.394  4.372   9.909   1.00 32.03 ? 8   DIL B CA  1 
HETATM 424 C C   . DIL B 2 8  ? -4.845  3.970   10.231  1.00 33.19 ? 8   DIL B C   1 
HETATM 425 O O   . DIL B 2 8  ? -5.813  4.558   9.713   1.00 34.85 ? 8   DIL B O   1 
HETATM 426 C CB  . DIL B 2 8  ? -3.354  5.650   9.022   1.00 32.25 ? 8   DIL B CB  1 
HETATM 427 C CG1 . DIL B 2 8  ? -3.840  6.869   9.818   1.00 30.36 ? 8   DIL B CG1 1 
HETATM 428 C CG2 . DIL B 2 8  ? -1.941  5.869   8.501   1.00 26.59 ? 8   DIL B CG2 1 
HETATM 429 C CD1 . DIL B 2 8  ? -3.938  8.119   9.008   1.00 30.87 ? 8   DIL B CD1 1 
ATOM   430 N N   . GLY B 2 9  ? -4.992  2.940   11.055  1.00 28.11 ? 9   GLY B N   1 
ATOM   431 C CA  . GLY B 2 9  ? -6.318  2.465   11.399  1.00 24.57 ? 9   GLY B CA  1 
ATOM   432 C C   . GLY B 2 9  ? -6.958  1.656   10.284  1.00 23.07 ? 9   GLY B C   1 
ATOM   433 O O   . GLY B 2 9  ? -6.465  1.626   9.150   1.00 20.98 ? 9   GLY B O   1 
HETATM 434 N N   . DPR B 2 10 ? -8.048  0.944   10.586  1.00 22.31 ? 10  DPR B N   1 
HETATM 435 C CA  . DPR B 2 10 ? -8.787  0.115   9.633   1.00 20.24 ? 10  DPR B CA  1 
HETATM 436 C CB  . DPR B 2 10 ? -9.807  -0.586  10.518  1.00 20.37 ? 10  DPR B CB  1 
HETATM 437 C CG  . DPR B 2 10 ? -10.090 0.462   11.533  1.00 23.96 ? 10  DPR B CG  1 
HETATM 438 C CD  . DPR B 2 10 ? -8.697  0.917   11.903  1.00 23.93 ? 10  DPR B CD  1 
HETATM 439 C C   . DPR B 2 10 ? -7.927  -0.888  8.875   1.00 19.04 ? 10  DPR B C   1 
HETATM 440 O O   . DPR B 2 10 ? -8.162  -1.114  7.702   1.00 21.77 ? 10  DPR B O   1 
HETATM 441 N N   . DPN B 2 11 ? -6.945  -1.498  9.528   1.00 19.07 ? 11  DPN B N   1 
HETATM 442 C CA  . DPN B 2 11 ? -6.088  -2.455  8.825   1.00 19.47 ? 11  DPN B CA  1 
HETATM 443 C C   . DPN B 2 11 ? -5.388  -1.730  7.652   1.00 19.47 ? 11  DPN B C   1 
HETATM 444 O O   . DPN B 2 11 ? -5.397  -2.208  6.505   1.00 16.77 ? 11  DPN B O   1 
HETATM 445 C CB  . DPN B 2 11 ? -5.062  -3.087  9.788   1.00 17.98 ? 11  DPN B CB  1 
HETATM 446 C CG  . DPN B 2 11 ? -4.135  -4.083  9.133   1.00 18.82 ? 11  DPN B CG  1 
HETATM 447 C CD1 . DPN B 2 11 ? -4.464  -5.427  9.073   1.00 19.02 ? 11  DPN B CD1 1 
HETATM 448 C CD2 . DPN B 2 11 ? -2.939  -3.666  8.557   1.00 19.34 ? 11  DPN B CD2 1 
HETATM 449 C CE1 . DPN B 2 11 ? -3.624  -6.338  8.450   1.00 19.42 ? 11  DPN B CE1 1 
HETATM 450 C CE2 . DPN B 2 11 ? -2.094  -4.570  7.928   1.00 19.71 ? 11  DPN B CE2 1 
HETATM 451 C CZ  . DPN B 2 11 ? -2.436  -5.906  7.873   1.00 18.96 ? 11  DPN B CZ  1 
HETATM 452 N N   . DTH B 2 12 ? -4.840  -0.550  7.940   1.00 18.83 ? 12  DTH B N   1 
HETATM 453 C CA  . DTH B 2 12 ? -4.140  0.258   6.950   1.00 19.69 ? 12  DTH B CA  1 
HETATM 454 C CB  . DTH B 2 12 ? -3.468  1.472   7.623   1.00 24.66 ? 12  DTH B CB  1 
HETATM 455 C CG2 . DTH B 2 12 ? -2.466  2.122   6.681   1.00 25.13 ? 12  DTH B CG2 1 
HETATM 456 O OG1 . DTH B 2 12 ? -2.769  1.035   8.793   1.00 27.44 ? 12  DTH B OG1 1 
HETATM 457 C C   . DTH B 2 12 ? -5.074  0.729   5.840   1.00 18.86 ? 12  DTH B C   1 
HETATM 458 O O   . DTH B 2 12 ? -4.729  0.687   4.655   1.00 17.65 ? 12  DTH B O   1 
HETATM 459 N N   . DGN B 2 13 ? -6.277  1.147   6.205   1.00 18.30 ? 13  DGN B N   1 
HETATM 460 C CA  . DGN B 2 13 ? -7.216  1.606   5.197   1.00 18.74 ? 13  DGN B CA  1 
HETATM 461 C C   . DGN B 2 13 ? -7.527  0.442   4.259   1.00 19.84 ? 13  DGN B C   1 
HETATM 462 O O   . DGN B 2 13 ? -7.636  0.612   3.037   1.00 20.26 ? 13  DGN B O   1 
HETATM 463 C CB  . DGN B 2 13 ? -8.491  2.171   5.836   1.00 19.25 ? 13  DGN B CB  1 
HETATM 464 C CG  . DGN B 2 13 ? -8.258  3.389   6.757   1.00 18.51 ? 13  DGN B CG  1 
HETATM 465 C CD  . DGN B 2 13 ? -7.566  4.538   6.052   1.00 20.06 ? 13  DGN B CD  1 
HETATM 466 O OE1 . DGN B 2 13 ? -7.845  4.816   4.892   1.00 22.42 ? 13  DGN B OE1 1 
HETATM 467 N NE2 . DGN B 2 13 ? -6.650  5.195   6.736   1.00 19.12 ? 13  DGN B NE2 1 
HETATM 468 N N   . DSG B 2 14 ? -7.574  -0.761  4.818   1.00 18.83 ? 14  DSG B N   1 
HETATM 469 C CA  . DSG B 2 14 ? -7.864  -1.933  4.018   1.00 18.66 ? 14  DSG B CA  1 
HETATM 470 C C   . DSG B 2 14 ? -6.749  -2.208  3.020   1.00 15.95 ? 14  DSG B C   1 
HETATM 471 O O   . DSG B 2 14 ? -7.016  -2.671  1.911   1.00 16.74 ? 14  DSG B O   1 
HETATM 472 C CB  . DSG B 2 14 ? -8.080  -3.156  4.885   1.00 21.89 ? 14  DSG B CB  1 
HETATM 473 C CG  . DSG B 2 14 ? -8.822  -4.218  4.154   1.00 29.89 ? 14  DSG B CG  1 
HETATM 474 O OD1 . DSG B 2 14 ? -8.233  -5.134  3.574   1.00 34.98 ? 14  DSG B OD1 1 
HETATM 475 N ND2 . DSG B 2 14 ? -10.139 -4.082  4.128   1.00 36.22 ? 14  DSG B ND2 1 
HETATM 476 N N   . DLE B 2 15 ? -5.506  -1.962  3.434   1.00 14.71 ? 15  DLE B N   1 
HETATM 477 C CA  . DLE B 2 15 ? -4.355  -2.132  2.547   1.00 16.03 ? 15  DLE B CA  1 
HETATM 478 C CB  . DLE B 2 15 ? -3.056  -1.902  3.303   1.00 15.04 ? 15  DLE B CB  1 
HETATM 479 C CG  . DLE B 2 15 ? -2.558  -2.978  4.263   1.00 16.61 ? 15  DLE B CG  1 
HETATM 480 C CD1 . DLE B 2 15 ? -1.403  -2.388  5.026   1.00 17.51 ? 15  DLE B CD1 1 
HETATM 481 C CD2 . DLE B 2 15 ? -2.137  -4.250  3.515   1.00 16.50 ? 15  DLE B CD2 1 
HETATM 482 C C   . DLE B 2 15 ? -4.475  -1.139  1.378   1.00 16.14 ? 15  DLE B C   1 
HETATM 483 O O   . DLE B 2 15 ? -4.181  -1.488  0.245   1.00 14.98 ? 15  DLE B O   1 
ATOM   484 N N   . GLY B 2 16 ? -4.945  0.080   1.659   1.00 15.86 ? 16  GLY B N   1 
ATOM   485 C CA  . GLY B 2 16 ? -5.134  1.075   0.614   1.00 14.80 ? 16  GLY B CA  1 
ATOM   486 C C   . GLY B 2 16 ? -6.207  0.665   -0.391  1.00 13.41 ? 16  GLY B C   1 
ATOM   487 O O   . GLY B 2 16 ? -6.070  0.894   -1.593  1.00 13.50 ? 16  GLY B O   1 
HETATM 488 N N   . DLY B 2 17 ? -7.281  0.051   0.108   1.00 15.34 ? 17  DLY B N   1 
HETATM 489 C CA  . DLY B 2 17 ? -8.384  -0.400  -0.733  1.00 15.21 ? 17  DLY B CA  1 
HETATM 490 C C   . DLY B 2 17 ? -7.861  -1.512  -1.627  1.00 15.51 ? 17  DLY B C   1 
HETATM 491 O O   . DLY B 2 17 ? -8.162  -1.550  -2.816  1.00 17.18 ? 17  DLY B O   1 
HETATM 492 C CB  . DLY B 2 17 ? -9.540  -0.915  0.134   1.00 20.49 ? 17  DLY B CB  1 
HETATM 493 C CG  . DLY B 2 17 ? -10.737 -1.473  -0.643  1.00 28.00 ? 17  DLY B CG  1 
HETATM 494 C CD  . DLY B 2 17 ? -11.647 -0.374  -1.204  1.00 37.38 ? 17  DLY B CD  1 
HETATM 495 C CE  . DLY B 2 17 ? -11.758 -0.419  -2.733  1.00 37.51 ? 17  DLY B CE  1 
HETATM 496 N NZ  . DLY B 2 17 ? -10.462 -0.145  -3.460  1.00 35.44 ? 17  DLY B NZ  1 
HETATM 497 N N   . DPN B 2 18 ? -7.064  -2.404  -1.051  1.00 15.41 ? 18  DPN B N   1 
HETATM 498 C CA  . DPN B 2 18 ? -6.462  -3.502  -1.797  1.00 13.29 ? 18  DPN B CA  1 
HETATM 499 C C   . DPN B 2 18 ? -5.605  -2.940  -2.943  1.00 14.58 ? 18  DPN B C   1 
HETATM 500 O O   . DPN B 2 18 ? -5.680  -3.420  -4.076  1.00 13.11 ? 18  DPN B O   1 
HETATM 501 C CB  . DPN B 2 18 ? -5.588  -4.367  -0.867  1.00 14.23 ? 18  DPN B CB  1 
HETATM 502 C CG  . DPN B 2 18 ? -4.769  -5.388  -1.592  1.00 16.38 ? 18  DPN B CG  1 
HETATM 503 C CD1 . DPN B 2 18 ? -5.353  -6.547  -2.081  1.00 21.31 ? 18  DPN B CD1 1 
HETATM 504 C CD2 . DPN B 2 18 ? -3.426  -5.157  -1.852  1.00 19.08 ? 18  DPN B CD2 1 
HETATM 505 C CE1 . DPN B 2 18 ? -4.615  -7.461  -2.825  1.00 19.53 ? 18  DPN B CE1 1 
HETATM 506 C CE2 . DPN B 2 18 ? -2.688  -6.059  -2.591  1.00 21.15 ? 18  DPN B CE2 1 
HETATM 507 C CZ  . DPN B 2 18 ? -3.283  -7.210  -3.079  1.00 20.23 ? 18  DPN B CZ  1 
HETATM 508 N N   . DAL B 2 19 ? -4.802  -1.916  -2.643  1.00 13.39 ? 19  DAL B N   1 
HETATM 509 C CA  . DAL B 2 19 ? -3.919  -1.292  -3.636  1.00 12.35 ? 19  DAL B CA  1 
HETATM 510 C CB  . DAL B 2 19 ? -3.052  -0.207  -2.976  1.00 15.14 ? 19  DAL B CB  1 
HETATM 511 C C   . DAL B 2 19 ? -4.720  -0.706  -4.798  1.00 15.60 ? 19  DAL B C   1 
HETATM 512 O O   . DAL B 2 19 ? -4.376  -0.910  -5.953  1.00 15.41 ? 19  DAL B O   1 
HETATM 513 N N   . DVA B 2 20 ? -5.796  0.006   -4.490  1.00 15.92 ? 20  DVA B N   1 
HETATM 514 C CA  . DVA B 2 20 ? -6.637  0.603   -5.522  1.00 18.50 ? 20  DVA B CA  1 
HETATM 515 C CB  . DVA B 2 20 ? -7.680  1.564   -4.908  1.00 18.60 ? 20  DVA B CB  1 
HETATM 516 C CG1 . DVA B 2 20 ? -8.674  2.051   -5.981  1.00 17.95 ? 20  DVA B CG1 1 
HETATM 517 C CG2 . DVA B 2 20 ? -6.953  2.762   -4.276  1.00 18.41 ? 20  DVA B CG2 1 
HETATM 518 C C   . DVA B 2 20 ? -7.318  -0.477  -6.357  1.00 17.27 ? 20  DVA B C   1 
HETATM 519 O O   . DVA B 2 20 ? -7.352  -0.383  -7.586  1.00 18.72 ? 20  DVA B O   1 
HETATM 520 N N   . DAS B 2 21 ? -7.827  -1.518  -5.710  1.00 17.52 ? 21  DAS B N   1 
HETATM 521 C CA  . DAS B 2 21 ? -8.471  -2.616  -6.442  1.00 20.66 ? 21  DAS B CA  1 
HETATM 522 C C   . DAS B 2 21 ? -7.519  -3.278  -7.429  1.00 19.26 ? 21  DAS B C   1 
HETATM 523 O O   . DAS B 2 21 ? -7.896  -3.575  -8.552  1.00 19.83 ? 21  DAS B O   1 
HETATM 524 C CB  . DAS B 2 21 ? -9.029  -3.669  -5.489  1.00 19.17 ? 21  DAS B CB  1 
HETATM 525 C CG  . DAS B 2 21 ? -10.281 -3.210  -4.804  1.00 23.73 ? 21  DAS B CG  1 
HETATM 526 O OD1 . DAS B 2 21 ? -10.919 -2.271  -5.315  1.00 24.29 ? 21  DAS B OD1 1 
HETATM 527 O OD2 . DAS B 2 21 ? -10.624 -3.775  -3.753  1.00 25.82 ? 21  DAS B OD2 1 
HETATM 528 N N   . DGL B 2 22 ? -6.285  -3.506  -6.997  1.00 19.55 ? 22  DGL B N   1 
HETATM 529 C CA  . DGL B 2 22 ? -5.276  -4.113  -7.845  1.00 18.17 ? 22  DGL B CA  1 
HETATM 530 C C   . DGL B 2 22 ? -4.860  -3.167  -8.948  1.00 18.05 ? 22  DGL B C   1 
HETATM 531 O O   . DGL B 2 22 ? -4.635  -3.589  -10.077 1.00 19.30 ? 22  DGL B O   1 
HETATM 532 C CB  . DGL B 2 22 ? -4.080  -4.525  -7.005  1.00 18.17 ? 22  DGL B CB  1 
HETATM 533 C CG  . DGL B 2 22 ? -4.392  -5.729  -6.147  1.00 21.85 ? 22  DGL B CG  1 
HETATM 534 C CD  . DGL B 2 22 ? -4.783  -6.924  -6.999  1.00 24.83 ? 22  DGL B CD  1 
HETATM 535 O OE1 . DGL B 2 22 ? -4.007  -7.272  -7.911  1.00 25.42 ? 22  DGL B OE1 1 
HETATM 536 O OE2 . DGL B 2 22 ? -5.870  -7.488  -6.780  1.00 23.40 ? 22  DGL B OE2 1 
HETATM 537 N N   . DGL B 2 23 ? -4.743  -1.886  -8.626  1.00 16.66 ? 23  DGL B N   1 
HETATM 538 C CA  . DGL B 2 23 ? -4.380  -0.911  -9.632  1.00 15.79 ? 23  DGL B CA  1 
HETATM 539 C C   . DGL B 2 23 ? -5.470  -0.804  -10.721 1.00 16.93 ? 23  DGL B C   1 
HETATM 540 O O   . DGL B 2 23 ? -5.174  -0.645  -11.912 1.00 19.48 ? 23  DGL B O   1 
HETATM 541 C CB  . DGL B 2 23 ? -4.111  0.447   -8.985  1.00 14.93 ? 23  DGL B CB  1 
HETATM 542 C CG  . DGL B 2 23 ? -3.611  1.511   -9.959  1.00 17.96 ? 23  DGL B CG  1 
HETATM 543 C CD  . DGL B 2 23 ? -2.423  1.062   -10.789 1.00 24.00 ? 23  DGL B CD  1 
HETATM 544 O OE1 . DGL B 2 23 ? -2.363  1.444   -11.977 1.00 29.58 ? 23  DGL B OE1 1 
HETATM 545 O OE2 . DGL B 2 23 ? -1.547  0.329   -10.277 1.00 26.83 ? 23  DGL B OE2 1 
HETATM 546 N N   . DSG B 2 24 ? -6.725  -0.938  -10.318 1.00 19.60 ? 24  DSG B N   1 
HETATM 547 C CA  . DSG B 2 24 ? -7.833  -0.858  -11.263 1.00 20.52 ? 24  DSG B CA  1 
HETATM 548 C C   . DSG B 2 24 ? -7.819  -1.977  -12.285 1.00 22.64 ? 24  DSG B C   1 
HETATM 549 O O   . DSG B 2 24 ? -8.385  -1.819  -13.359 1.00 20.87 ? 24  DSG B O   1 
HETATM 550 C CB  . DSG B 2 24 ? -9.184  -0.789  -10.539 1.00 22.25 ? 24  DSG B CB  1 
HETATM 551 C CG  . DSG B 2 24 ? -9.531  0.630   -10.111 1.00 21.17 ? 24  DSG B CG  1 
HETATM 552 O OD1 . DSG B 2 24 ? -8.994  1.589   -10.655 1.00 24.15 ? 24  DSG B OD1 1 
HETATM 553 N ND2 . DSG B 2 24 ? -10.410 0.768   -9.136  1.00 19.02 ? 24  DSG B ND2 1 
HETATM 554 N N   . DLY B 2 25 ? -7.166  -3.095  -11.951 1.00 21.95 ? 25  DLY B N   1 
HETATM 555 C CA  . DLY B 2 25 ? -7.059  -4.235  -12.860 1.00 21.82 ? 25  DLY B CA  1 
HETATM 556 C C   . DLY B 2 25 ? -5.970  -3.944  -13.892 1.00 24.48 ? 25  DLY B C   1 
HETATM 557 O O   . DLY B 2 25 ? -5.987  -4.499  -14.992 1.00 25.48 ? 25  DLY B O   1 
HETATM 558 C CB  . DLY B 2 25 ? -6.712  -5.517  -12.108 1.00 22.52 ? 25  DLY B CB  1 
HETATM 559 C CG  . DLY B 2 25 ? -7.714  -5.966  -11.062 1.00 24.05 ? 25  DLY B CG  1 
HETATM 560 C CD  . DLY B 2 25 ? -7.182  -7.202  -10.348 1.00 27.00 ? 25  DLY B CD  1 
HETATM 561 C CE  . DLY B 2 25 ? -8.077  -7.612  -9.203  1.00 30.58 ? 25  DLY B CE  1 
HETATM 562 N NZ  . DLY B 2 25 ? -7.603  -8.854  -8.544  1.00 33.91 ? 25  DLY B NZ  1 
HETATM 563 N N   . DIL B 2 26 ? -5.017  -3.088  -13.530 1.00 27.49 ? 26  DIL B N   1 
HETATM 564 C CA  . DIL B 2 26 ? -3.936  -2.705  -14.439 1.00 30.89 ? 26  DIL B CA  1 
HETATM 565 C C   . DIL B 2 26 ? -4.444  -1.553  -15.326 1.00 33.22 ? 26  DIL B C   1 
HETATM 566 O O   . DIL B 2 26 ? -4.092  -1.449  -16.498 1.00 34.55 ? 26  DIL B O   1 
HETATM 567 C CB  . DIL B 2 26 ? -2.673  -2.267  -13.651 1.00 32.61 ? 26  DIL B CB  1 
HETATM 568 C CG1 . DIL B 2 26 ? -2.229  -3.396  -12.708 1.00 33.12 ? 26  DIL B CG1 1 
HETATM 569 C CG2 . DIL B 2 26 ? -1.553  -1.859  -14.615 1.00 34.04 ? 26  DIL B CG2 1 
HETATM 570 C CD1 . DIL B 2 26 ? -1.051  -3.046  -11.818 1.00 31.14 ? 26  DIL B CD1 1 
ATOM   571 N N   . GLY B 2 27 ? -5.255  -0.675  -14.748 1.00 34.11 ? 27  GLY B N   1 
ATOM   572 C CA  . GLY B 2 27 ? -5.830  0.420   -15.507 1.00 34.30 ? 27  GLY B CA  1 
ATOM   573 C C   . GLY B 2 27 ? -4.938  1.570   -15.909 1.00 35.50 ? 27  GLY B C   1 
ATOM   574 O O   . GLY B 2 27 ? -5.385  2.483   -16.598 1.00 36.23 ? 27  GLY B O   1 
HETATM 575 N N   . DGN B 2 28 ? -3.696  1.561   -15.448 1.00 35.64 ? 28  DGN B N   1 
HETATM 576 C CA  . DGN B 2 28 ? -2.767  2.619   -15.781 1.00 38.23 ? 28  DGN B CA  1 
HETATM 577 C C   . DGN B 2 28 ? -3.286  4.027   -15.483 1.00 38.88 ? 28  DGN B C   1 
HETATM 578 O O   . DGN B 2 28 ? -3.010  4.957   -16.243 1.00 41.94 ? 28  DGN B O   1 
HETATM 579 C CB  . DGN B 2 28 ? -1.443  2.401   -15.063 1.00 42.41 ? 28  DGN B CB  1 
HETATM 580 C CG  . DGN B 2 28 ? -0.398  3.431   -15.420 1.00 48.66 ? 28  DGN B CG  1 
HETATM 581 C CD  . DGN B 2 28 ? 0.969   3.071   -14.902 1.00 53.37 ? 28  DGN B CD  1 
HETATM 582 O OE1 . DGN B 2 28 ? 1.350   1.896   -14.875 1.00 56.48 ? 28  DGN B OE1 1 
HETATM 583 N NE2 . DGN B 2 28 ? 1.725   4.081   -14.482 1.00 58.72 ? 28  DGN B NE2 1 
HETATM 584 N N   . DTY B 2 29 ? -4.030  4.196   -14.394 1.00 36.55 ? 29  DTY B N   1 
HETATM 585 C CA  . DTY B 2 29 ? -4.538  5.520   -14.045 1.00 35.22 ? 29  DTY B CA  1 
HETATM 586 C C   . DTY B 2 29 ? -6.050  5.609   -14.215 1.00 35.68 ? 29  DTY B C   1 
HETATM 587 O O   . DTY B 2 29 ? -6.716  6.406   -13.551 1.00 37.58 ? 29  DTY B O   1 
HETATM 588 C CB  . DTY B 2 29 ? -4.122  5.895   -12.617 1.00 31.64 ? 29  DTY B CB  1 
HETATM 589 C CG  . DTY B 2 29 ? -2.623  5.970   -12.443 1.00 30.10 ? 29  DTY B CG  1 
HETATM 590 C CD1 . DTY B 2 29 ? -1.908  7.078   -12.893 1.00 28.14 ? 29  DTY B CD1 1 
HETATM 591 C CD2 . DTY B 2 29 ? -1.909  4.903   -11.911 1.00 29.52 ? 29  DTY B CD2 1 
HETATM 592 C CE1 . DTY B 2 29 ? -0.530  7.118   -12.832 1.00 28.59 ? 29  DTY B CE1 1 
HETATM 593 C CE2 . DTY B 2 29 ? -0.521  4.934   -11.841 1.00 28.94 ? 29  DTY B CE2 1 
HETATM 594 C CZ  . DTY B 2 29 ? 0.163   6.045   -12.308 1.00 31.68 ? 29  DTY B CZ  1 
HETATM 595 O OH  . DTY B 2 29 ? 1.542   6.081   -12.275 1.00 30.69 ? 29  DTY B OH  1 
ATOM   596 N N   . GLY B 2 30 ? -6.586  4.788   -15.111 1.00 34.47 ? 30  GLY B N   1 
ATOM   597 C CA  . GLY B 2 30 ? -8.017  4.794   -15.362 1.00 34.01 ? 30  GLY B CA  1 
ATOM   598 C C   . GLY B 2 30 ? -8.757  4.080   -14.264 1.00 32.35 ? 30  GLY B C   1 
ATOM   599 O O   . GLY B 2 30 ? -8.186  3.218   -13.595 1.00 35.70 ? 30  GLY B O   1 
HETATM 600 N N   . DAR B 2 31 ? -10.028 4.399   -14.083 1.00 30.12 ? 31  DAR B N   1 
HETATM 601 C CA  . DAR B 2 31 ? -10.793 3.760   -13.026 1.00 30.02 ? 31  DAR B CA  1 
HETATM 602 C CB  . DAR B 2 31 ? -12.253 3.564   -13.445 1.00 34.34 ? 31  DAR B CB  1 
HETATM 603 C CG  . DAR B 2 31 ? -13.050 2.740   -12.446 1.00 40.21 ? 31  DAR B CG  1 
HETATM 604 C CD  . DAR B 2 31 ? -14.142 1.954   -13.115 1.00 42.87 ? 31  DAR B CD  1 
HETATM 605 N NE  . DAR B 2 31 ? -15.181 2.813   -13.658 1.00 51.86 ? 31  DAR B NE  1 
HETATM 606 C CZ  . DAR B 2 31 ? -16.430 2.860   -13.200 1.00 54.22 ? 31  DAR B CZ  1 
HETATM 607 N NH1 . DAR B 2 31 ? -17.306 3.672   -13.774 1.00 54.41 ? 31  DAR B NH1 1 
HETATM 608 N NH2 . DAR B 2 31 ? -16.805 2.101   -12.172 1.00 54.96 ? 31  DAR B NH2 1 
HETATM 609 C C   . DAR B 2 31 ? -10.698 4.648   -11.794 1.00 28.32 ? 31  DAR B C   1 
HETATM 610 O O   . DAR B 2 31 ? -11.188 5.774   -11.801 1.00 30.06 ? 31  DAR B O   1 
HETATM 611 N N   . DLE B 2 32 ? -10.023 4.166   -10.756 1.00 23.66 ? 32  DLE B N   1 
HETATM 612 C CA  . DLE B 2 32 ? -9.857  4.955   -9.539  1.00 23.46 ? 32  DLE B CA  1 
HETATM 613 C CB  . DLE B 2 32 ? -8.462  4.739   -8.953  1.00 21.79 ? 32  DLE B CB  1 
HETATM 614 C CG  . DLE B 2 32 ? -7.238  5.157   -9.758  1.00 23.62 ? 32  DLE B CG  1 
HETATM 615 C CD1 . DLE B 2 32 ? -5.991  4.596   -9.088  1.00 26.34 ? 32  DLE B CD1 1 
HETATM 616 C CD2 . DLE B 2 32 ? -7.167  6.677   -9.859  1.00 25.18 ? 32  DLE B CD2 1 
HETATM 617 C C   . DLE B 2 32 ? -10.886 4.603   -8.481  1.00 22.21 ? 32  DLE B C   1 
HETATM 618 O O   . DLE B 2 32 ? -11.445 3.507   -8.475  1.00 23.93 ? 32  DLE B O   1 
HETATM 619 N N   . DTH B 2 33 ? -11.094 5.538   -7.566  1.00 22.98 ? 33  DTH B N   1 
HETATM 620 C CA  . DTH B 2 33 ? -12.010 5.368   -6.450  1.00 22.09 ? 33  DTH B CA  1 
HETATM 621 C CB  . DTH B 2 33 ? -13.120 6.410   -6.512  1.00 20.75 ? 33  DTH B CB  1 
HETATM 622 C CG2 . DTH B 2 33 ? -14.023 6.279   -5.334  1.00 22.27 ? 33  DTH B CG2 1 
HETATM 623 O OG1 . DTH B 2 33 ? -13.866 6.231   -7.719  1.00 24.73 ? 33  DTH B OG1 1 
HETATM 624 C C   . DTH B 2 33 ? -11.195 5.584   -5.170  1.00 23.29 ? 33  DTH B C   1 
HETATM 625 O O   . DTH B 2 33 ? -10.622 6.665   -4.974  1.00 21.41 ? 33  DTH B O   1 
HETATM 626 N N   . DPN B 2 34 ? -11.088 4.549   -4.336  1.00 19.85 ? 34  DPN B N   1 
HETATM 627 C CA  . DPN B 2 34 ? -10.331 4.664   -3.099  1.00 19.52 ? 34  DPN B CA  1 
HETATM 628 C C   . DPN B 2 34 ? -10.936 5.698   -2.170  1.00 20.43 ? 34  DPN B C   1 
HETATM 629 O O   . DPN B 2 34 ? -12.133 5.666   -1.900  1.00 19.65 ? 34  DPN B O   1 
HETATM 630 C CB  . DPN B 2 34 ? -10.252 3.326   -2.360  1.00 17.71 ? 34  DPN B CB  1 
HETATM 631 C CG  . DPN B 2 34 ? -9.651  3.426   -0.969  1.00 18.91 ? 34  DPN B CG  1 
HETATM 632 C CD1 . DPN B 2 34 ? -10.440 3.267   0.156   1.00 19.56 ? 34  DPN B CD1 1 
HETATM 633 C CD2 . DPN B 2 34 ? -8.301  3.697   -0.790  1.00 18.07 ? 34  DPN B CD2 1 
HETATM 634 C CE1 . DPN B 2 34 ? -9.886  3.379   1.431   1.00 21.09 ? 34  DPN B CE1 1 
HETATM 635 C CE2 . DPN B 2 34 ? -7.751  3.809   0.471   1.00 15.22 ? 34  DPN B CE2 1 
HETATM 636 C CZ  . DPN B 2 34 ? -8.544  3.650   1.581   1.00 16.17 ? 34  DPN B CZ  1 
HETATM 637 N N   . DSG B 2 35 ? -10.096 6.605   -1.680  1.00 18.14 ? 35  DSG B N   1 
HETATM 638 C CA  . DSG B 2 35 ? -10.531 7.632   -0.754  1.00 18.99 ? 35  DSG B CA  1 
HETATM 639 C C   . DSG B 2 35 ? -10.046 7.269   0.661   1.00 20.78 ? 35  DSG B C   1 
HETATM 640 O O   . DSG B 2 35 ? -10.853 6.970   1.542   1.00 22.07 ? 35  DSG B O   1 
HETATM 641 C CB  . DSG B 2 35 ? -9.987  9.006   -1.164  1.00 19.10 ? 35  DSG B CB  1 
HETATM 642 C CG  . DSG B 2 35 ? -10.462 9.453   -2.545  1.00 21.60 ? 35  DSG B CG  1 
HETATM 643 O OD1 . DSG B 2 35 ? -9.659  9.893   -3.371  1.00 21.70 ? 35  DSG B OD1 1 
HETATM 644 N ND2 . DSG B 2 35 ? -11.756 9.357   -2.795  1.00 22.06 ? 35  DSG B ND2 1 
HETATM 645 N N   . DLY B 2 36 ? -8.729  7.266   0.871   1.00 20.80 ? 36  DLY B N   1 
HETATM 646 C CA  . DLY B 2 36 ? -8.167  6.945   2.172   1.00 18.47 ? 36  DLY B CA  1 
HETATM 647 C C   . DLY B 2 36 ? -6.645  6.886   2.141   1.00 17.48 ? 36  DLY B C   1 
HETATM 648 O O   . DLY B 2 36 ? -6.021  7.338   1.182   1.00 17.86 ? 36  DLY B O   1 
HETATM 649 C CB  . DLY B 2 36 ? -8.571  8.002   3.200   1.00 22.38 ? 36  DLY B CB  1 
HETATM 650 C CG  . DLY B 2 36 ? -7.919  9.347   2.971   1.00 26.87 ? 36  DLY B CG  1 
HETATM 651 C CD  . DLY B 2 36 ? -8.350  10.294  4.068   1.00 36.82 ? 36  DLY B CD  1 
HETATM 652 C CE  . DLY B 2 36 ? -8.018  11.730  3.744   1.00 41.35 ? 36  DLY B CE  1 
HETATM 653 N NZ  . DLY B 2 36 ? -8.650  12.627  4.751   1.00 47.35 ? 36  DLY B NZ  1 
HETATM 654 N N   . DVA B 2 37 ? -6.071  6.276   3.174   1.00 17.32 ? 37  DVA B N   1 
HETATM 655 C CA  . DVA B 2 37 ? -4.626  6.185   3.350   1.00 18.20 ? 37  DVA B CA  1 
HETATM 656 C CB  . DVA B 2 37 ? -4.205  4.809   3.884   1.00 15.53 ? 37  DVA B CB  1 
HETATM 657 C CG1 . DVA B 2 37 ? -2.713  4.781   4.111   1.00 15.80 ? 37  DVA B CG1 1 
HETATM 658 C CG2 . DVA B 2 37 ? -4.590  3.731   2.904   1.00 14.55 ? 37  DVA B CG2 1 
HETATM 659 C C   . DVA B 2 37 ? -4.262  7.253   4.397   1.00 20.50 ? 37  DVA B C   1 
HETATM 660 O O   . DVA B 2 37 ? -4.929  7.372   5.433   1.00 21.12 ? 37  DVA B O   1 
HETATM 661 N N   . DIL B 2 38 ? -3.249  8.057   4.098   1.00 18.03 ? 38  DIL B N   1 
HETATM 662 C CA  . DIL B 2 38 ? -2.801  9.098   5.017   1.00 19.68 ? 38  DIL B CA  1 
HETATM 663 C C   . DIL B 2 38 ? -1.430  8.738   5.585   1.00 20.48 ? 38  DIL B C   1 
HETATM 664 O O   . DIL B 2 38 ? -0.783  7.802   5.125   1.00 20.85 ? 38  DIL B O   1 
HETATM 665 C CB  . DIL B 2 38 ? -2.688  10.458  4.305   1.00 20.46 ? 38  DIL B CB  1 
HETATM 666 C CG1 . DIL B 2 38 ? -1.603  10.392  3.222   1.00 20.82 ? 38  DIL B CG1 1 
HETATM 667 C CG2 . DIL B 2 38 ? -4.038  10.865  3.735   1.00 16.52 ? 38  DIL B CG2 1 
HETATM 668 C CD1 . DIL B 2 38 ? -1.158  11.738  2.737   1.00 21.30 ? 38  DIL B CD1 1 
HETATM 669 N N   . DAR B 2 39 ? -0.992  9.474   6.595   1.00 19.18 ? 39  DAR B N   1 
HETATM 670 C CA  . DAR B 2 39 ? 0.304   9.231   7.207   1.00 19.86 ? 39  DAR B CA  1 
HETATM 671 C CB  . DAR B 2 39 ? 0.383   9.942   8.549   1.00 22.83 ? 39  DAR B CB  1 
HETATM 672 C CG  . DAR B 2 39 ? -0.719  9.575   9.495   1.00 24.00 ? 39  DAR B CG  1 
HETATM 673 C CD  . DAR B 2 39 ? -0.571  10.334  10.781  1.00 29.02 ? 39  DAR B CD  1 
HETATM 674 N NE  . DAR B 2 39 ? -1.655  10.035  11.705  1.00 34.68 ? 39  DAR B NE  1 
HETATM 675 C CZ  . DAR B 2 39 ? -1.592  9.120   12.663  1.00 36.31 ? 39  DAR B CZ  1 
HETATM 676 N NH1 . DAR B 2 39 ? -2.641  8.930   13.447  1.00 38.13 ? 39  DAR B NH1 1 
HETATM 677 N NH2 . DAR B 2 39 ? -0.485  8.409   12.844  1.00 37.54 ? 39  DAR B NH2 1 
HETATM 678 C C   . DAR B 2 39 ? 1.371   9.795   6.293   1.00 20.43 ? 39  DAR B C   1 
HETATM 679 O O   . DAR B 2 39 ? 1.099   10.712  5.534   1.00 23.02 ? 39  DAR B O   1 
HETATM 680 N N   . DPR B 2 40 ? 2.598   9.257   6.346   1.00 20.15 ? 40  DPR B N   1 
HETATM 681 C CA  . DPR B 2 40 ? 3.007   8.160   7.213   1.00 21.38 ? 40  DPR B CA  1 
HETATM 682 C CB  . DPR B 2 40 ? 4.473   8.485   7.467   1.00 21.67 ? 40  DPR B CB  1 
HETATM 683 C CG  . DPR B 2 40 ? 4.923   8.913   6.126   1.00 20.02 ? 40  DPR B CG  1 
HETATM 684 C CD  . DPR B 2 40 ? 3.771   9.806   5.642   1.00 20.50 ? 40  DPR B CD  1 
HETATM 685 C C   . DPR B 2 40 ? 2.882   6.838   6.450   1.00 20.63 ? 40  DPR B C   1 
HETATM 686 O O   . DPR B 2 40 ? 2.942   6.820   5.219   1.00 19.15 ? 40  DPR B O   1 
HETATM 687 N N   . DCY B 2 41 ? 2.620   5.760   7.177   1.00 19.61 ? 41  DCY B N   1 
HETATM 688 C CA  . DCY B 2 41 ? 2.545   4.447   6.573   1.00 19.73 ? 41  DCY B CA  1 
HETATM 689 C C   . DCY B 2 41 ? 3.746   3.741   7.147   1.00 18.15 ? 41  DCY B C   1 
HETATM 690 O O   . DCY B 2 41 ? 3.971   3.806   8.354   1.00 20.38 ? 41  DCY B O   1 
HETATM 691 C CB  . DCY B 2 41 ? 1.275   3.703   6.973   1.00 19.37 ? 41  DCY B CB  1 
HETATM 692 S SG  . DCY B 2 41 ? 1.246   2.004   6.325   1.00 23.80 ? 41  DCY B SG  1 
HETATM 693 N N   . MED B 2 42 ? 4.514   3.078   6.293   1.00 16.31 ? 42  MED B N   1 
HETATM 694 C CA  . MED B 2 42 ? 5.709   2.371   6.733   1.00 19.73 ? 42  MED B CA  1 
HETATM 695 C C   . MED B 2 42 ? 5.568   0.875   6.571   1.00 18.66 ? 42  MED B C   1 
HETATM 696 O O   . MED B 2 42 ? 4.913   0.406   5.650   1.00 18.99 ? 42  MED B O   1 
HETATM 697 C CB  . MED B 2 42 ? 6.924   2.865   5.957   1.00 22.17 ? 42  MED B CB  1 
HETATM 698 C CG  . MED B 2 42 ? 7.011   4.371   5.944   1.00 35.78 ? 42  MED B CG  1 
HETATM 699 S SD  . MED B 2 42 ? 8.684   4.892   6.031   1.00 46.25 ? 42  MED B SD  1 
HETATM 700 C CE  . MED B 2 42 ? 8.978   4.713   7.813   1.00 46.95 ? 42  MED B CE  1 
HETATM 701 N N   . DLY B 2 43 ? 6.207   0.126   7.453   1.00 19.67 ? 43  DLY B N   1 
HETATM 702 C CA  . DLY B 2 43 ? 6.133   -1.323  7.407   1.00 20.12 ? 43  DLY B CA  1 
HETATM 703 C C   . DLY B 2 43 ? 7.519   -1.880  7.626   1.00 21.39 ? 43  DLY B C   1 
HETATM 704 O O   . DLY B 2 43 ? 8.263   -1.404  8.487   1.00 20.34 ? 43  DLY B O   1 
HETATM 705 C CB  . DLY B 2 43 ? 5.196   -1.825  8.507   1.00 23.07 ? 43  DLY B CB  1 
HETATM 706 C CG  . DLY B 2 43 ? 5.152   -3.339  8.640   1.00 25.79 ? 43  DLY B CG  1 
HETATM 707 C CD  . DLY B 2 43 ? 4.313   -3.769  9.818   1.00 28.93 ? 43  DLY B CD  1 
HETATM 708 C CE  . DLY B 2 43 ? 4.392   -5.279  10.041  1.00 32.70 ? 43  DLY B CE  1 
HETATM 709 N NZ  . DLY B 2 43 ? 3.607   -5.697  11.246  1.00 34.77 ? 43  DLY B NZ  1 
HETATM 710 N N   . DLY B 2 44 ? 7.858   -2.902  6.853   1.00 23.91 ? 44  DLY B N   1 
HETATM 711 C CA  . DLY B 2 44 ? 9.150   -3.561  6.933   1.00 23.92 ? 44  DLY B CA  1 
HETATM 712 C C   . DLY B 2 44 ? 8.886   -5.056  7.054   1.00 23.54 ? 44  DLY B C   1 
HETATM 713 O O   . DLY B 2 44 ? 7.902   -5.558  6.532   1.00 21.01 ? 44  DLY B O   1 
HETATM 714 C CB  . DLY B 2 44 ? 9.911   -3.282  5.636   1.00 26.19 ? 44  DLY B CB  1 
HETATM 715 C CG  . DLY B 2 44 ? 11.225  -3.983  5.445   1.00 32.33 ? 44  DLY B CG  1 
HETATM 716 C CD  . DLY B 2 44 ? 11.507  -4.078  3.942   1.00 37.09 ? 44  DLY B CD  1 
HETATM 717 C CE  . DLY B 2 44 ? 12.973  -3.817  3.597   1.00 42.87 ? 44  DLY B CE  1 
HETATM 718 N NZ  . DLY B 2 44 ? 13.899  -4.880  4.087   1.00 47.27 ? 44  DLY B NZ  1 
HETATM 719 N N   . DTH B 2 45 ? 9.750   -5.747  7.786   1.00 28.83 ? 45  DTH B N   1 
HETATM 720 C CA  . DTH B 2 45 ? 9.678   -7.192  7.967   1.00 30.53 ? 45  DTH B CA  1 
HETATM 721 C CB  . DTH B 2 45 ? 9.851   -7.565  9.451   1.00 32.87 ? 45  DTH B CB  1 
HETATM 722 C CG2 . DTH B 2 45 ? 9.774   -9.073  9.636   1.00 35.08 ? 45  DTH B CG2 1 
HETATM 723 O OG1 . DTH B 2 45 ? 8.806   -6.947  10.216  1.00 31.57 ? 45  DTH B OG1 1 
HETATM 724 C C   . DTH B 2 45 ? 10.821  -7.800  7.149   1.00 31.79 ? 45  DTH B C   1 
HETATM 725 O O   . DTH B 2 45 ? 11.975  -7.366  7.264   1.00 29.61 ? 45  DTH B O   1 
HETATM 726 N N   . DIL B 2 46 ? 10.463  -8.718  6.255   1.00 33.74 ? 46  DIL B N   1 
HETATM 727 C CA  . DIL B 2 46 ? 11.404  -9.425  5.374   1.00 36.28 ? 46  DIL B CA  1 
HETATM 728 C C   . DIL B 2 46 ? 11.636  -10.814 5.968   1.00 39.51 ? 46  DIL B C   1 
HETATM 729 O O   . DIL B 2 46 ? 10.678  -11.475 6.390   1.00 38.61 ? 46  DIL B O   1 
HETATM 730 C CB  . DIL B 2 46 ? 10.795  -9.624  3.967   1.00 37.13 ? 46  DIL B CB  1 
HETATM 731 C CG1 . DIL B 2 46 ? 10.284  -8.291  3.399   1.00 33.56 ? 46  DIL B CG1 1 
HETATM 732 C CG2 . DIL B 2 46 ? 11.813  -10.295 3.025   1.00 36.51 ? 46  DIL B CG2 1 
HETATM 733 C CD1 . DIL B 2 46 ? 11.366  -7.350  2.986   1.00 34.26 ? 46  DIL B CD1 1 
HETATM 734 N N   . DTY B 2 47 ? 12.891  -11.260 5.997   1.00 44.64 ? 47  DTY B N   1 
HETATM 735 C CA  . DTY B 2 47 ? 13.233  -12.574 6.560   1.00 48.05 ? 47  DTY B CA  1 
HETATM 736 C C   . DTY B 2 47 ? 13.768  -13.577 5.549   1.00 50.77 ? 47  DTY B C   1 
HETATM 737 O O   . DTY B 2 47 ? 14.058  -13.240 4.396   1.00 50.92 ? 47  DTY B O   1 
HETATM 738 C CB  . DTY B 2 47 ? 14.247  -12.441 7.708   1.00 45.95 ? 47  DTY B CB  1 
HETATM 739 C CG  . DTY B 2 47 ? 13.691  -11.793 8.956   1.00 47.32 ? 47  DTY B CG  1 
HETATM 740 C CD1 . DTY B 2 47 ? 13.775  -10.413 9.144   1.00 49.34 ? 47  DTY B CD1 1 
HETATM 741 C CD2 . DTY B 2 47 ? 13.058  -12.549 9.935   1.00 45.84 ? 47  DTY B CD2 1 
HETATM 742 C CE1 . DTY B 2 47 ? 13.240  -9.807  10.268  1.00 47.28 ? 47  DTY B CE1 1 
HETATM 743 C CE2 . DTY B 2 47 ? 12.520  -11.953 11.061  1.00 46.38 ? 47  DTY B CE2 1 
HETATM 744 C CZ  . DTY B 2 47 ? 12.613  -10.579 11.220  1.00 47.60 ? 47  DTY B CZ  1 
HETATM 745 O OH  . DTY B 2 47 ? 12.069  -9.963  12.328  1.00 49.98 ? 47  DTY B OH  1 
HETATM 746 N N   . DGL B 2 48 ? 13.941  -14.805 6.029   1.00 56.44 ? 48  DGL B N   1 
HETATM 747 C CA  . DGL B 2 48 ? 14.456  -15.928 5.256   1.00 60.48 ? 48  DGL B CA  1 
HETATM 748 C C   . DGL B 2 48 ? 13.788  -16.199 3.920   1.00 61.57 ? 48  DGL B C   1 
HETATM 749 O O   . DGL B 2 48 ? 13.165  -17.250 3.748   1.00 62.46 ? 48  DGL B O   1 
HETATM 750 C CB  . DGL B 2 48 ? 15.973  -15.802 5.100   1.00 61.91 ? 48  DGL B CB  1 
HETATM 751 C CG  . DGL B 2 48 ? 16.763  -16.395 6.276   1.00 67.01 ? 48  DGL B CG  1 
HETATM 752 C CD  . DGL B 2 48 ? 16.280  -15.922 7.644   1.00 67.91 ? 48  DGL B CD  1 
HETATM 753 O OE1 . DGL B 2 48 ? 16.955  -15.061 8.255   1.00 68.64 ? 48  DGL B OE1 1 
HETATM 754 O OE2 . DGL B 2 48 ? 15.236  -16.429 8.116   1.00 66.49 ? 48  DGL B OE2 1 
HETATM 755 O O   . HOH C 3 .  ? 1.338   -11.873 6.890   1.00 28.02 ? 95  HOH A O   1 
HETATM 756 O O   . HOH C 3 .  ? 4.650   5.632   3.374   1.00 25.40 ? 96  HOH A O   1 
HETATM 757 O O   . HOH C 3 .  ? -0.451  -19.931 7.959   1.00 21.98 ? 97  HOH A O   1 
HETATM 758 O O   . HOH C 3 .  ? -7.114  16.800  -4.303  1.00 26.80 ? 98  HOH A O   1 
HETATM 759 O O   . HOH C 3 .  ? 3.046   -11.130 -1.041  1.00 25.62 ? 99  HOH A O   1 
HETATM 760 O O   . HOH C 3 .  ? -3.787  17.548  -1.408  1.00 68.08 ? 100 HOH A O   1 
HETATM 761 O O   . HOH C 3 .  ? 6.985   -9.663  1.517   1.00 24.72 ? 101 HOH A O   1 
HETATM 762 O O   . HOH C 3 .  ? 1.213   -11.324 11.780  1.00 43.75 ? 102 HOH A O   1 
HETATM 763 O O   . HOH C 3 .  ? 6.602   -4.199  -9.479  1.00 24.77 ? 103 HOH A O   1 
HETATM 764 O O   . HOH C 3 .  ? 0.917   -4.950  9.918   1.00 58.67 ? 104 HOH A O   1 
HETATM 765 O O   . HOH C 3 .  ? -0.034  15.542  -5.148  1.00 36.18 ? 105 HOH A O   1 
HETATM 766 O O   . HOH C 3 .  ? 12.383  -5.581  -0.868  1.00 49.81 ? 106 HOH A O   1 
HETATM 767 O O   . HOH C 3 .  ? -4.883  -12.134 1.527   1.00 58.39 ? 107 HOH A O   1 
HETATM 768 O O   . HOH C 3 .  ? 14.827  -19.509 -3.899  1.00 45.92 ? 108 HOH A O   1 
HETATM 769 O O   . HOH C 3 .  ? -1.984  15.427  1.862   1.00 47.22 ? 109 HOH A O   1 
HETATM 770 O O   . HOH C 3 .  ? 6.127   12.192  -1.819  1.00 26.77 ? 110 HOH A O   1 
HETATM 771 O O   . HOH C 3 .  ? 7.254   10.483  -3.698  1.00 30.18 ? 111 HOH A O   1 
HETATM 772 O O   . HOH C 3 .  ? 11.724  -2.549  -0.346  1.00 41.36 ? 112 HOH A O   1 
HETATM 773 O O   . HOH C 3 .  ? 7.385   14.494  -0.596  1.00 38.96 ? 113 HOH A O   1 
HETATM 774 O O   . HOH C 3 .  ? 8.538   -8.584  -0.661  1.00 34.25 ? 114 HOH A O   1 
HETATM 775 O O   . HOH C 3 .  ? 5.413   -11.675 0.152   1.00 37.10 ? 115 HOH A O   1 
HETATM 776 O O   . HOH C 3 .  ? 7.006   6.378   2.339   1.00 43.64 ? 116 HOH A O   1 
HETATM 777 O O   . HOH C 3 .  ? -4.133  -11.550 -1.576  1.00 45.03 ? 117 HOH A O   1 
HETATM 778 O O   . HOH C 3 .  ? -12.610 13.737  -8.185  1.00 63.12 ? 118 HOH A O   1 
HETATM 779 O O   . HOH C 3 .  ? 4.920   -9.886  -4.129  1.00 53.63 ? 119 HOH A O   1 
HETATM 780 O O   . HOH C 3 .  ? 7.053   -13.653 0.903   1.00 49.27 ? 120 HOH A O   1 
HETATM 781 O O   . HOH C 3 .  ? 4.773   8.154   -11.626 1.00 54.86 ? 121 HOH A O   1 
HETATM 782 O O   . HOH C 3 .  ? 5.822   -12.381 10.933  1.00 69.61 ? 122 HOH A O   1 
HETATM 783 O O   . HOH C 3 .  ? 7.057   -9.831  -2.730  1.00 41.60 ? 123 HOH A O   1 
HETATM 784 O O   . HOH C 3 .  ? 8.071   8.433   0.035   1.00 54.60 ? 124 HOH A O   1 
HETATM 785 O O   . HOH C 3 .  ? 1.477   10.375  -13.763 1.00 50.10 ? 125 HOH A O   1 
HETATM 786 O O   . HOH C 3 .  ? 5.845   -11.709 -9.735  1.00 49.93 ? 126 HOH A O   1 
HETATM 787 O O   . HOH C 3 .  ? -4.217  16.039  -4.231  0.50 40.19 ? 127 HOH A O   1 
HETATM 788 O O   . HOH C 3 .  ? 9.367   -0.487  -0.402  1.00 52.70 ? 128 HOH A O   1 
HETATM 789 O O   . HOH D 3 .  ? -6.805  -7.097  0.927   1.00 45.45 ? 49  HOH B O   1 
HETATM 790 O O   . HOH D 3 .  ? 0.581   5.645   4.169   1.00 15.30 ? 50  HOH B O   1 
HETATM 791 O O   . HOH D 3 .  ? -1.250  -7.690  -6.932  1.00 21.18 ? 51  HOH B O   1 
HETATM 792 O O   . HOH D 3 .  ? -11.559 -1.488  -8.039  1.00 39.81 ? 52  HOH B O   1 
HETATM 793 O O   . HOH D 3 .  ? 1.677   6.520   9.789   1.00 24.80 ? 53  HOH B O   1 
HETATM 794 O O   . HOH D 3 .  ? -3.390  -6.099  -10.198 1.00 26.45 ? 54  HOH B O   1 
HETATM 795 O O   . HOH D 3 .  ? -12.369 2.116   -5.162  1.00 39.01 ? 55  HOH B O   1 
HETATM 796 O O   . HOH D 3 .  ? -5.772  2.171   -12.839 1.00 29.09 ? 56  HOH B O   1 
HETATM 797 O O   . HOH D 3 .  ? -13.372 -0.249  -16.019 1.00 34.64 ? 57  HOH B O   1 
HETATM 798 O O   . HOH D 3 .  ? -7.648  -7.351  -4.500  1.00 54.11 ? 58  HOH B O   1 
HETATM 799 O O   . HOH D 3 .  ? 10.183  -0.931  14.558  1.00 53.11 ? 59  HOH B O   1 
HETATM 800 O O   . HOH D 3 .  ? -5.569  -0.479  12.101  1.00 35.53 ? 60  HOH B O   1 
HETATM 801 O O   . HOH D 3 .  ? -3.061  11.532  7.820   1.00 32.86 ? 61  HOH B O   1 
HETATM 802 O O   . HOH D 3 .  ? -10.596 -3.771  -9.626  1.00 33.55 ? 62  HOH B O   1 
HETATM 803 O O   . HOH D 3 .  ? -1.092  -0.889  8.476   1.00 64.07 ? 63  HOH B O   1 
HETATM 804 O O   . HOH D 3 .  ? -0.820  -6.487  -9.960  1.00 50.57 ? 64  HOH B O   1 
HETATM 805 O O   . HOH D 3 .  ? -9.641  1.798   -16.594 1.00 38.92 ? 65  HOH B O   1 
HETATM 806 O O   . HOH D 3 .  ? -13.043 5.385   1.753   1.00 56.67 ? 66  HOH B O   1 
HETATM 807 O O   . HOH D 3 .  ? -10.951 -3.297  -12.736 1.00 40.96 ? 67  HOH B O   1 
HETATM 808 O O   . HOH D 3 .  ? -10.499 5.224   4.489   1.00 39.60 ? 68  HOH B O   1 
HETATM 809 O O   . HOH D 3 .  ? 0.544   13.333  5.724   1.00 34.64 ? 69  HOH B O   1 
HETATM 810 O O   . HOH D 3 .  ? -6.335  9.284   7.028   1.00 35.33 ? 70  HOH B O   1 
HETATM 811 O O   . HOH D 3 .  ? -9.182  -5.694  -2.477  1.00 40.33 ? 71  HOH B O   1 
HETATM 812 O O   . HOH D 3 .  ? -12.063 1.619   -17.342 1.00 41.70 ? 72  HOH B O   1 
HETATM 813 O O   . HOH D 3 .  ? -7.391  -2.511  12.123  1.00 64.40 ? 73  HOH B O   1 
HETATM 814 O O   . HOH D 3 .  ? -3.644  -4.239  -18.206 1.00 45.72 ? 74  HOH B O   1 
HETATM 815 O O   . HOH D 3 .  ? -3.335  0.513   11.491  1.00 52.63 ? 75  HOH B O   1 
HETATM 816 O O   . HOH D 3 .  ? 13.416  -1.360  1.828   1.00 52.40 ? 76  HOH B O   1 
HETATM 817 O O   . HOH D 3 .  ? -10.099 7.879   6.391   1.00 46.82 ? 77  HOH B O   1 
HETATM 818 O O   . HOH D 3 .  ? -14.119 -0.034  -11.061 1.00 46.67 ? 78  HOH B O   1 
HETATM 819 O O   . HOH D 3 .  ? -2.024  6.407   13.849  1.00 57.50 ? 79  HOH B O   1 
HETATM 820 O O   . HOH D 3 .  ? -11.159 -1.060  7.080   1.00 48.17 ? 80  HOH B O   1 
HETATM 821 O O   . HOH D 3 .  ? 4.863   0.832   14.881  1.00 53.81 ? 81  HOH B O   1 
HETATM 822 O O   . HOH D 3 .  ? -11.846 2.988   5.397   1.00 49.15 ? 82  HOH B O   1 
HETATM 823 O O   . HOH D 3 .  ? -11.490 1.882   8.297   1.00 47.18 ? 83  HOH B O   1 
HETATM 824 O O   . HOH D 3 .  ? -10.099 3.563   9.981   1.00 50.92 ? 84  HOH B O   1 
HETATM 825 O O   . HOH D 3 .  ? -8.745  -9.897  -2.621  1.00 73.14 ? 85  HOH B O   1 
HETATM 826 O O   . HOH D 3 .  ? -4.585  -9.762  -9.477  1.00 50.43 ? 86  HOH B O   1 
HETATM 827 O O   . HOH D 3 .  ? -13.584 3.876   -17.762 1.00 54.30 ? 87  HOH B O   1 
HETATM 828 O O   . HOH D 3 .  ? 13.821  -5.393  10.385  1.00 60.71 ? 88  HOH B O   1 
HETATM 829 O O   . HOH D 3 .  ? -9.244  0.577   -13.996 1.00 30.96 ? 89  HOH B O   1 
HETATM 830 O O   . HOH D 3 .  ? -2.590  0.547   -19.077 1.00 54.48 ? 90  HOH B O   1 
HETATM 831 O O   . HOH D 3 .  ? 11.369  -3.962  9.838   1.00 39.10 ? 91  HOH B O   1 
HETATM 832 O O   . HOH D 3 .  ? -1.772  13.346  6.654   1.00 50.91 ? 92  HOH B O   1 
HETATM 833 O O   . HOH D 3 .  ? -11.500 -0.580  -13.360 1.00 44.37 ? 93  HOH B O   1 
HETATM 834 O O   . HOH D 3 .  ? -9.499  11.094  8.018   1.00 51.13 ? 94  HOH B O   1 
HETATM 835 O O   . HOH D 3 .  ? -5.718  -10.271 -5.655  1.00 49.53 ? 95  HOH B O   1 
HETATM 836 O O   . HOH D 3 .  ? -8.994  8.114   -12.957 1.00 49.95 ? 96  HOH B O   1 
# 
